data_3DLH
#
_entry.id   3DLH
#
_cell.length_a   74.744
_cell.length_b   114.629
_cell.length_c   175.689
_cell.angle_alpha   90.00
_cell.angle_beta   90.00
_cell.angle_gamma   90.00
#
_symmetry.space_group_name_H-M   'P 21 21 21'
#
loop_
_entity.id
_entity.type
_entity.pdbx_description
1 polymer Argonaute
2 polymer "DNA (5'-D(DTP*DGP*DAP*DGP*DGP*DTP*DAP*DGP*DTP*DAP*DGP*DGP*DTP*DTP*DGP*DTP*DAP*DTP*DAP*DGP*DT)-3')"
3 non-polymer 'MAGNESIUM ION'
4 non-polymer 'TRIETHYLENE GLYCOL'
5 non-polymer 'PHOSPHATE ION'
6 non-polymer 'ACETIC ACID'
7 water water
#
loop_
_entity_poly.entity_id
_entity_poly.type
_entity_poly.pdbx_seq_one_letter_code
_entity_poly.pdbx_strand_id
1 'polypeptide(L)'
;MNHLGKTEVFLNRFALRPLNPEELRPWRLEVVLDPPPGREEVYPLLAQVARRAGGVTVRMGDGLASWSPPEVLVLEGTLA
RMGQTYAYRLYPKGRRPLDPKDPGERSVLSALARRLLQERLRRLEGVWVEGLAVYRREHARGPGWRVLGGAVLDLWVSDS
GAFLLEVDPAYRILCEMSLEAWLAQGHPLPKRVRNAYDRRTWELLRLGEEDPKELPLPGGLSLLDYHASKGRLQGREGGR
VAWVADPKDPRKPIPHLTGLLVPVLTLEDLHEEEGSLALSLPWEERRRRTREIASWIGRRLGLGTPEAVRAQAYRLSIPK
LMGRRAVSKPADALRVGFYRAQETALALLRLDGAQGWPEFLRRALLRAFGASGASLRLHTLHAHPSQGLAFREALRKAKE
EGVQAVLVLTPPMAWEDRNRLKALLLREGLPSQILNVPLREEERHRWENALLGLLAKAGLQVVALSGAYPAELAVGFDAG
GRESFRFGGAACAVGGDGGHLLWTLPEAQAGERIPQEVVWDLLEETLWAFRRKAGRLPSRVLLLRDGRVPQDEFALALEA
LAREGIAYDLVSVRKSGGGRVYPVQGRLADGLYVPLEDKTFLLLTVHRDFRGTPRPLKLVHEAGDTPLEALAHQIFHLTR
LYPASGFAFPRLPAPLHLADRLVKEVGRLGIRHLKEVDREKLFFV
;
A,B
2 'polydeoxyribonucleotide'
;(DT)(DG)(DA)(DG)(DG)(DT)(DA)(DG)(DT)(DA)(DG)(DG)(DT)(DT)(DG)(DT)(DA)(DT)(DA)(DG)
(DT)
;
X,Y
#
loop_
_chem_comp.id
_chem_comp.type
_chem_comp.name
_chem_comp.formula
ACY non-polymer 'ACETIC ACID' 'C2 H4 O2'
DA DNA linking 2'-DEOXYADENOSINE-5'-MONOPHOSPHATE 'C10 H14 N5 O6 P'
DG DNA linking 2'-DEOXYGUANOSINE-5'-MONOPHOSPHATE 'C10 H14 N5 O7 P'
DT DNA linking THYMIDINE-5'-MONOPHOSPHATE 'C10 H15 N2 O8 P'
MG non-polymer 'MAGNESIUM ION' 'Mg 2'
PGE non-polymer 'TRIETHYLENE GLYCOL' 'C6 H14 O4'
PO4 non-polymer 'PHOSPHATE ION' 'O4 P -3'
#
# COMPACT_ATOMS: atom_id res chain seq x y z
N HIS A 3 -11.53 22.77 10.72
CA HIS A 3 -11.78 24.19 10.36
C HIS A 3 -11.38 25.09 11.52
N LEU A 4 -10.52 26.08 11.24
CA LEU A 4 -10.06 26.99 12.30
C LEU A 4 -11.12 27.94 12.88
N GLY A 5 -11.19 27.95 14.21
CA GLY A 5 -12.08 28.81 15.00
C GLY A 5 -13.60 28.72 14.89
N LYS A 6 -14.20 27.57 15.16
CA LYS A 6 -15.65 27.45 15.04
C LYS A 6 -16.48 27.58 16.33
N THR A 7 -16.23 26.75 17.33
CA THR A 7 -17.04 26.83 18.56
C THR A 7 -16.34 26.74 19.92
N GLU A 8 -17.14 26.91 20.97
CA GLU A 8 -16.67 26.91 22.34
C GLU A 8 -17.60 25.98 23.12
N VAL A 9 -17.07 25.26 24.11
CA VAL A 9 -17.87 24.34 24.91
C VAL A 9 -17.53 24.31 26.38
N PHE A 10 -18.44 23.77 27.17
CA PHE A 10 -18.21 23.68 28.60
C PHE A 10 -17.56 22.37 28.98
N LEU A 11 -16.57 22.43 29.84
CA LEU A 11 -15.93 21.20 30.23
C LEU A 11 -16.56 20.71 31.52
N ASN A 12 -16.11 19.53 31.89
CA ASN A 12 -16.52 18.78 33.07
C ASN A 12 -15.72 19.39 34.24
N ARG A 13 -15.08 20.53 33.97
CA ARG A 13 -14.21 21.22 34.92
C ARG A 13 -14.74 22.52 35.51
N PHE A 14 -14.21 22.90 36.67
CA PHE A 14 -14.63 24.14 37.33
C PHE A 14 -13.47 24.78 38.02
N ALA A 15 -13.22 26.05 37.73
CA ALA A 15 -12.13 26.78 38.37
C ALA A 15 -12.57 27.20 39.76
N LEU A 16 -11.65 27.09 40.71
CA LEU A 16 -12.00 27.46 42.08
C LEU A 16 -11.01 28.49 42.62
N ARG A 17 -11.23 28.94 43.85
CA ARG A 17 -10.36 29.94 44.43
C ARG A 17 -8.89 29.65 44.18
N PRO A 18 -8.05 30.68 44.27
CA PRO A 18 -6.61 30.43 44.04
C PRO A 18 -6.00 29.90 45.35
N LEU A 19 -4.80 29.37 45.28
CA LEU A 19 -4.15 28.86 46.47
C LEU A 19 -3.62 30.04 47.26
N ASN A 20 -3.85 30.04 48.57
CA ASN A 20 -3.36 31.12 49.40
C ASN A 20 -1.84 31.02 49.56
N PRO A 21 -1.18 32.11 49.98
CA PRO A 21 0.26 32.08 50.15
C PRO A 21 0.84 30.88 50.92
N GLU A 22 0.18 30.45 51.99
CA GLU A 22 0.68 29.31 52.77
C GLU A 22 0.72 28.01 51.96
N GLU A 23 -0.22 27.87 51.03
CA GLU A 23 -0.28 26.68 50.20
C GLU A 23 0.86 26.72 49.19
N LEU A 24 1.24 27.91 48.73
CA LEU A 24 2.31 28.06 47.76
C LEU A 24 3.69 27.76 48.33
N ARG A 25 3.72 27.59 49.65
CA ARG A 25 4.98 27.31 50.35
C ARG A 25 4.74 26.23 51.38
N PRO A 26 4.57 24.99 50.91
CA PRO A 26 4.34 23.84 51.79
C PRO A 26 5.57 23.61 52.65
N TRP A 27 5.41 22.87 53.74
CA TRP A 27 6.53 22.58 54.61
C TRP A 27 7.31 21.47 53.93
N ARG A 28 8.63 21.56 54.00
CA ARG A 28 9.48 20.53 53.41
C ARG A 28 10.00 19.65 54.52
N LEU A 29 9.79 18.34 54.39
CA LEU A 29 10.27 17.44 55.42
C LEU A 29 11.37 16.54 54.92
N GLU A 30 12.41 16.41 55.72
CA GLU A 30 13.54 15.57 55.37
C GLU A 30 13.16 14.17 55.88
N VAL A 31 13.55 13.13 55.15
CA VAL A 31 13.22 11.77 55.58
C VAL A 31 14.47 10.97 55.82
N VAL A 32 14.43 10.17 56.88
CA VAL A 32 15.54 9.31 57.26
C VAL A 32 15.02 7.88 57.34
N LEU A 33 15.58 7.00 56.53
CA LEU A 33 15.17 5.60 56.53
C LEU A 33 16.25 4.71 57.11
N ASP A 34 15.84 3.72 57.90
CA ASP A 34 16.76 2.81 58.53
C ASP A 34 16.24 1.37 58.59
N PRO A 35 16.94 0.43 57.92
CA PRO A 35 18.18 0.61 57.14
C PRO A 35 18.10 1.40 55.83
N PRO A 36 19.23 2.02 55.43
CA PRO A 36 19.29 2.80 54.19
C PRO A 36 18.83 1.98 53.01
N PRO A 37 17.84 2.47 52.27
CA PRO A 37 17.26 1.83 51.09
C PRO A 37 18.19 1.77 49.88
N GLY A 38 17.71 1.16 48.80
CA GLY A 38 18.48 1.05 47.57
C GLY A 38 17.84 1.90 46.48
N ARG A 39 18.66 2.72 45.81
CA ARG A 39 18.19 3.61 44.75
C ARG A 39 16.74 3.41 44.30
N GLU A 40 16.46 2.30 43.64
CA GLU A 40 15.11 2.08 43.16
C GLU A 40 14.06 1.73 44.21
N GLU A 41 14.41 1.83 45.48
CA GLU A 41 13.46 1.52 46.54
C GLU A 41 13.12 2.74 47.38
N VAL A 42 13.75 3.87 47.05
CA VAL A 42 13.51 5.11 47.78
C VAL A 42 12.16 5.73 47.44
N TYR A 43 11.92 5.90 46.15
CA TYR A 43 10.68 6.49 45.67
C TYR A 43 9.42 5.88 46.26
N PRO A 44 9.32 4.55 46.27
CA PRO A 44 8.13 3.90 46.82
C PRO A 44 8.00 4.19 48.31
N LEU A 45 9.05 3.83 49.03
CA LEU A 45 9.11 4.02 50.48
C LEU A 45 8.68 5.43 50.88
N LEU A 46 9.25 6.43 50.21
CA LEU A 46 8.92 7.82 50.48
C LEU A 46 7.42 8.00 50.38
N ALA A 47 6.87 7.65 49.21
CA ALA A 47 5.44 7.73 48.97
C ALA A 47 4.71 7.14 50.17
N GLN A 48 5.00 5.87 50.45
CA GLN A 48 4.40 5.18 51.58
C GLN A 48 4.49 5.98 52.86
N VAL A 49 5.63 6.62 53.11
CA VAL A 49 5.77 7.40 54.33
C VAL A 49 4.84 8.59 54.32
N ALA A 50 4.75 9.28 53.19
CA ALA A 50 3.92 10.45 53.07
C ALA A 50 2.50 10.05 53.40
N ARG A 51 2.23 8.77 53.27
CA ARG A 51 0.92 8.26 53.54
C ARG A 51 0.81 8.01 55.04
N ARG A 52 1.87 7.45 55.61
CA ARG A 52 1.87 7.16 57.05
C ARG A 52 1.87 8.40 57.91
N ALA A 53 2.60 9.44 57.49
CA ALA A 53 2.70 10.69 58.23
C ALA A 53 1.35 11.37 58.40
N GLY A 54 0.46 11.12 57.45
CA GLY A 54 -0.87 11.70 57.51
C GLY A 54 -0.96 13.11 56.96
N GLY A 55 -1.97 13.85 57.41
CA GLY A 55 -2.15 15.20 56.92
C GLY A 55 -2.07 15.23 55.40
N VAL A 56 -1.97 16.44 54.87
CA VAL A 56 -1.86 16.61 53.43
C VAL A 56 -0.39 16.66 53.11
N THR A 57 0.19 15.49 52.86
CA THR A 57 1.60 15.42 52.55
C THR A 57 1.91 14.48 51.38
N VAL A 58 2.89 14.85 50.58
CA VAL A 58 3.30 14.09 49.40
C VAL A 58 4.83 13.98 49.22
N ARG A 59 5.27 13.21 48.24
CA ARG A 59 6.68 13.09 48.01
C ARG A 59 7.17 14.26 47.14
N MET A 60 8.29 14.86 47.52
CA MET A 60 8.89 15.94 46.75
C MET A 60 10.39 15.71 46.64
N GLY A 61 10.83 15.13 45.52
CA GLY A 61 12.23 14.86 45.35
C GLY A 61 12.54 13.65 46.21
N ASP A 62 13.62 13.72 46.97
CA ASP A 62 14.01 12.62 47.84
C ASP A 62 13.35 12.80 49.21
N GLY A 63 12.63 13.91 49.36
CA GLY A 63 11.98 14.20 50.63
C GLY A 63 10.47 14.37 50.57
N LEU A 64 9.91 15.14 51.50
CA LEU A 64 8.47 15.37 51.56
C LEU A 64 8.08 16.84 51.56
N ALA A 65 6.78 17.06 51.35
CA ALA A 65 6.19 18.39 51.34
C ALA A 65 4.76 18.24 51.81
N SER A 66 4.35 19.07 52.76
CA SER A 66 2.99 18.94 53.28
C SER A 66 2.31 20.29 53.36
N TRP A 67 1.01 20.28 53.60
CA TRP A 67 0.29 21.52 53.74
C TRP A 67 -0.09 21.63 55.21
N SER A 68 -0.28 20.48 55.86
CA SER A 68 -0.63 20.46 57.27
C SER A 68 0.63 20.59 58.14
N PRO A 69 0.54 21.32 59.26
CA PRO A 69 1.62 21.56 60.22
C PRO A 69 2.37 20.32 60.72
N PRO A 70 3.71 20.42 60.88
CA PRO A 70 4.59 19.35 61.33
C PRO A 70 4.08 18.47 62.45
N GLU A 71 3.34 19.06 63.38
CA GLU A 71 2.83 18.25 64.48
C GLU A 71 1.36 17.90 64.39
N VAL A 72 0.99 17.36 63.24
CA VAL A 72 -0.35 16.88 62.97
C VAL A 72 0.09 15.56 62.38
N LEU A 73 1.29 15.63 61.83
CA LEU A 73 1.95 14.52 61.16
C LEU A 73 2.67 13.59 62.15
N VAL A 74 2.83 12.33 61.74
CA VAL A 74 3.47 11.30 62.53
C VAL A 74 4.98 11.30 62.22
N LEU A 75 5.69 12.24 62.84
CA LEU A 75 7.13 12.43 62.67
C LEU A 75 8.02 11.19 62.79
N GLU A 76 7.49 10.12 63.39
CA GLU A 76 8.28 8.91 63.57
C GLU A 76 7.40 7.66 63.53
N GLY A 77 7.89 6.61 62.87
CA GLY A 77 7.12 5.39 62.79
C GLY A 77 7.84 4.30 62.04
N THR A 78 7.11 3.26 61.67
CA THR A 78 7.71 2.17 60.94
C THR A 78 6.70 1.54 59.99
N LEU A 79 7.19 1.05 58.87
CA LEU A 79 6.36 0.41 57.86
C LEU A 79 7.15 -0.76 57.26
N ALA A 80 6.46 -1.84 56.94
CA ALA A 80 7.16 -3.00 56.41
C ALA A 80 6.90 -3.21 54.94
N ARG A 81 7.80 -2.75 54.08
CA ARG A 81 7.59 -2.95 52.66
C ARG A 81 8.28 -4.22 52.15
N MET A 82 7.54 -5.03 51.41
CA MET A 82 8.08 -6.24 50.80
C MET A 82 8.87 -7.21 51.69
N GLY A 83 8.38 -7.47 52.91
CA GLY A 83 9.08 -8.38 53.79
C GLY A 83 10.15 -7.72 54.64
N GLN A 84 10.61 -6.55 54.23
CA GLN A 84 11.63 -5.82 54.98
C GLN A 84 10.96 -4.69 55.75
N THR A 85 11.26 -4.61 57.04
CA THR A 85 10.70 -3.57 57.87
C THR A 85 11.69 -2.43 57.96
N TYR A 86 11.18 -1.21 57.89
CA TYR A 86 12.02 -0.04 57.99
C TYR A 86 11.56 0.86 59.13
N ALA A 87 12.42 1.78 59.52
CA ALA A 87 12.12 2.74 60.58
C ALA A 87 12.30 4.09 59.92
N TYR A 88 11.19 4.82 59.73
CA TYR A 88 11.28 6.13 59.11
C TYR A 88 11.40 7.22 60.16
N ARG A 89 11.85 8.39 59.75
CA ARG A 89 12.01 9.47 60.69
C ARG A 89 11.99 10.77 59.94
N LEU A 90 11.04 11.64 60.28
CA LEU A 90 10.89 12.91 59.59
C LEU A 90 11.48 14.06 60.38
N TYR A 91 12.05 15.02 59.65
CA TYR A 91 12.66 16.19 60.23
C TYR A 91 12.19 17.43 59.50
N PRO A 92 11.33 18.24 60.15
CA PRO A 92 10.80 19.48 59.56
C PRO A 92 11.95 20.41 59.23
N LYS A 93 12.21 20.64 57.95
CA LYS A 93 13.30 21.53 57.58
C LYS A 93 12.82 22.82 56.94
N GLY A 94 11.86 23.47 57.60
CA GLY A 94 11.33 24.74 57.12
C GLY A 94 10.38 24.73 55.94
N ARG A 95 10.20 25.89 55.34
CA ARG A 95 9.31 26.01 54.21
C ARG A 95 10.03 26.25 52.90
N ARG A 96 9.35 25.94 51.82
CA ARG A 96 9.91 26.11 50.49
C ARG A 96 8.81 26.41 49.49
N PRO A 97 8.89 27.58 48.83
CA PRO A 97 7.90 28.02 47.83
C PRO A 97 7.99 27.21 46.55
N LEU A 98 6.88 27.19 45.81
CA LEU A 98 6.84 26.49 44.53
C LEU A 98 6.10 27.40 43.55
N ASP A 99 6.49 27.34 42.27
CA ASP A 99 5.87 28.17 41.25
C ASP A 99 5.11 27.35 40.20
N PRO A 100 3.78 27.44 40.21
CA PRO A 100 2.95 26.70 39.27
C PRO A 100 3.29 26.96 37.81
N LYS A 101 4.17 27.91 37.55
CA LYS A 101 4.52 28.19 36.16
C LYS A 101 5.75 27.39 35.74
N ASP A 102 6.11 26.46 36.62
CA ASP A 102 7.22 25.57 36.37
C ASP A 102 6.59 24.20 36.37
N PRO A 103 6.84 23.41 35.32
CA PRO A 103 6.27 22.06 35.24
C PRO A 103 6.62 21.23 36.48
N GLY A 104 7.89 21.30 36.87
CA GLY A 104 8.36 20.56 38.02
C GLY A 104 7.57 20.82 39.28
N GLU A 105 7.73 22.01 39.85
CA GLU A 105 7.04 22.38 41.07
C GLU A 105 5.52 22.26 40.94
N ARG A 106 4.99 22.57 39.76
CA ARG A 106 3.56 22.51 39.53
C ARG A 106 2.98 21.13 39.90
N SER A 107 3.69 20.06 39.52
CA SER A 107 3.27 18.70 39.82
C SER A 107 3.13 18.43 41.32
N VAL A 108 4.09 18.92 42.11
CA VAL A 108 4.03 18.74 43.55
C VAL A 108 2.79 19.43 44.07
N LEU A 109 2.45 20.58 43.48
CA LEU A 109 1.27 21.32 43.89
C LEU A 109 -0.03 20.59 43.56
N SER A 110 -0.09 19.96 42.40
CA SER A 110 -1.28 19.20 42.02
C SER A 110 -1.36 17.89 42.81
N ALA A 111 -0.22 17.32 43.19
CA ALA A 111 -0.25 16.09 43.97
C ALA A 111 -0.82 16.48 45.34
N LEU A 112 -0.34 17.61 45.83
CA LEU A 112 -0.79 18.11 47.11
C LEU A 112 -2.29 18.34 47.07
N ALA A 113 -2.78 18.93 45.99
CA ALA A 113 -4.20 19.19 45.85
C ALA A 113 -5.07 17.94 45.97
N ARG A 114 -4.68 16.91 45.23
CA ARG A 114 -5.41 15.65 45.21
C ARG A 114 -5.47 15.04 46.60
N ARG A 115 -4.36 15.10 47.33
CA ARG A 115 -4.34 14.55 48.67
C ARG A 115 -5.26 15.34 49.58
N LEU A 116 -5.35 16.65 49.36
CA LEU A 116 -6.22 17.52 50.16
C LEU A 116 -7.67 17.21 49.88
N LEU A 117 -8.00 17.05 48.59
CA LEU A 117 -9.35 16.74 48.15
C LEU A 117 -9.88 15.48 48.81
N GLN A 118 -9.01 14.54 49.14
CA GLN A 118 -9.50 13.32 49.74
C GLN A 118 -9.33 13.28 51.24
N GLU A 119 -8.55 14.20 51.78
CA GLU A 119 -8.36 14.23 53.22
C GLU A 119 -9.50 15.03 53.80
N ARG A 120 -9.84 16.13 53.13
CA ARG A 120 -10.95 16.96 53.56
C ARG A 120 -12.21 16.12 53.35
N LEU A 121 -12.24 15.50 52.18
CA LEU A 121 -13.36 14.69 51.79
C LEU A 121 -13.62 13.56 52.77
N ARG A 122 -12.56 12.86 53.14
CA ARG A 122 -12.68 11.72 54.02
C ARG A 122 -13.30 12.06 55.36
N ARG A 123 -13.17 13.30 55.78
CA ARG A 123 -13.76 13.68 57.04
C ARG A 123 -15.15 14.29 56.74
N LEU A 124 -16.04 13.46 56.22
CA LEU A 124 -17.40 13.90 55.89
C LEU A 124 -18.32 12.76 56.27
N GLU A 125 -19.35 13.06 57.04
CA GLU A 125 -20.27 12.02 57.46
C GLU A 125 -21.30 11.67 56.41
N GLY A 126 -21.69 10.40 56.37
CA GLY A 126 -22.69 9.95 55.42
C GLY A 126 -22.20 9.83 53.99
N VAL A 127 -21.04 9.20 53.80
CA VAL A 127 -20.49 9.07 52.46
C VAL A 127 -19.29 8.12 52.39
N TRP A 128 -19.28 7.26 51.39
CA TRP A 128 -18.17 6.33 51.18
C TRP A 128 -17.24 6.92 50.13
N VAL A 129 -15.98 7.04 50.49
CA VAL A 129 -14.98 7.60 49.59
C VAL A 129 -13.95 6.60 49.11
N GLU A 130 -14.11 6.11 47.89
CA GLU A 130 -13.16 5.16 47.31
C GLU A 130 -12.25 5.93 46.35
N GLY A 131 -11.03 6.22 46.80
CA GLY A 131 -10.09 6.95 45.98
C GLY A 131 -10.48 8.41 45.85
N LEU A 132 -10.48 8.91 44.62
CA LEU A 132 -10.86 10.28 44.36
C LEU A 132 -12.31 10.25 43.89
N ALA A 133 -13.12 9.45 44.56
CA ALA A 133 -14.52 9.33 44.22
C ALA A 133 -15.36 9.38 45.48
N VAL A 134 -16.58 9.84 45.33
CA VAL A 134 -17.48 9.95 46.46
C VAL A 134 -18.78 9.26 46.10
N TYR A 135 -19.34 8.56 47.08
CA TYR A 135 -20.62 7.88 46.89
C TYR A 135 -21.49 8.19 48.10
N ARG A 136 -22.69 8.67 47.83
CA ARG A 136 -23.59 9.07 48.91
C ARG A 136 -24.98 8.42 48.93
N ARG A 137 -25.32 7.65 47.90
CA ARG A 137 -26.64 7.06 47.92
C ARG A 137 -26.66 5.70 47.28
N GLU A 138 -27.65 4.90 47.68
CA GLU A 138 -27.83 3.57 47.14
C GLU A 138 -28.72 3.77 45.91
N HIS A 139 -28.25 3.35 44.75
CA HIS A 139 -29.05 3.55 43.55
C HIS A 139 -29.92 2.35 43.19
N ALA A 140 -29.38 1.17 43.43
CA ALA A 140 -30.07 -0.07 43.14
C ALA A 140 -29.44 -1.13 44.03
N ARG A 141 -30.15 -2.21 44.34
CA ARG A 141 -29.54 -3.27 45.16
C ARG A 141 -30.21 -4.62 44.97
N GLY A 142 -29.40 -5.67 44.96
CA GLY A 142 -29.92 -7.01 44.79
C GLY A 142 -29.25 -8.05 45.68
N PRO A 143 -29.65 -9.32 45.56
CA PRO A 143 -29.02 -10.35 46.41
C PRO A 143 -27.52 -10.41 46.15
N GLY A 144 -26.74 -9.92 47.11
CA GLY A 144 -25.30 -9.98 46.98
C GLY A 144 -24.63 -8.79 46.33
N TRP A 145 -25.41 -7.85 45.85
CA TRP A 145 -24.84 -6.66 45.23
C TRP A 145 -25.61 -5.37 45.45
N ARG A 146 -24.93 -4.25 45.23
CA ARG A 146 -25.56 -2.95 45.30
C ARG A 146 -24.80 -1.92 44.47
N VAL A 147 -25.55 -1.10 43.75
CA VAL A 147 -25.00 -0.05 42.91
C VAL A 147 -25.06 1.28 43.66
N LEU A 148 -23.89 1.87 43.89
CA LEU A 148 -23.85 3.14 44.60
C LEU A 148 -23.83 4.31 43.63
N GLY A 149 -24.36 5.45 44.07
CA GLY A 149 -24.39 6.62 43.23
C GLY A 149 -23.54 7.73 43.80
N GLY A 150 -22.72 8.33 42.94
CA GLY A 150 -21.88 9.41 43.39
C GLY A 150 -21.27 10.20 42.24
N ALA A 151 -19.99 10.46 42.37
CA ALA A 151 -19.25 11.19 41.37
C ALA A 151 -17.78 10.88 41.52
N VAL A 152 -17.06 10.85 40.40
CA VAL A 152 -15.65 10.62 40.45
C VAL A 152 -15.07 12.03 40.34
N LEU A 153 -14.14 12.36 41.21
CA LEU A 153 -13.57 13.69 41.21
C LEU A 153 -12.07 13.72 41.00
N ASP A 154 -11.58 14.91 40.71
CA ASP A 154 -10.16 15.13 40.59
C ASP A 154 -9.96 16.60 40.92
N LEU A 155 -8.85 16.92 41.56
CA LEU A 155 -8.56 18.30 41.90
C LEU A 155 -7.07 18.52 41.73
N TRP A 156 -6.69 19.46 40.86
CA TRP A 156 -5.29 19.75 40.64
C TRP A 156 -5.10 21.26 40.57
N VAL A 157 -3.86 21.67 40.41
CA VAL A 157 -3.54 23.08 40.35
C VAL A 157 -3.25 23.53 38.91
N SER A 158 -3.73 24.73 38.58
CA SER A 158 -3.56 25.30 37.26
C SER A 158 -2.34 26.19 37.27
N ASP A 159 -1.73 26.33 36.10
CA ASP A 159 -0.57 27.20 35.97
C ASP A 159 -0.93 28.62 36.46
N SER A 160 -2.20 28.98 36.34
CA SER A 160 -2.67 30.28 36.79
C SER A 160 -2.46 30.40 38.30
N GLY A 161 -2.44 29.25 38.97
CA GLY A 161 -2.23 29.22 40.41
C GLY A 161 -3.46 28.88 41.23
N ALA A 162 -4.53 28.48 40.58
CA ALA A 162 -5.73 28.15 41.31
C ALA A 162 -6.10 26.67 41.23
N PHE A 163 -6.96 26.23 42.12
CA PHE A 163 -7.40 24.85 42.10
C PHE A 163 -8.36 24.65 40.94
N LEU A 164 -8.42 23.42 40.45
CA LEU A 164 -9.28 23.09 39.33
C LEU A 164 -9.92 21.74 39.63
N LEU A 165 -11.24 21.72 39.76
CA LEU A 165 -12.00 20.50 40.06
C LEU A 165 -12.66 19.89 38.82
N GLU A 166 -12.54 18.58 38.66
CA GLU A 166 -13.17 17.88 37.55
C GLU A 166 -14.23 17.01 38.20
N VAL A 167 -15.45 17.05 37.70
CA VAL A 167 -16.51 16.28 38.32
C VAL A 167 -17.46 15.61 37.36
N ASP A 168 -17.52 14.29 37.41
CA ASP A 168 -18.43 13.56 36.54
C ASP A 168 -19.20 12.53 37.36
N PRO A 169 -20.51 12.76 37.58
CA PRO A 169 -21.32 11.82 38.37
C PRO A 169 -21.24 10.45 37.77
N ALA A 170 -21.19 9.43 38.61
CA ALA A 170 -21.11 8.04 38.17
C ALA A 170 -21.56 7.03 39.23
N TYR A 171 -21.64 5.76 38.84
CA TYR A 171 -22.04 4.67 39.74
C TYR A 171 -20.89 3.73 40.10
N ARG A 172 -21.21 2.72 40.91
CA ARG A 172 -20.24 1.74 41.36
C ARG A 172 -20.94 0.43 41.60
N ILE A 173 -20.52 -0.63 40.90
CA ILE A 173 -21.13 -1.95 41.11
C ILE A 173 -20.37 -2.60 42.23
N LEU A 174 -21.07 -2.90 43.32
CA LEU A 174 -20.47 -3.52 44.50
C LEU A 174 -20.95 -4.96 44.73
N CYS A 175 -20.04 -5.84 45.14
CA CYS A 175 -20.42 -7.21 45.46
C CYS A 175 -20.42 -7.26 46.99
N GLU A 176 -21.57 -7.57 47.58
CA GLU A 176 -21.66 -7.61 49.02
C GLU A 176 -21.51 -9.00 49.59
N MET A 177 -20.97 -9.94 48.81
CA MET A 177 -20.79 -11.30 49.32
C MET A 177 -19.59 -12.06 48.76
N SER A 178 -19.17 -13.11 49.46
CA SER A 178 -18.01 -13.90 49.04
C SER A 178 -18.27 -14.65 47.74
N LEU A 179 -17.19 -15.10 47.12
CA LEU A 179 -17.26 -15.84 45.86
C LEU A 179 -18.05 -17.15 46.06
N GLU A 180 -17.86 -17.77 47.21
CA GLU A 180 -18.54 -19.00 47.53
C GLU A 180 -20.04 -18.78 47.60
N ALA A 181 -20.44 -17.76 48.35
CA ALA A 181 -21.85 -17.42 48.50
C ALA A 181 -22.51 -17.11 47.16
N TRP A 182 -21.82 -16.30 46.36
CA TRP A 182 -22.29 -15.88 45.05
C TRP A 182 -22.46 -17.06 44.11
N LEU A 183 -21.53 -18.01 44.15
CA LEU A 183 -21.66 -19.15 43.26
C LEU A 183 -22.83 -19.97 43.74
N ALA A 184 -22.92 -20.06 45.06
CA ALA A 184 -23.98 -20.81 45.71
C ALA A 184 -25.34 -20.27 45.30
N GLN A 185 -25.34 -19.17 44.57
CA GLN A 185 -26.59 -18.57 44.13
C GLN A 185 -26.84 -18.92 42.67
N GLY A 186 -25.87 -19.56 42.03
CA GLY A 186 -26.01 -19.95 40.64
C GLY A 186 -25.44 -19.03 39.58
N HIS A 187 -24.80 -17.96 39.98
CA HIS A 187 -24.23 -17.10 38.97
C HIS A 187 -22.99 -17.77 38.41
N PRO A 188 -22.63 -17.44 37.18
CA PRO A 188 -21.44 -18.01 36.54
C PRO A 188 -20.19 -17.51 37.21
N LEU A 189 -19.08 -18.21 37.01
CA LEU A 189 -17.83 -17.79 37.63
C LEU A 189 -17.41 -16.41 37.19
N PRO A 190 -17.05 -15.55 38.15
CA PRO A 190 -16.62 -14.20 37.83
C PRO A 190 -15.26 -14.25 37.12
N LYS A 191 -15.01 -13.31 36.24
CA LYS A 191 -13.75 -13.30 35.53
C LYS A 191 -12.66 -12.78 36.42
N ARG A 192 -13.01 -11.81 37.24
CA ARG A 192 -12.08 -11.18 38.16
C ARG A 192 -12.58 -11.42 39.57
N VAL A 193 -11.65 -11.47 40.52
CA VAL A 193 -12.01 -11.70 41.91
C VAL A 193 -10.94 -11.04 42.80
N ARG A 194 -11.32 -10.48 43.95
CA ARG A 194 -10.36 -9.85 44.86
C ARG A 194 -10.34 -10.43 46.29
N ASN A 195 -9.23 -10.18 46.97
CA ASN A 195 -9.01 -10.66 48.31
C ASN A 195 -9.97 -10.10 49.32
N ALA A 196 -10.74 -11.00 49.93
CA ALA A 196 -11.69 -10.63 50.94
C ALA A 196 -10.98 -9.80 52.02
N TYR A 197 -9.74 -10.19 52.31
CA TYR A 197 -8.93 -9.54 53.33
C TYR A 197 -8.10 -8.32 52.97
N ASP A 198 -8.08 -7.93 51.70
CA ASP A 198 -7.36 -6.75 51.27
C ASP A 198 -7.75 -6.31 49.85
N ARG A 199 -6.98 -5.41 49.24
CA ARG A 199 -7.31 -4.87 47.91
C ARG A 199 -6.91 -5.67 46.66
N ARG A 200 -5.90 -6.52 46.77
CA ARG A 200 -5.39 -7.33 45.64
C ARG A 200 -6.44 -8.10 44.82
N THR A 201 -6.37 -8.00 43.49
CA THR A 201 -7.33 -8.69 42.64
C THR A 201 -6.64 -9.72 41.73
N TRP A 202 -7.34 -10.80 41.40
CA TRP A 202 -6.75 -11.81 40.55
C TRP A 202 -7.70 -12.16 39.45
N GLU A 203 -7.26 -13.12 38.63
CA GLU A 203 -8.05 -13.62 37.52
C GLU A 203 -8.63 -14.96 38.00
N LEU A 204 -9.95 -15.10 37.95
CA LEU A 204 -10.52 -16.36 38.37
C LEU A 204 -10.43 -17.38 37.22
N LEU A 205 -9.64 -18.45 37.41
CA LEU A 205 -9.47 -19.50 36.43
C LEU A 205 -10.49 -20.64 36.58
N ARG A 206 -10.40 -21.38 37.68
CA ARG A 206 -11.31 -22.50 37.92
C ARG A 206 -11.66 -22.65 39.37
N LEU A 207 -12.43 -23.69 39.61
CA LEU A 207 -12.81 -24.08 40.93
C LEU A 207 -12.03 -25.39 41.01
N GLY A 208 -12.01 -26.05 42.16
CA GLY A 208 -11.26 -27.29 42.26
C GLY A 208 -11.94 -28.22 43.23
N GLU A 209 -11.89 -29.52 42.94
CA GLU A 209 -12.48 -30.51 43.82
C GLU A 209 -11.43 -30.84 44.87
N GLU A 210 -10.24 -30.30 44.66
CA GLU A 210 -9.12 -30.50 45.57
C GLU A 210 -9.46 -30.13 47.01
N ASP A 211 -8.98 -30.95 47.93
CA ASP A 211 -9.20 -30.74 49.35
C ASP A 211 -8.27 -29.64 49.87
N PRO A 212 -8.82 -28.56 50.43
CA PRO A 212 -8.07 -27.43 50.99
C PRO A 212 -7.02 -27.85 52.00
N LYS A 213 -7.27 -28.98 52.65
CA LYS A 213 -6.36 -29.52 53.64
C LYS A 213 -5.22 -30.34 53.04
N GLU A 214 -5.29 -30.60 51.73
CA GLU A 214 -4.24 -31.39 51.07
C GLU A 214 -3.27 -30.51 50.30
N LEU A 215 -3.78 -29.41 49.73
CA LEU A 215 -2.94 -28.49 48.98
C LEU A 215 -1.73 -28.09 49.78
N PRO A 216 -0.56 -28.48 49.31
CA PRO A 216 0.68 -28.14 50.00
C PRO A 216 1.34 -26.95 49.33
N LEU A 217 1.86 -26.03 50.13
CA LEU A 217 2.52 -24.86 49.59
C LEU A 217 4.04 -25.02 49.65
N PRO A 218 4.76 -24.26 48.82
CA PRO A 218 6.23 -24.28 48.73
C PRO A 218 6.95 -24.39 50.07
N GLY A 219 6.22 -24.18 51.16
CA GLY A 219 6.83 -24.26 52.47
C GLY A 219 6.62 -25.62 53.13
N GLY A 220 5.60 -26.33 52.68
CA GLY A 220 5.26 -27.63 53.26
C GLY A 220 4.04 -27.43 54.14
N LEU A 221 3.52 -26.20 54.13
CA LEU A 221 2.35 -25.83 54.90
C LEU A 221 1.10 -26.13 54.09
N SER A 222 -0.07 -26.09 54.71
CA SER A 222 -1.27 -26.38 53.97
C SER A 222 -2.08 -25.14 53.58
N LEU A 223 -2.70 -25.18 52.41
CA LEU A 223 -3.51 -24.08 51.90
C LEU A 223 -4.37 -23.52 53.03
N LEU A 224 -5.23 -24.38 53.57
CA LEU A 224 -6.11 -23.97 54.65
C LEU A 224 -5.32 -23.42 55.83
N ASP A 225 -4.30 -24.15 56.24
CA ASP A 225 -3.45 -23.76 57.36
C ASP A 225 -2.78 -22.41 57.13
N TYR A 226 -2.31 -22.20 55.90
CA TYR A 226 -1.62 -20.97 55.51
C TYR A 226 -2.45 -19.73 55.83
N HIS A 227 -3.70 -19.74 55.39
CA HIS A 227 -4.60 -18.61 55.65
C HIS A 227 -4.99 -18.59 57.12
N ALA A 228 -5.04 -19.79 57.71
CA ALA A 228 -5.39 -19.95 59.11
C ALA A 228 -4.29 -19.35 59.95
N SER A 229 -3.06 -19.49 59.47
CA SER A 229 -1.89 -18.97 60.17
C SER A 229 -1.80 -17.45 60.05
N LYS A 230 -2.61 -16.87 59.17
CA LYS A 230 -2.60 -15.42 58.98
C LYS A 230 -3.82 -14.80 59.60
N GLY A 231 -4.62 -15.63 60.27
CA GLY A 231 -5.83 -15.16 60.93
C GLY A 231 -6.91 -14.74 59.96
N ARG A 232 -6.88 -15.30 58.77
CA ARG A 232 -7.88 -14.97 57.77
C ARG A 232 -9.10 -15.86 57.92
N LEU A 233 -8.96 -16.93 58.69
CA LEU A 233 -10.07 -17.84 58.89
C LEU A 233 -10.86 -17.50 60.15
N GLN A 234 -10.46 -16.41 60.79
CA GLN A 234 -11.13 -15.94 61.99
C GLN A 234 -12.11 -14.87 61.55
N GLY A 235 -13.32 -15.28 61.21
CA GLY A 235 -14.33 -14.34 60.77
C GLY A 235 -14.90 -14.72 59.41
N ARG A 236 -14.26 -15.68 58.76
CA ARG A 236 -14.70 -16.15 57.46
C ARG A 236 -14.55 -17.65 57.42
N GLU A 237 -15.40 -18.27 56.60
CA GLU A 237 -15.38 -19.71 56.42
C GLU A 237 -14.75 -19.97 55.06
N GLY A 238 -13.55 -20.51 55.00
CA GLY A 238 -12.97 -20.81 53.69
C GLY A 238 -13.84 -21.86 53.03
N GLY A 239 -14.09 -21.78 51.73
CA GLY A 239 -14.95 -22.79 51.13
C GLY A 239 -14.16 -23.88 50.42
N ARG A 240 -14.22 -23.86 49.09
CA ARG A 240 -13.50 -24.83 48.27
C ARG A 240 -12.16 -24.26 47.82
N VAL A 241 -11.53 -24.91 46.84
CA VAL A 241 -10.25 -24.42 46.34
C VAL A 241 -10.45 -23.71 45.02
N ALA A 242 -10.23 -22.40 45.01
CA ALA A 242 -10.37 -21.62 43.79
C ALA A 242 -8.99 -21.41 43.21
N TRP A 243 -8.85 -21.67 41.92
CA TRP A 243 -7.57 -21.46 41.28
C TRP A 243 -7.60 -20.11 40.62
N VAL A 244 -6.68 -19.26 41.06
CA VAL A 244 -6.61 -17.89 40.60
C VAL A 244 -5.30 -17.59 39.90
N ALA A 245 -5.18 -16.42 39.30
CA ALA A 245 -3.94 -16.08 38.63
C ALA A 245 -3.62 -14.60 38.79
N ASP A 246 -2.33 -14.33 38.95
CA ASP A 246 -1.87 -12.96 39.11
C ASP A 246 -1.84 -12.29 37.75
N PRO A 247 -2.61 -11.21 37.59
CA PRO A 247 -2.71 -10.43 36.36
C PRO A 247 -1.39 -10.17 35.64
N LYS A 248 -0.29 -10.13 36.40
CA LYS A 248 1.02 -9.87 35.82
C LYS A 248 1.62 -11.12 35.15
N ASP A 249 1.03 -12.28 35.44
CA ASP A 249 1.45 -13.58 34.88
C ASP A 249 0.20 -14.42 34.98
N PRO A 250 -0.73 -14.23 34.04
CA PRO A 250 -1.99 -14.98 34.02
C PRO A 250 -1.86 -16.45 33.70
N ARG A 251 -0.66 -16.90 33.40
CA ARG A 251 -0.49 -18.29 33.04
C ARG A 251 0.24 -19.11 34.08
N LYS A 252 0.08 -18.72 35.34
CA LYS A 252 0.69 -19.46 36.42
C LYS A 252 -0.39 -19.52 37.49
N PRO A 253 -1.09 -20.67 37.57
CA PRO A 253 -2.17 -20.93 38.52
C PRO A 253 -1.74 -20.75 39.98
N ILE A 254 -2.65 -20.25 40.82
CA ILE A 254 -2.36 -20.04 42.24
C ILE A 254 -3.59 -20.53 42.99
N PRO A 255 -3.41 -21.42 43.98
CA PRO A 255 -4.58 -21.90 44.73
C PRO A 255 -5.09 -20.80 45.66
N HIS A 256 -6.37 -20.88 46.03
CA HIS A 256 -6.97 -19.89 46.89
C HIS A 256 -8.31 -20.43 47.39
N LEU A 257 -8.95 -19.74 48.31
CA LEU A 257 -10.23 -20.20 48.84
C LEU A 257 -11.40 -19.28 48.50
N THR A 258 -12.48 -19.86 48.01
CA THR A 258 -13.67 -19.12 47.62
C THR A 258 -14.30 -18.31 48.74
N GLY A 259 -14.08 -18.73 49.99
CA GLY A 259 -14.63 -18.02 51.12
C GLY A 259 -13.88 -16.73 51.39
N LEU A 260 -12.63 -16.69 50.95
CA LEU A 260 -11.76 -15.53 51.15
C LEU A 260 -11.58 -14.71 49.87
N LEU A 261 -12.55 -14.78 48.98
CA LEU A 261 -12.48 -14.05 47.72
C LEU A 261 -13.82 -13.42 47.43
N VAL A 262 -13.80 -12.19 46.94
CA VAL A 262 -15.04 -11.49 46.60
C VAL A 262 -15.10 -11.20 45.09
N PRO A 263 -16.24 -11.54 44.46
CA PRO A 263 -16.39 -11.32 43.02
C PRO A 263 -16.30 -9.86 42.66
N VAL A 264 -15.58 -9.56 41.58
CA VAL A 264 -15.47 -8.21 41.07
C VAL A 264 -16.54 -8.18 39.97
N LEU A 265 -17.70 -7.62 40.28
CA LEU A 265 -18.82 -7.58 39.35
C LEU A 265 -18.75 -6.53 38.26
N THR A 266 -18.96 -6.97 37.02
CA THR A 266 -18.95 -6.10 35.87
C THR A 266 -20.39 -5.92 35.46
N LEU A 267 -20.64 -4.93 34.61
CA LEU A 267 -22.00 -4.66 34.18
C LEU A 267 -22.63 -5.89 33.57
N GLU A 268 -21.81 -6.81 33.11
CA GLU A 268 -22.31 -8.04 32.50
C GLU A 268 -22.84 -9.05 33.50
N ASP A 269 -22.13 -9.17 34.63
CA ASP A 269 -22.50 -10.12 35.68
C ASP A 269 -23.87 -9.89 36.28
N LEU A 270 -24.47 -8.75 35.96
CA LEU A 270 -25.80 -8.45 36.43
C LEU A 270 -26.75 -8.51 35.22
N HIS A 271 -26.83 -9.68 34.59
CA HIS A 271 -27.71 -9.87 33.43
C HIS A 271 -29.17 -9.68 33.87
N GLU A 272 -29.91 -8.83 33.11
CA GLU A 272 -31.33 -8.50 33.36
C GLU A 272 -31.60 -7.97 34.77
N SER A 276 -33.96 -4.71 36.19
CA SER A 276 -33.09 -4.08 35.19
C SER A 276 -32.81 -2.62 35.55
N LEU A 277 -31.56 -2.32 35.91
CA LEU A 277 -31.14 -0.97 36.30
C LEU A 277 -30.64 -0.17 35.12
N ALA A 278 -30.96 1.11 35.10
CA ALA A 278 -30.53 1.99 34.02
C ALA A 278 -29.52 2.98 34.58
N LEU A 279 -28.26 2.82 34.20
CA LEU A 279 -27.17 3.66 34.67
C LEU A 279 -26.84 4.90 33.84
N SER A 280 -27.58 5.13 32.76
CA SER A 280 -27.33 6.29 31.91
C SER A 280 -27.99 7.54 32.46
N LEU A 281 -27.69 8.68 31.85
CA LEU A 281 -28.25 9.96 32.28
C LEU A 281 -28.24 10.96 31.14
N PRO A 282 -29.35 11.65 30.92
CA PRO A 282 -29.51 12.67 29.86
C PRO A 282 -28.47 13.79 30.00
N TRP A 283 -27.89 14.24 28.90
CA TRP A 283 -26.86 15.27 28.98
C TRP A 283 -27.21 16.47 29.84
N GLU A 284 -28.48 16.85 29.85
CA GLU A 284 -28.89 18.00 30.64
C GLU A 284 -29.12 17.67 32.10
N GLU A 285 -29.29 16.41 32.42
CA GLU A 285 -29.49 16.04 33.81
C GLU A 285 -28.12 15.93 34.45
N ARG A 286 -27.25 15.17 33.79
CA ARG A 286 -25.90 14.97 34.25
C ARG A 286 -25.23 16.33 34.46
N ARG A 287 -25.32 17.20 33.44
CA ARG A 287 -24.72 18.54 33.55
C ARG A 287 -25.21 19.28 34.80
N ARG A 288 -26.43 18.97 35.22
CA ARG A 288 -27.03 19.60 36.38
C ARG A 288 -26.50 18.98 37.65
N ARG A 289 -26.49 17.65 37.69
CA ARG A 289 -25.98 16.94 38.86
C ARG A 289 -24.52 17.32 39.07
N THR A 290 -23.80 17.49 37.95
CA THR A 290 -22.39 17.87 38.01
C THR A 290 -22.21 19.21 38.73
N ARG A 291 -22.94 20.23 38.28
CA ARG A 291 -22.85 21.55 38.89
C ARG A 291 -23.25 21.56 40.33
N GLU A 292 -24.17 20.69 40.71
CA GLU A 292 -24.60 20.63 42.08
C GLU A 292 -23.61 19.88 42.94
N ILE A 293 -22.68 19.19 42.31
CA ILE A 293 -21.67 18.45 43.05
C ILE A 293 -20.47 19.35 43.17
N ALA A 294 -20.16 20.03 42.09
CA ALA A 294 -19.04 20.95 42.09
C ALA A 294 -19.27 22.04 43.13
N SER A 295 -20.50 22.50 43.24
CA SER A 295 -20.79 23.56 44.19
C SER A 295 -20.76 23.01 45.58
N TRP A 296 -21.17 21.77 45.71
CA TRP A 296 -21.20 21.11 47.00
C TRP A 296 -19.80 21.06 47.57
N ILE A 297 -18.82 20.72 46.74
CA ILE A 297 -17.45 20.62 47.21
C ILE A 297 -16.83 21.92 47.63
N GLY A 298 -16.85 22.91 46.75
CA GLY A 298 -16.26 24.19 47.11
C GLY A 298 -16.82 24.70 48.43
N ARG A 299 -18.08 24.36 48.71
CA ARG A 299 -18.69 24.83 49.94
C ARG A 299 -18.06 24.16 51.14
N ARG A 300 -18.27 22.84 51.24
CA ARG A 300 -17.77 22.01 52.34
C ARG A 300 -16.24 21.96 52.43
N LEU A 301 -15.59 21.99 51.28
CA LEU A 301 -14.14 21.96 51.18
C LEU A 301 -13.55 23.36 51.41
N GLY A 302 -14.28 24.37 50.97
CA GLY A 302 -13.81 25.72 51.13
C GLY A 302 -12.81 26.07 50.06
N LEU A 303 -13.21 25.94 48.80
CA LEU A 303 -12.33 26.23 47.69
C LEU A 303 -12.86 27.39 46.87
N GLY A 304 -13.98 27.94 47.32
CA GLY A 304 -14.58 29.06 46.61
C GLY A 304 -15.70 28.59 45.71
N THR A 305 -16.43 29.54 45.12
CA THR A 305 -17.51 29.18 44.24
C THR A 305 -16.87 28.70 42.96
N PRO A 306 -17.45 27.66 42.35
CA PRO A 306 -16.89 27.13 41.10
C PRO A 306 -17.44 27.88 39.89
N GLU A 307 -16.71 27.80 38.78
CA GLU A 307 -17.12 28.46 37.55
C GLU A 307 -16.82 27.50 36.40
N ALA A 308 -17.87 27.01 35.77
CA ALA A 308 -17.69 26.07 34.67
C ALA A 308 -16.65 26.52 33.65
N VAL A 309 -15.68 25.65 33.40
CA VAL A 309 -14.62 25.94 32.44
C VAL A 309 -15.11 25.89 31.01
N ARG A 310 -14.71 26.91 30.25
CA ARG A 310 -15.06 27.04 28.85
C ARG A 310 -13.78 26.82 28.03
N ALA A 311 -13.85 25.97 27.02
CA ALA A 311 -12.69 25.67 26.19
C ALA A 311 -12.96 25.88 24.71
N GLN A 312 -11.89 26.11 23.95
CA GLN A 312 -12.03 26.33 22.52
C GLN A 312 -12.28 24.98 21.88
N ALA A 313 -13.15 24.96 20.88
CA ALA A 313 -13.47 23.72 20.18
C ALA A 313 -13.46 23.98 18.67
N TYR A 314 -13.05 22.97 17.91
CA TYR A 314 -13.01 23.10 16.46
C TYR A 314 -13.78 21.97 15.82
N ARG A 315 -14.67 22.33 14.93
CA ARG A 315 -15.44 21.35 14.20
C ARG A 315 -14.60 20.82 13.05
N LEU A 316 -14.39 19.52 12.99
CA LEU A 316 -13.63 18.92 11.89
C LEU A 316 -14.59 18.73 10.73
N SER A 317 -14.04 18.60 9.53
CA SER A 317 -14.87 18.44 8.34
C SER A 317 -15.54 17.09 8.27
N ILE A 318 -16.80 17.10 7.86
CA ILE A 318 -17.58 15.87 7.75
C ILE A 318 -16.85 14.96 6.74
N PRO A 319 -16.62 13.70 7.12
CA PRO A 319 -15.93 12.72 6.26
C PRO A 319 -16.59 12.51 4.90
N LYS A 320 -15.77 12.57 3.85
CA LYS A 320 -16.27 12.34 2.50
C LYS A 320 -16.00 10.88 2.16
N LEU A 321 -16.93 9.98 2.48
CA LEU A 321 -16.71 8.57 2.18
C LEU A 321 -17.48 8.11 0.95
N MET A 322 -16.84 7.31 0.11
CA MET A 322 -17.47 6.86 -1.13
C MET A 322 -17.29 5.39 -1.53
N GLY A 323 -18.27 4.89 -2.26
CA GLY A 323 -18.24 3.54 -2.80
C GLY A 323 -17.80 3.86 -4.22
N ARG A 324 -18.49 3.35 -5.24
CA ARG A 324 -18.12 3.71 -6.61
C ARG A 324 -18.48 5.18 -6.72
N ARG A 325 -19.51 5.54 -5.98
CA ARG A 325 -20.01 6.91 -5.97
C ARG A 325 -20.04 7.51 -4.56
N ALA A 326 -20.38 8.78 -4.49
CA ALA A 326 -20.46 9.48 -3.21
C ALA A 326 -21.62 8.91 -2.38
N VAL A 327 -21.28 8.32 -1.24
CA VAL A 327 -22.26 7.71 -0.38
C VAL A 327 -22.40 8.46 0.95
N SER A 328 -23.53 8.26 1.64
CA SER A 328 -23.78 8.90 2.94
C SER A 328 -23.65 7.96 4.15
N LYS A 329 -24.06 6.71 3.98
CA LYS A 329 -23.94 5.68 5.01
C LYS A 329 -23.57 4.41 4.26
N PRO A 330 -22.68 3.58 4.83
CA PRO A 330 -22.26 2.35 4.19
C PRO A 330 -23.34 1.62 3.40
N ALA A 331 -24.55 1.63 3.92
CA ALA A 331 -25.66 0.95 3.25
C ALA A 331 -26.01 1.48 1.86
N ASP A 332 -25.69 2.74 1.58
CA ASP A 332 -25.99 3.32 0.28
C ASP A 332 -25.14 2.69 -0.80
N ALA A 333 -24.20 1.84 -0.41
CA ALA A 333 -23.31 1.21 -1.39
C ALA A 333 -23.93 -0.03 -2.02
N LEU A 334 -25.09 -0.44 -1.54
CA LEU A 334 -25.78 -1.61 -2.06
C LEU A 334 -26.59 -1.18 -3.28
N ARG A 335 -27.02 0.08 -3.27
CA ARG A 335 -27.82 0.64 -4.35
C ARG A 335 -26.94 1.32 -5.39
N VAL A 336 -25.96 2.09 -4.93
CA VAL A 336 -25.09 2.80 -5.83
C VAL A 336 -23.87 2.01 -6.34
N GLY A 337 -23.48 0.96 -5.62
CA GLY A 337 -22.33 0.17 -6.01
C GLY A 337 -21.18 0.48 -5.08
N PHE A 338 -20.12 -0.32 -5.06
CA PHE A 338 -19.02 -0.02 -4.16
C PHE A 338 -17.67 0.35 -4.76
N TYR A 339 -16.76 0.72 -3.86
CA TYR A 339 -15.40 1.14 -4.21
C TYR A 339 -14.54 0.12 -4.96
N ARG A 340 -14.26 -1.01 -4.31
CA ARG A 340 -13.44 -2.06 -4.92
C ARG A 340 -14.17 -3.41 -5.03
N ALA A 341 -14.59 -3.75 -6.25
CA ALA A 341 -15.29 -4.99 -6.51
C ALA A 341 -14.36 -6.10 -6.99
N GLN A 342 -14.80 -7.34 -6.85
CA GLN A 342 -14.01 -8.49 -7.28
C GLN A 342 -14.95 -9.61 -7.66
N GLU A 343 -14.40 -10.63 -8.32
CA GLU A 343 -15.19 -11.80 -8.69
C GLU A 343 -15.35 -12.57 -7.39
N THR A 344 -16.58 -12.73 -6.92
CA THR A 344 -16.78 -13.48 -5.69
C THR A 344 -17.99 -14.38 -5.76
N ALA A 345 -17.84 -15.60 -5.22
CA ALA A 345 -18.91 -16.57 -5.19
C ALA A 345 -19.41 -16.75 -3.76
N LEU A 346 -20.69 -16.48 -3.55
CA LEU A 346 -21.27 -16.62 -2.23
C LEU A 346 -22.14 -17.87 -2.20
N ALA A 347 -22.27 -18.50 -1.03
CA ALA A 347 -23.09 -19.69 -0.89
C ALA A 347 -24.22 -19.44 0.10
N LEU A 348 -25.32 -20.17 -0.06
CA LEU A 348 -26.45 -20.00 0.82
C LEU A 348 -26.56 -21.23 1.72
N LEU A 349 -26.97 -21.05 2.97
CA LEU A 349 -27.11 -22.20 3.85
C LEU A 349 -28.38 -22.04 4.62
N ARG A 350 -29.47 -22.46 3.98
CA ARG A 350 -30.81 -22.42 4.55
C ARG A 350 -30.81 -23.65 5.46
N LEU A 351 -30.45 -23.50 6.73
CA LEU A 351 -30.42 -24.67 7.58
C LEU A 351 -31.65 -24.92 8.47
N ASP A 352 -32.80 -24.51 7.95
CA ASP A 352 -34.09 -24.72 8.59
C ASP A 352 -35.03 -23.93 7.71
N GLY A 353 -35.80 -24.65 6.90
CA GLY A 353 -36.73 -23.99 6.00
C GLY A 353 -37.08 -24.79 4.76
N ALA A 354 -37.25 -24.10 3.64
CA ALA A 354 -37.60 -24.73 2.39
C ALA A 354 -36.38 -24.99 1.54
N GLN A 355 -35.77 -23.91 1.08
CA GLN A 355 -34.59 -23.91 0.23
C GLN A 355 -34.85 -22.89 -0.88
N GLY A 356 -33.78 -22.29 -1.38
CA GLY A 356 -33.93 -21.30 -2.43
C GLY A 356 -33.59 -19.92 -1.90
N TRP A 357 -32.96 -19.12 -2.75
CA TRP A 357 -32.58 -17.77 -2.37
C TRP A 357 -33.77 -16.82 -2.29
N PRO A 358 -33.91 -16.10 -1.15
CA PRO A 358 -35.03 -15.16 -1.00
C PRO A 358 -35.01 -14.13 -2.12
N GLU A 359 -36.10 -14.09 -2.87
CA GLU A 359 -36.27 -13.19 -4.00
C GLU A 359 -35.50 -11.86 -3.94
N PHE A 360 -35.74 -11.08 -2.88
CA PHE A 360 -35.10 -9.77 -2.72
C PHE A 360 -33.59 -9.76 -2.50
N LEU A 361 -33.09 -10.72 -1.73
CA LEU A 361 -31.66 -10.83 -1.48
C LEU A 361 -30.98 -11.10 -2.83
N ARG A 362 -31.43 -12.16 -3.49
CA ARG A 362 -30.89 -12.53 -4.80
C ARG A 362 -30.96 -11.29 -5.70
N ARG A 363 -31.97 -10.47 -5.48
CA ARG A 363 -32.12 -9.26 -6.27
C ARG A 363 -31.11 -8.21 -5.83
N ALA A 364 -31.07 -7.95 -4.53
CA ALA A 364 -30.15 -6.97 -3.96
C ALA A 364 -28.70 -7.30 -4.30
N LEU A 365 -28.35 -8.58 -4.21
CA LEU A 365 -27.00 -8.99 -4.52
C LEU A 365 -26.62 -8.52 -5.93
N LEU A 366 -27.34 -9.00 -6.93
CA LEU A 366 -27.08 -8.61 -8.30
C LEU A 366 -27.13 -7.08 -8.39
N ARG A 367 -28.14 -6.51 -7.76
CA ARG A 367 -28.35 -5.07 -7.75
C ARG A 367 -27.06 -4.31 -7.45
N ALA A 368 -26.31 -4.81 -6.47
CA ALA A 368 -25.07 -4.17 -6.05
C ALA A 368 -23.88 -4.40 -6.98
N PHE A 369 -23.68 -5.64 -7.40
CA PHE A 369 -22.56 -5.95 -8.29
C PHE A 369 -22.76 -5.34 -9.65
N GLY A 370 -24.00 -5.07 -10.01
CA GLY A 370 -24.25 -4.47 -11.29
C GLY A 370 -23.74 -3.05 -11.20
N ALA A 371 -24.20 -2.35 -10.17
CA ALA A 371 -23.81 -0.97 -9.92
C ALA A 371 -22.31 -0.89 -9.70
N SER A 372 -21.70 -2.05 -9.49
CA SER A 372 -20.26 -2.14 -9.27
C SER A 372 -19.56 -2.61 -10.55
N GLY A 373 -20.24 -3.49 -11.27
CA GLY A 373 -19.69 -4.00 -12.52
C GLY A 373 -18.79 -5.20 -12.36
N ALA A 374 -19.23 -6.20 -11.59
CA ALA A 374 -18.43 -7.38 -11.37
C ALA A 374 -19.22 -8.67 -11.57
N SER A 375 -18.49 -9.77 -11.71
CA SER A 375 -19.10 -11.08 -11.90
C SER A 375 -19.53 -11.69 -10.56
N LEU A 376 -20.80 -12.04 -10.44
CA LEU A 376 -21.31 -12.64 -9.22
C LEU A 376 -21.88 -14.02 -9.50
N ARG A 377 -21.52 -15.00 -8.67
CA ARG A 377 -22.02 -16.35 -8.81
C ARG A 377 -22.56 -16.83 -7.47
N LEU A 378 -23.88 -16.98 -7.40
CA LEU A 378 -24.54 -17.42 -6.17
C LEU A 378 -24.84 -18.92 -6.19
N HIS A 379 -24.14 -19.66 -5.34
CA HIS A 379 -24.33 -21.11 -5.22
C HIS A 379 -25.28 -21.44 -4.07
N THR A 380 -25.42 -22.74 -3.82
CA THR A 380 -26.29 -23.21 -2.74
C THR A 380 -25.62 -24.38 -2.03
N LEU A 381 -25.75 -24.39 -0.71
CA LEU A 381 -25.16 -25.44 0.10
C LEU A 381 -26.24 -26.39 0.60
N HIS A 382 -26.24 -27.59 0.02
CA HIS A 382 -27.18 -28.64 0.34
C HIS A 382 -26.51 -29.65 1.28
N ALA A 383 -26.60 -29.42 2.60
CA ALA A 383 -25.99 -30.30 3.61
C ALA A 383 -26.65 -30.11 4.98
N HIS A 384 -25.95 -30.44 6.07
CA HIS A 384 -26.56 -30.29 7.38
C HIS A 384 -25.62 -30.73 8.50
N PRO A 385 -25.89 -30.26 9.72
CA PRO A 385 -25.08 -30.65 10.88
C PRO A 385 -25.30 -32.14 11.08
N SER A 386 -26.49 -32.60 10.72
CA SER A 386 -26.82 -34.01 10.81
C SER A 386 -25.76 -34.73 9.99
N GLN A 387 -25.97 -34.71 8.67
CA GLN A 387 -25.06 -35.35 7.71
C GLN A 387 -23.65 -34.74 7.73
N GLY A 388 -22.98 -34.84 8.88
CA GLY A 388 -21.64 -34.29 9.03
C GLY A 388 -20.65 -34.62 7.93
N LEU A 389 -20.33 -35.89 7.78
CA LEU A 389 -19.37 -36.33 6.75
C LEU A 389 -19.67 -35.73 5.37
N ALA A 390 -20.95 -35.65 5.03
CA ALA A 390 -21.36 -35.09 3.75
C ALA A 390 -21.40 -33.57 3.84
N PHE A 391 -21.64 -33.07 5.05
CA PHE A 391 -21.68 -31.63 5.27
C PHE A 391 -20.31 -31.10 4.93
N ARG A 392 -19.28 -31.76 5.45
CA ARG A 392 -17.90 -31.36 5.19
C ARG A 392 -17.57 -31.66 3.75
N GLU A 393 -18.16 -32.73 3.23
CA GLU A 393 -17.93 -33.10 1.85
C GLU A 393 -18.49 -31.97 0.98
N ALA A 394 -19.60 -31.39 1.41
CA ALA A 394 -20.25 -30.31 0.68
C ALA A 394 -19.45 -29.03 0.79
N LEU A 395 -18.97 -28.74 2.00
CA LEU A 395 -18.17 -27.55 2.24
C LEU A 395 -16.87 -27.64 1.46
N ARG A 396 -16.20 -28.79 1.56
CA ARG A 396 -14.93 -28.99 0.86
C ARG A 396 -15.09 -28.87 -0.65
N LYS A 397 -16.26 -29.26 -1.17
CA LYS A 397 -16.52 -29.19 -2.60
C LYS A 397 -16.81 -27.75 -2.97
N ALA A 398 -17.82 -27.19 -2.32
CA ALA A 398 -18.25 -25.82 -2.56
C ALA A 398 -17.14 -24.78 -2.50
N LYS A 399 -16.32 -24.81 -1.45
CA LYS A 399 -15.27 -23.82 -1.37
C LYS A 399 -14.32 -23.98 -2.53
N GLU A 400 -14.08 -25.22 -2.91
CA GLU A 400 -13.18 -25.52 -4.02
C GLU A 400 -13.69 -24.89 -5.32
N GLU A 401 -14.98 -24.56 -5.34
CA GLU A 401 -15.58 -23.97 -6.51
C GLU A 401 -15.43 -22.46 -6.53
N GLY A 402 -14.70 -21.93 -5.55
CA GLY A 402 -14.48 -20.50 -5.48
C GLY A 402 -15.34 -19.74 -4.50
N VAL A 403 -16.26 -20.44 -3.84
CA VAL A 403 -17.13 -19.81 -2.86
C VAL A 403 -16.23 -19.18 -1.81
N GLN A 404 -16.50 -17.93 -1.47
CA GLN A 404 -15.66 -17.22 -0.50
C GLN A 404 -16.38 -16.79 0.77
N ALA A 405 -17.68 -16.98 0.82
CA ALA A 405 -18.42 -16.58 2.01
C ALA A 405 -19.76 -17.30 2.04
N VAL A 406 -20.24 -17.63 3.24
CA VAL A 406 -21.51 -18.36 3.40
C VAL A 406 -22.51 -17.60 4.22
N LEU A 407 -23.67 -17.34 3.62
CA LEU A 407 -24.74 -16.63 4.31
C LEU A 407 -25.66 -17.65 4.95
N VAL A 408 -25.52 -17.87 6.25
CA VAL A 408 -26.34 -18.87 6.94
C VAL A 408 -27.70 -18.31 7.36
N LEU A 409 -28.76 -18.81 6.72
CA LEU A 409 -30.14 -18.40 7.01
C LEU A 409 -30.78 -19.38 7.97
N THR A 410 -30.67 -19.09 9.26
CA THR A 410 -31.23 -19.98 10.27
C THR A 410 -32.02 -19.26 11.35
N PRO A 411 -32.97 -19.97 11.98
CA PRO A 411 -33.79 -19.39 13.03
C PRO A 411 -32.88 -19.05 14.20
N PRO A 412 -33.35 -18.20 15.14
CA PRO A 412 -32.55 -17.82 16.30
C PRO A 412 -31.82 -19.00 16.93
N MET A 413 -30.54 -19.14 16.58
CA MET A 413 -29.70 -20.23 17.08
C MET A 413 -29.36 -20.10 18.55
N ALA A 414 -28.91 -21.20 19.15
CA ALA A 414 -28.51 -21.16 20.54
C ALA A 414 -27.02 -20.88 20.51
N TRP A 415 -26.57 -19.94 21.33
CA TRP A 415 -25.17 -19.57 21.41
C TRP A 415 -24.19 -20.69 21.10
N GLU A 416 -24.04 -21.63 22.03
CA GLU A 416 -23.12 -22.76 21.85
C GLU A 416 -23.04 -23.34 20.42
N ASP A 417 -24.17 -23.47 19.75
CA ASP A 417 -24.20 -24.02 18.40
C ASP A 417 -23.91 -22.98 17.33
N ARG A 418 -23.90 -21.71 17.72
CA ARG A 418 -23.62 -20.66 16.76
C ARG A 418 -22.13 -20.66 16.52
N ASN A 419 -21.37 -20.76 17.60
CA ASN A 419 -19.92 -20.79 17.52
C ASN A 419 -19.51 -22.07 16.83
N ARG A 420 -20.13 -23.17 17.24
CA ARG A 420 -19.87 -24.49 16.68
C ARG A 420 -19.99 -24.46 15.17
N LEU A 421 -21.11 -23.92 14.68
CA LEU A 421 -21.38 -23.82 13.25
C LEU A 421 -20.36 -22.98 12.52
N LYS A 422 -20.12 -21.78 13.04
CA LYS A 422 -19.15 -20.89 12.44
C LYS A 422 -17.76 -21.53 12.43
N ALA A 423 -17.38 -22.10 13.57
CA ALA A 423 -16.09 -22.75 13.73
C ALA A 423 -15.86 -23.82 12.66
N LEU A 424 -16.84 -24.68 12.45
CA LEU A 424 -16.73 -25.75 11.45
C LEU A 424 -16.57 -25.15 10.05
N LEU A 425 -17.33 -24.08 9.81
CA LEU A 425 -17.29 -23.37 8.55
C LEU A 425 -15.94 -22.73 8.35
N LEU A 426 -15.44 -22.10 9.42
CA LEU A 426 -14.16 -21.42 9.36
C LEU A 426 -13.02 -22.37 9.02
N ARG A 427 -12.83 -23.41 9.84
CA ARG A 427 -11.76 -24.37 9.63
C ARG A 427 -11.52 -24.79 8.19
N GLU A 428 -12.59 -25.12 7.48
CA GLU A 428 -12.39 -25.53 6.10
C GLU A 428 -12.53 -24.36 5.14
N GLY A 429 -12.17 -23.18 5.62
CA GLY A 429 -12.15 -21.97 4.81
C GLY A 429 -13.31 -21.05 4.47
N LEU A 430 -14.46 -21.15 5.13
CA LEU A 430 -15.57 -20.27 4.74
C LEU A 430 -16.20 -19.39 5.83
N PRO A 431 -15.95 -18.07 5.78
CA PRO A 431 -16.50 -17.12 6.76
C PRO A 431 -18.01 -17.23 6.68
N SER A 432 -18.72 -16.83 7.72
CA SER A 432 -20.17 -16.94 7.67
C SER A 432 -20.98 -15.80 8.31
N GLN A 433 -21.97 -15.33 7.57
CA GLN A 433 -22.86 -14.27 8.04
C GLN A 433 -24.18 -14.92 8.45
N ILE A 434 -24.74 -14.49 9.58
CA ILE A 434 -25.98 -15.06 10.07
C ILE A 434 -27.13 -14.06 10.05
N LEU A 435 -28.28 -14.47 9.52
CA LEU A 435 -29.46 -13.61 9.58
C LEU A 435 -30.62 -14.49 10.02
N ASN A 436 -31.19 -14.18 11.19
CA ASN A 436 -32.30 -14.97 11.72
C ASN A 436 -33.35 -15.14 10.65
N VAL A 437 -34.06 -16.25 10.68
CA VAL A 437 -34.98 -16.55 9.59
C VAL A 437 -36.46 -16.18 9.52
N PRO A 438 -36.99 -15.48 10.54
CA PRO A 438 -38.41 -15.17 10.29
C PRO A 438 -38.20 -13.82 9.60
N LEU A 439 -37.71 -13.89 8.35
CA LEU A 439 -37.36 -12.73 7.54
C LEU A 439 -38.49 -12.06 6.75
N ARG A 440 -38.56 -10.75 6.87
CA ARG A 440 -39.56 -9.96 6.17
C ARG A 440 -38.79 -9.06 5.21
N GLU A 441 -39.12 -9.06 3.93
CA GLU A 441 -38.39 -8.18 3.02
C GLU A 441 -38.53 -6.75 3.49
N GLU A 442 -39.71 -6.45 4.04
CA GLU A 442 -40.00 -5.10 4.53
C GLU A 442 -38.98 -4.54 5.52
N GLU A 443 -38.11 -5.38 6.08
CA GLU A 443 -37.09 -4.89 7.02
C GLU A 443 -35.70 -4.91 6.39
N ARG A 444 -35.44 -3.89 5.57
CA ARG A 444 -34.18 -3.74 4.85
C ARG A 444 -33.03 -3.22 5.70
N HIS A 445 -33.22 -3.15 7.01
CA HIS A 445 -32.13 -2.69 7.86
C HIS A 445 -31.31 -3.90 8.32
N ARG A 446 -32.00 -5.03 8.47
CA ARG A 446 -31.36 -6.27 8.90
C ARG A 446 -30.58 -6.96 7.78
N TRP A 447 -31.26 -7.33 6.71
CA TRP A 447 -30.57 -8.02 5.64
C TRP A 447 -29.59 -7.14 4.89
N GLU A 448 -29.78 -5.82 4.97
CA GLU A 448 -28.83 -4.97 4.29
C GLU A 448 -27.55 -5.03 5.12
N ASN A 449 -27.70 -5.03 6.45
CA ASN A 449 -26.55 -5.11 7.32
C ASN A 449 -25.91 -6.46 7.11
N ALA A 450 -26.73 -7.50 7.06
CA ALA A 450 -26.23 -8.84 6.83
C ALA A 450 -25.43 -8.88 5.52
N LEU A 451 -26.03 -8.42 4.43
CA LEU A 451 -25.32 -8.40 3.16
C LEU A 451 -24.03 -7.60 3.25
N LEU A 452 -24.04 -6.57 4.10
CA LEU A 452 -22.89 -5.70 4.30
C LEU A 452 -21.72 -6.46 4.95
N GLY A 453 -22.05 -7.26 5.96
CA GLY A 453 -21.05 -8.06 6.65
C GLY A 453 -20.58 -9.17 5.75
N LEU A 454 -21.54 -9.89 5.17
CA LEU A 454 -21.31 -11.00 4.26
C LEU A 454 -20.27 -10.61 3.21
N LEU A 455 -20.45 -9.44 2.60
CA LEU A 455 -19.52 -8.96 1.61
C LEU A 455 -18.15 -8.63 2.19
N ALA A 456 -18.14 -8.14 3.42
CA ALA A 456 -16.90 -7.82 4.09
C ALA A 456 -16.15 -9.12 4.33
N LYS A 457 -16.88 -10.11 4.81
CA LYS A 457 -16.33 -11.43 5.09
C LYS A 457 -15.76 -12.04 3.82
N ALA A 458 -16.37 -11.72 2.67
CA ALA A 458 -15.88 -12.24 1.39
C ALA A 458 -14.65 -11.47 0.94
N GLY A 459 -14.35 -10.39 1.64
CA GLY A 459 -13.18 -9.59 1.32
C GLY A 459 -13.38 -8.46 0.34
N LEU A 460 -14.58 -7.89 0.31
CA LEU A 460 -14.82 -6.78 -0.61
C LEU A 460 -14.90 -5.45 0.12
N GLN A 461 -14.13 -4.48 -0.38
CA GLN A 461 -14.12 -3.14 0.20
C GLN A 461 -15.41 -2.48 -0.30
N VAL A 462 -16.28 -2.09 0.63
CA VAL A 462 -17.54 -1.45 0.28
C VAL A 462 -17.42 0.06 0.18
N VAL A 463 -16.66 0.66 1.08
CA VAL A 463 -16.48 2.10 1.09
C VAL A 463 -15.03 2.44 1.42
N ALA A 464 -14.62 3.65 1.05
CA ALA A 464 -13.27 4.12 1.33
C ALA A 464 -13.37 5.62 1.53
N LEU A 465 -12.27 6.24 1.95
CA LEU A 465 -12.24 7.68 2.17
C LEU A 465 -11.35 8.30 1.12
N SER A 466 -11.39 9.62 1.01
CA SER A 466 -10.57 10.32 0.05
C SER A 466 -10.09 11.60 0.72
N GLY A 467 -8.79 11.66 1.02
CA GLY A 467 -8.26 12.84 1.68
C GLY A 467 -6.74 12.92 1.82
N ALA A 468 -6.26 14.00 2.41
CA ALA A 468 -4.83 14.18 2.60
C ALA A 468 -4.47 13.85 4.04
N TYR A 469 -4.64 12.58 4.39
CA TYR A 469 -4.35 12.12 5.74
C TYR A 469 -2.85 11.87 5.95
N PRO A 470 -2.34 12.32 7.10
CA PRO A 470 -0.93 12.18 7.47
C PRO A 470 -0.45 10.75 7.49
N ALA A 471 -1.37 9.81 7.73
CA ALA A 471 -1.00 8.40 7.79
C ALA A 471 -1.54 7.60 6.59
N GLU A 472 -0.70 6.75 6.02
CA GLU A 472 -1.11 5.94 4.89
C GLU A 472 -1.74 4.67 5.42
N LEU A 473 -1.40 4.33 6.67
CA LEU A 473 -1.91 3.14 7.33
C LEU A 473 -2.19 3.42 8.81
N ALA A 474 -3.36 3.04 9.30
CA ALA A 474 -3.71 3.23 10.69
C ALA A 474 -4.01 1.86 11.27
N VAL A 475 -3.22 1.44 12.24
CA VAL A 475 -3.41 0.15 12.84
C VAL A 475 -3.68 0.31 14.31
N GLY A 476 -4.76 -0.30 14.78
CA GLY A 476 -5.12 -0.22 16.19
C GLY A 476 -4.87 -1.59 16.83
N PHE A 477 -4.54 -1.58 18.12
CA PHE A 477 -4.26 -2.82 18.84
C PHE A 477 -5.25 -3.10 19.98
N ASP A 478 -5.56 -4.37 20.21
CA ASP A 478 -6.45 -4.72 21.29
C ASP A 478 -5.96 -5.94 22.02
N ALA A 479 -5.69 -5.81 23.32
CA ALA A 479 -5.21 -6.91 24.15
C ALA A 479 -6.33 -7.52 24.99
N GLY A 480 -7.52 -7.62 24.42
CA GLY A 480 -8.64 -8.14 25.18
C GLY A 480 -9.03 -7.03 26.14
N GLY A 481 -9.35 -7.40 27.38
CA GLY A 481 -9.71 -6.39 28.34
C GLY A 481 -8.60 -6.33 29.36
N ARG A 482 -7.39 -6.61 28.90
CA ARG A 482 -6.26 -6.60 29.81
C ARG A 482 -5.50 -5.31 29.63
N GLU A 483 -4.49 -5.12 30.46
CA GLU A 483 -3.69 -3.92 30.41
C GLU A 483 -2.28 -4.28 30.00
N SER A 484 -2.13 -5.42 29.35
CA SER A 484 -0.81 -5.84 28.91
C SER A 484 -0.94 -6.85 27.78
N PHE A 485 -0.04 -6.76 26.82
CA PHE A 485 -0.06 -7.67 25.69
C PHE A 485 0.70 -8.95 25.97
N ARG A 486 0.83 -9.35 27.22
CA ARG A 486 1.53 -10.59 27.47
C ARG A 486 0.55 -11.76 27.49
N PHE A 487 -0.75 -11.48 27.38
CA PHE A 487 -1.71 -12.57 27.32
C PHE A 487 -2.03 -12.93 25.87
N GLY A 488 -2.87 -12.11 25.24
CA GLY A 488 -3.23 -12.38 23.86
C GLY A 488 -2.83 -11.30 22.88
N GLY A 489 -3.75 -10.37 22.62
CA GLY A 489 -3.53 -9.29 21.68
C GLY A 489 -3.88 -9.66 20.24
N ALA A 490 -4.49 -8.71 19.52
CA ALA A 490 -4.87 -8.90 18.11
C ALA A 490 -4.85 -7.52 17.45
N ALA A 491 -4.74 -7.47 16.13
CA ALA A 491 -4.71 -6.16 15.47
C ALA A 491 -5.45 -6.03 14.16
N CYS A 492 -5.79 -4.78 13.84
CA CYS A 492 -6.50 -4.45 12.62
C CYS A 492 -5.97 -3.15 12.03
N ALA A 493 -5.67 -3.17 10.74
CA ALA A 493 -5.15 -1.99 10.07
C ALA A 493 -6.11 -1.50 9.01
N VAL A 494 -5.94 -0.24 8.64
CA VAL A 494 -6.75 0.39 7.59
C VAL A 494 -5.78 1.18 6.72
N GLY A 495 -5.92 1.06 5.40
CA GLY A 495 -5.06 1.78 4.48
C GLY A 495 -5.82 2.61 3.46
N GLY A 498 -6.15 3.38 -2.75
CA GLY A 498 -6.31 2.01 -2.31
C GLY A 498 -6.56 1.89 -0.82
N GLY A 499 -7.79 1.58 -0.47
CA GLY A 499 -8.12 1.41 0.94
C GLY A 499 -8.07 -0.08 1.14
N HIS A 500 -7.51 -0.53 2.26
CA HIS A 500 -7.41 -1.95 2.55
C HIS A 500 -7.81 -2.16 4.01
N LEU A 501 -8.33 -3.34 4.31
CA LEU A 501 -8.71 -3.67 5.67
C LEU A 501 -8.18 -5.04 5.99
N LEU A 502 -7.10 -5.11 6.75
CA LEU A 502 -6.54 -6.40 7.13
C LEU A 502 -6.59 -6.60 8.63
N TRP A 503 -6.59 -7.86 9.03
CA TRP A 503 -6.62 -8.22 10.44
C TRP A 503 -5.36 -9.01 10.69
N THR A 504 -4.86 -8.98 11.91
CA THR A 504 -3.65 -9.73 12.17
C THR A 504 -3.71 -10.35 13.57
N LEU A 505 -3.48 -11.66 13.63
CA LEU A 505 -3.52 -12.41 14.88
C LEU A 505 -2.16 -12.94 15.33
N PRO A 506 -1.98 -13.12 16.65
CA PRO A 506 -0.75 -13.62 17.26
C PRO A 506 -0.25 -14.86 16.55
N GLU A 507 1.04 -14.82 16.21
CA GLU A 507 1.78 -15.85 15.47
C GLU A 507 1.45 -17.34 15.61
N ARG A 513 6.00 -15.19 27.73
CA ARG A 513 6.16 -14.40 26.53
C ARG A 513 6.07 -12.88 26.76
N ILE A 514 7.13 -12.17 26.32
CA ILE A 514 7.28 -10.73 26.45
C ILE A 514 6.30 -9.92 25.61
N PRO A 515 5.64 -8.93 26.23
CA PRO A 515 4.66 -8.09 25.53
C PRO A 515 5.22 -7.24 24.40
N GLN A 516 6.43 -6.73 24.57
CA GLN A 516 6.99 -5.90 23.53
C GLN A 516 7.19 -6.70 22.26
N GLU A 517 7.35 -8.02 22.42
CA GLU A 517 7.52 -8.89 21.28
C GLU A 517 6.18 -9.00 20.56
N VAL A 518 5.16 -9.38 21.32
CA VAL A 518 3.81 -9.51 20.80
C VAL A 518 3.44 -8.31 19.92
N VAL A 519 3.67 -7.09 20.44
CA VAL A 519 3.33 -5.87 19.71
C VAL A 519 4.11 -5.66 18.43
N TRP A 520 5.42 -5.83 18.48
CA TRP A 520 6.21 -5.64 17.28
C TRP A 520 5.85 -6.74 16.32
N ASP A 521 5.29 -7.83 16.84
CA ASP A 521 4.90 -8.92 15.95
C ASP A 521 3.54 -8.70 15.32
N LEU A 522 2.66 -7.97 15.99
CA LEU A 522 1.36 -7.70 15.41
C LEU A 522 1.61 -6.64 14.37
N LEU A 523 2.57 -5.76 14.68
CA LEU A 523 2.90 -4.68 13.78
C LEU A 523 3.61 -5.11 12.52
N GLU A 524 4.66 -5.93 12.68
CA GLU A 524 5.41 -6.38 11.52
C GLU A 524 4.48 -7.05 10.53
N GLU A 525 3.83 -8.12 10.96
CA GLU A 525 2.90 -8.82 10.08
C GLU A 525 1.96 -7.85 9.39
N THR A 526 1.45 -6.86 10.12
CA THR A 526 0.57 -5.90 9.49
C THR A 526 1.31 -5.19 8.38
N LEU A 527 2.58 -4.89 8.62
CA LEU A 527 3.34 -4.23 7.59
C LEU A 527 3.57 -5.17 6.40
N TRP A 528 3.83 -6.44 6.68
CA TRP A 528 4.05 -7.43 5.62
C TRP A 528 2.82 -7.63 4.73
N ALA A 529 1.66 -7.84 5.35
CA ALA A 529 0.43 -8.03 4.61
C ALA A 529 0.16 -6.78 3.78
N PHE A 530 0.40 -5.63 4.38
CA PHE A 530 0.19 -4.38 3.67
C PHE A 530 1.13 -4.31 2.47
N ARG A 531 2.37 -4.75 2.65
CA ARG A 531 3.32 -4.69 1.56
C ARG A 531 2.88 -5.62 0.43
N ARG A 532 2.15 -6.67 0.76
CA ARG A 532 1.71 -7.60 -0.28
C ARG A 532 0.55 -7.02 -1.09
N LYS A 533 -0.44 -6.46 -0.40
CA LYS A 533 -1.61 -5.88 -1.05
C LYS A 533 -1.40 -4.52 -1.71
N ALA A 534 -0.42 -3.74 -1.26
CA ALA A 534 -0.19 -2.41 -1.82
C ALA A 534 1.12 -2.27 -2.58
N GLY A 535 1.89 -3.35 -2.60
CA GLY A 535 3.18 -3.35 -3.29
C GLY A 535 4.19 -2.44 -2.63
N ARG A 536 3.74 -1.75 -1.60
CA ARG A 536 4.60 -0.81 -0.92
C ARG A 536 4.43 -0.82 0.59
N LEU A 537 5.44 -0.28 1.25
CA LEU A 537 5.42 -0.16 2.68
C LEU A 537 4.87 1.24 2.84
N PRO A 538 4.25 1.54 3.97
CA PRO A 538 3.69 2.89 4.15
C PRO A 538 4.75 3.91 4.52
N SER A 539 4.45 5.16 4.23
CA SER A 539 5.36 6.25 4.53
C SER A 539 5.26 6.56 6.02
N ARG A 540 4.02 6.58 6.52
CA ARG A 540 3.74 6.88 7.91
C ARG A 540 2.63 5.96 8.43
N VAL A 541 2.79 5.42 9.63
CA VAL A 541 1.76 4.56 10.23
C VAL A 541 1.17 5.24 11.44
N LEU A 542 -0.13 5.10 11.64
CA LEU A 542 -0.80 5.67 12.79
C LEU A 542 -1.08 4.52 13.73
N LEU A 543 -0.46 4.55 14.91
CA LEU A 543 -0.65 3.50 15.92
C LEU A 543 -1.71 3.88 16.95
N LEU A 544 -2.77 3.07 17.03
CA LEU A 544 -3.86 3.33 17.96
C LEU A 544 -3.98 2.19 18.99
N ARG A 545 -3.90 2.53 20.26
CA ARG A 545 -3.99 1.54 21.33
C ARG A 545 -4.87 2.02 22.48
N ASP A 546 -5.24 1.11 23.39
CA ASP A 546 -6.06 1.47 24.53
C ASP A 546 -5.16 2.05 25.61
N GLY A 547 -5.46 3.28 26.00
CA GLY A 547 -4.69 3.99 27.00
C GLY A 547 -4.26 3.21 28.22
N ARG A 548 -5.10 2.30 28.70
CA ARG A 548 -4.70 1.55 29.87
C ARG A 548 -3.77 0.42 29.54
N VAL A 549 -2.69 0.77 28.85
CA VAL A 549 -1.66 -0.17 28.45
C VAL A 549 -0.30 0.55 28.53
N PRO A 550 0.61 0.07 29.38
CA PRO A 550 1.91 0.76 29.45
C PRO A 550 2.34 1.08 28.01
N GLN A 551 2.88 2.28 27.85
CA GLN A 551 3.32 2.75 26.53
C GLN A 551 4.66 2.11 26.14
N ASP A 552 5.27 1.44 27.11
CA ASP A 552 6.55 0.79 26.92
C ASP A 552 6.38 -0.46 26.07
N GLU A 553 5.15 -0.99 26.05
CA GLU A 553 4.86 -2.18 25.26
C GLU A 553 5.00 -1.85 23.77
N PHE A 554 5.30 -0.58 23.45
CA PHE A 554 5.47 -0.15 22.07
C PHE A 554 6.88 0.34 21.76
N ALA A 555 7.75 0.34 22.77
CA ALA A 555 9.14 0.76 22.60
C ALA A 555 9.80 0.01 21.45
N LEU A 556 9.83 -1.31 21.53
CA LEU A 556 10.46 -2.11 20.48
C LEU A 556 9.88 -1.86 19.11
N ALA A 557 8.57 -1.70 19.03
CA ALA A 557 7.92 -1.48 17.75
C ALA A 557 8.37 -0.16 17.13
N LEU A 558 8.57 0.85 17.98
CA LEU A 558 8.98 2.16 17.50
C LEU A 558 10.41 2.15 16.97
N GLU A 559 11.29 1.40 17.62
CA GLU A 559 12.67 1.33 17.17
C GLU A 559 12.71 0.65 15.81
N ALA A 560 11.88 -0.37 15.65
CA ALA A 560 11.82 -1.10 14.41
C ALA A 560 11.33 -0.17 13.32
N LEU A 561 10.24 0.53 13.58
CA LEU A 561 9.71 1.45 12.58
C LEU A 561 10.76 2.48 12.16
N ALA A 562 11.48 3.04 13.14
CA ALA A 562 12.50 4.01 12.84
C ALA A 562 13.64 3.31 12.12
N ARG A 563 13.97 2.11 12.59
CA ARG A 563 15.06 1.34 12.01
C ARG A 563 14.89 1.02 10.53
N GLU A 564 13.67 1.17 10.01
CA GLU A 564 13.46 0.88 8.61
C GLU A 564 12.85 2.10 7.96
N GLY A 565 13.11 3.24 8.57
CA GLY A 565 12.62 4.50 8.03
C GLY A 565 11.13 4.61 7.82
N ILE A 566 10.32 4.09 8.73
CA ILE A 566 8.87 4.19 8.61
C ILE A 566 8.34 5.20 9.62
N ALA A 567 7.76 6.29 9.12
CA ALA A 567 7.23 7.34 9.97
C ALA A 567 6.07 6.81 10.80
N TYR A 568 5.86 7.36 11.99
CA TYR A 568 4.76 6.90 12.84
C TYR A 568 4.19 7.94 13.79
N ASP A 569 3.11 7.56 14.47
CA ASP A 569 2.43 8.38 15.46
C ASP A 569 1.69 7.48 16.41
N LEU A 570 2.12 7.45 17.66
CA LEU A 570 1.45 6.62 18.66
C LEU A 570 0.44 7.50 19.37
N VAL A 571 -0.82 7.03 19.36
CA VAL A 571 -1.91 7.75 20.01
C VAL A 571 -2.74 6.82 20.91
N SER A 572 -2.76 7.10 22.21
CA SER A 572 -3.53 6.26 23.13
C SER A 572 -4.96 6.78 23.21
N VAL A 573 -5.92 5.86 23.21
CA VAL A 573 -7.32 6.23 23.29
C VAL A 573 -7.93 5.88 24.63
N ARG A 574 -8.80 6.74 25.16
CA ARG A 574 -9.44 6.50 26.45
C ARG A 574 -10.96 6.40 26.29
N LYS A 575 -11.46 5.18 26.12
CA LYS A 575 -12.87 4.95 25.93
C LYS A 575 -13.78 5.51 27.03
N SER A 576 -13.46 5.24 28.30
CA SER A 576 -14.31 5.74 29.38
C SER A 576 -13.61 6.66 30.38
N GLY A 577 -14.37 7.62 30.91
CA GLY A 577 -13.84 8.57 31.88
C GLY A 577 -12.93 9.68 31.39
N GLY A 578 -13.05 10.10 30.14
CA GLY A 578 -12.19 11.15 29.63
C GLY A 578 -12.74 12.55 29.84
N GLY A 579 -13.92 12.62 30.44
CA GLY A 579 -14.55 13.90 30.66
C GLY A 579 -15.74 14.01 29.74
N ARG A 580 -16.55 15.06 29.93
CA ARG A 580 -17.73 15.23 29.10
C ARG A 580 -17.82 16.63 28.51
N VAL A 581 -18.65 16.77 27.49
CA VAL A 581 -18.79 18.04 26.79
C VAL A 581 -20.22 18.56 26.69
N TYR A 582 -20.40 19.82 27.09
CA TYR A 582 -21.71 20.46 27.06
C TYR A 582 -21.62 21.73 26.23
N PRO A 583 -22.61 21.94 25.35
CA PRO A 583 -22.64 23.11 24.48
C PRO A 583 -22.97 24.40 25.23
N VAL A 584 -22.30 25.48 24.87
CA VAL A 584 -22.55 26.76 25.51
C VAL A 584 -23.96 27.24 25.11
N GLN A 585 -24.25 27.22 23.82
CA GLN A 585 -25.53 27.65 23.30
C GLN A 585 -25.72 26.99 21.96
N GLY A 586 -26.64 26.03 21.91
CA GLY A 586 -26.91 25.34 20.67
C GLY A 586 -26.88 23.85 20.84
N ARG A 587 -26.36 23.18 19.81
CA ARG A 587 -26.25 21.74 19.77
C ARG A 587 -24.79 21.31 19.70
N LEU A 588 -24.56 20.01 19.87
CA LEU A 588 -23.22 19.46 19.76
C LEU A 588 -23.15 18.85 18.35
N ALA A 589 -22.00 18.94 17.69
CA ALA A 589 -21.88 18.37 16.35
C ALA A 589 -20.85 17.26 16.34
N ASP A 590 -20.93 16.37 15.36
CA ASP A 590 -19.98 15.26 15.26
C ASP A 590 -18.58 15.74 14.91
N GLY A 591 -17.58 14.98 15.33
CA GLY A 591 -16.21 15.36 15.02
C GLY A 591 -15.84 16.67 15.63
N LEU A 592 -16.35 16.90 16.83
CA LEU A 592 -16.06 18.13 17.55
C LEU A 592 -14.73 17.84 18.23
N TYR A 593 -13.72 18.61 17.87
CA TYR A 593 -12.36 18.44 18.39
C TYR A 593 -12.01 19.50 19.42
N VAL A 594 -11.76 19.07 20.66
CA VAL A 594 -11.43 19.98 21.74
C VAL A 594 -9.99 19.85 22.22
N PRO A 595 -9.09 20.73 21.73
CA PRO A 595 -7.70 20.64 22.16
C PRO A 595 -7.83 20.76 23.66
N LEU A 596 -6.93 20.19 24.43
CA LEU A 596 -7.17 20.27 25.84
C LEU A 596 -5.98 20.42 26.74
N GLU A 597 -4.82 20.03 26.29
CA GLU A 597 -3.67 20.13 27.18
C GLU A 597 -2.41 19.85 26.40
N ASP A 598 -1.28 19.90 27.09
CA ASP A 598 0.03 19.67 26.49
C ASP A 598 -0.11 18.89 25.18
N LYS A 599 -0.32 17.57 25.29
CA LYS A 599 -0.44 16.72 24.12
C LYS A 599 -1.79 16.04 23.99
N THR A 600 -2.64 16.18 24.99
CA THR A 600 -3.95 15.55 24.96
C THR A 600 -5.03 16.38 24.29
N PHE A 601 -6.14 15.73 23.98
CA PHE A 601 -7.29 16.38 23.37
C PHE A 601 -8.52 15.47 23.43
N LEU A 602 -9.70 16.08 23.38
CA LEU A 602 -10.93 15.32 23.39
C LEU A 602 -11.48 15.35 21.99
N LEU A 603 -12.22 14.31 21.63
CA LEU A 603 -12.80 14.19 20.31
C LEU A 603 -14.17 13.57 20.46
N LEU A 604 -15.19 14.32 20.09
CA LEU A 604 -16.56 13.84 20.16
C LEU A 604 -16.74 13.13 18.84
N THR A 605 -17.05 11.84 18.87
CA THR A 605 -17.19 11.05 17.65
C THR A 605 -18.61 10.79 17.18
N VAL A 606 -19.52 10.64 18.12
CA VAL A 606 -20.90 10.41 17.78
C VAL A 606 -21.70 11.45 18.56
N HIS A 607 -22.57 12.17 17.86
CA HIS A 607 -23.38 13.20 18.50
C HIS A 607 -24.57 12.61 19.21
N ARG A 608 -25.33 11.80 18.55
CA ARG A 608 -26.50 11.19 19.12
C ARG A 608 -25.94 9.93 19.87
N ASP A 609 -25.07 10.24 20.81
CA ASP A 609 -24.69 9.20 21.74
C ASP A 609 -25.83 9.00 22.88
N PHE A 610 -27.11 9.12 22.44
CA PHE A 610 -28.16 8.54 23.31
C PHE A 610 -28.97 9.10 24.45
N ARG A 611 -29.72 8.17 25.05
CA ARG A 611 -30.57 8.43 26.21
C ARG A 611 -29.86 9.04 27.39
N GLY A 612 -28.53 9.03 27.32
CA GLY A 612 -27.78 9.57 28.39
C GLY A 612 -27.02 10.66 27.72
N THR A 613 -25.75 10.81 28.07
CA THR A 613 -24.95 11.84 27.51
C THR A 613 -23.71 11.33 26.79
N PRO A 614 -23.43 11.85 25.59
CA PRO A 614 -22.27 11.45 24.79
C PRO A 614 -20.99 11.36 25.61
N ARG A 615 -20.15 10.37 25.28
CA ARG A 615 -18.88 10.13 25.96
C ARG A 615 -17.74 10.35 24.97
N PRO A 616 -17.14 11.55 24.98
CA PRO A 616 -16.06 11.83 24.05
C PRO A 616 -14.82 10.98 24.30
N LEU A 617 -14.02 10.79 23.24
CA LEU A 617 -12.79 10.03 23.34
C LEU A 617 -11.71 10.96 23.87
N LYS A 618 -10.78 10.44 24.69
CA LYS A 618 -9.69 11.27 25.21
C LYS A 618 -8.39 10.74 24.62
N LEU A 619 -7.79 11.51 23.72
CA LEU A 619 -6.58 11.08 23.07
C LEU A 619 -5.30 11.76 23.52
N VAL A 620 -4.22 11.01 23.48
CA VAL A 620 -2.94 11.52 23.87
C VAL A 620 -1.91 11.15 22.82
N HIS A 621 -1.28 12.17 22.26
CA HIS A 621 -0.24 12.01 21.26
C HIS A 621 1.01 11.73 22.08
N GLU A 622 1.42 10.47 22.14
CA GLU A 622 2.57 10.11 22.93
C GLU A 622 3.86 10.02 22.17
N ALA A 623 3.75 9.89 20.85
CA ALA A 623 4.95 9.81 20.05
C ALA A 623 4.69 10.33 18.64
N GLY A 624 5.70 10.97 18.06
CA GLY A 624 5.55 11.47 16.72
C GLY A 624 5.36 12.96 16.67
N ASP A 625 5.49 13.51 15.46
CA ASP A 625 5.34 14.94 15.23
C ASP A 625 4.30 15.23 14.17
N THR A 626 3.04 15.24 14.56
CA THR A 626 1.98 15.55 13.62
C THR A 626 1.06 16.45 14.40
N PRO A 627 0.55 17.49 13.74
CA PRO A 627 -0.36 18.37 14.46
C PRO A 627 -1.49 17.57 15.10
N LEU A 628 -1.87 17.95 16.31
CA LEU A 628 -2.96 17.29 17.02
C LEU A 628 -4.21 17.37 16.17
N GLU A 629 -4.32 18.46 15.45
CA GLU A 629 -5.46 18.68 14.58
C GLU A 629 -5.42 17.70 13.43
N ALA A 630 -4.23 17.46 12.90
CA ALA A 630 -4.04 16.52 11.80
C ALA A 630 -4.51 15.13 12.24
N LEU A 631 -4.03 14.71 13.40
CA LEU A 631 -4.40 13.43 13.97
C LEU A 631 -5.91 13.36 14.22
N ALA A 632 -6.40 14.29 15.02
CA ALA A 632 -7.81 14.33 15.32
C ALA A 632 -8.57 14.06 14.03
N HIS A 633 -8.28 14.87 13.01
CA HIS A 633 -8.93 14.76 11.72
C HIS A 633 -8.98 13.35 11.16
N GLN A 634 -7.82 12.70 11.05
CA GLN A 634 -7.77 11.35 10.51
C GLN A 634 -8.52 10.36 11.38
N ILE A 635 -8.28 10.42 12.68
CA ILE A 635 -8.90 9.55 13.66
C ILE A 635 -10.44 9.63 13.63
N PHE A 636 -10.95 10.85 13.48
CA PHE A 636 -12.40 11.06 13.42
C PHE A 636 -12.99 10.44 12.16
N HIS A 637 -12.22 10.49 11.09
CA HIS A 637 -12.66 9.97 9.83
C HIS A 637 -12.61 8.47 9.79
N LEU A 638 -11.61 7.87 10.43
CA LEU A 638 -11.48 6.41 10.45
C LEU A 638 -12.74 5.79 11.03
N THR A 639 -13.46 6.61 11.79
CA THR A 639 -14.70 6.26 12.43
C THR A 639 -15.81 5.84 11.46
N ARG A 640 -15.88 6.48 10.31
CA ARG A 640 -16.92 6.17 9.34
C ARG A 640 -16.47 5.08 8.36
N LEU A 641 -15.35 4.46 8.69
CA LEU A 641 -14.77 3.45 7.83
C LEU A 641 -15.07 1.99 8.22
N TYR A 642 -16.14 1.77 9.00
CA TYR A 642 -16.50 0.44 9.47
C TYR A 642 -17.58 -0.27 8.62
N PRO A 643 -17.20 -1.35 7.89
CA PRO A 643 -18.03 -2.19 7.02
C PRO A 643 -19.41 -2.65 7.48
N ALA A 644 -19.52 -3.21 8.68
CA ALA A 644 -20.82 -3.65 9.20
C ALA A 644 -21.54 -2.43 9.79
N SER A 645 -22.83 -2.56 10.07
CA SER A 645 -23.56 -1.42 10.61
C SER A 645 -23.52 -0.28 9.59
N GLY A 646 -24.30 -0.43 8.51
CA GLY A 646 -24.33 0.60 7.50
C GLY A 646 -25.38 1.66 7.80
N PHE A 647 -25.68 1.83 9.07
CA PHE A 647 -26.69 2.81 9.50
C PHE A 647 -26.29 3.52 10.78
N ALA A 648 -25.14 3.16 11.33
CA ALA A 648 -24.67 3.79 12.55
C ALA A 648 -23.16 3.73 12.56
N PHE A 649 -22.52 4.83 12.94
CA PHE A 649 -21.06 4.84 12.99
C PHE A 649 -20.55 4.56 14.40
N PRO A 650 -19.42 3.84 14.49
CA PRO A 650 -18.77 3.48 15.74
C PRO A 650 -18.20 4.73 16.42
N ARG A 651 -18.08 4.70 17.73
CA ARG A 651 -17.52 5.82 18.48
C ARG A 651 -16.01 5.76 18.25
N LEU A 652 -15.48 4.55 18.16
CA LEU A 652 -14.05 4.38 17.93
C LEU A 652 -13.71 4.28 16.47
N PRO A 653 -12.43 4.48 16.16
CA PRO A 653 -11.93 4.41 14.78
C PRO A 653 -12.01 2.97 14.33
N ALA A 654 -12.37 2.76 13.07
CA ALA A 654 -12.47 1.43 12.51
C ALA A 654 -11.42 0.46 13.05
N PRO A 655 -10.12 0.85 13.04
CA PRO A 655 -9.01 0.03 13.52
C PRO A 655 -9.20 -0.53 14.92
N LEU A 656 -9.49 0.33 15.89
CA LEU A 656 -9.72 -0.10 17.25
C LEU A 656 -11.04 -0.88 17.41
N HIS A 657 -12.05 -0.48 16.65
CA HIS A 657 -13.34 -1.16 16.70
C HIS A 657 -13.23 -2.57 16.13
N LEU A 658 -12.48 -2.71 15.05
CA LEU A 658 -12.31 -4.01 14.42
C LEU A 658 -11.45 -4.95 15.23
N ALA A 659 -10.45 -4.41 15.92
CA ALA A 659 -9.57 -5.23 16.74
C ALA A 659 -10.37 -5.77 17.91
N ASP A 660 -11.31 -4.99 18.42
CA ASP A 660 -12.14 -5.45 19.53
C ASP A 660 -13.01 -6.62 19.15
N ARG A 661 -13.50 -6.62 17.92
CA ARG A 661 -14.33 -7.71 17.46
C ARG A 661 -13.42 -8.85 17.13
N LEU A 662 -12.29 -8.56 16.49
CA LEU A 662 -11.34 -9.60 16.14
C LEU A 662 -10.95 -10.41 17.37
N VAL A 663 -10.82 -9.75 18.52
CA VAL A 663 -10.44 -10.45 19.74
C VAL A 663 -11.65 -11.18 20.29
N LYS A 664 -12.72 -10.44 20.52
CA LYS A 664 -13.93 -11.07 21.04
C LYS A 664 -14.25 -12.40 20.33
N GLU A 665 -14.32 -12.39 19.01
CA GLU A 665 -14.65 -13.60 18.26
C GLU A 665 -13.59 -14.67 18.27
N VAL A 666 -12.33 -14.26 18.43
CA VAL A 666 -11.24 -15.23 18.44
C VAL A 666 -11.37 -16.05 19.71
N GLY A 667 -12.08 -15.49 20.70
CA GLY A 667 -12.31 -16.16 21.96
C GLY A 667 -13.66 -16.85 21.95
N ARG A 668 -14.61 -16.24 21.26
CA ARG A 668 -15.95 -16.80 21.13
C ARG A 668 -15.79 -18.19 20.52
N LEU A 669 -15.05 -18.24 19.43
CA LEU A 669 -14.80 -19.48 18.70
C LEU A 669 -13.54 -20.20 19.22
N GLY A 670 -12.79 -19.52 20.09
CA GLY A 670 -11.57 -20.14 20.62
C GLY A 670 -10.55 -20.56 19.58
N ILE A 671 -10.59 -19.93 18.41
CA ILE A 671 -9.65 -20.27 17.34
C ILE A 671 -8.22 -19.95 17.73
N ARG A 672 -7.35 -20.95 17.56
CA ARG A 672 -5.93 -20.80 17.87
C ARG A 672 -5.32 -19.93 16.76
N HIS A 673 -5.66 -20.25 15.51
CA HIS A 673 -5.21 -19.48 14.35
C HIS A 673 -5.74 -20.08 13.04
N LEU A 674 -5.87 -19.23 12.03
CA LEU A 674 -6.38 -19.64 10.72
C LEU A 674 -5.31 -19.65 9.61
N LYS A 675 -5.13 -20.82 8.98
CA LYS A 675 -4.14 -21.06 7.89
C LYS A 675 -4.61 -20.13 6.84
N GLU A 676 -5.52 -20.55 6.02
CA GLU A 676 -5.98 -19.37 5.50
C GLU A 676 -7.36 -19.01 5.32
N VAL A 677 -7.47 -17.84 5.98
CA VAL A 677 -8.51 -16.92 5.68
C VAL A 677 -7.71 -15.76 5.38
N ASP A 678 -7.76 -15.60 4.08
CA ASP A 678 -7.10 -14.50 3.51
C ASP A 678 -7.50 -13.37 4.40
N ARG A 679 -6.50 -12.65 4.89
CA ARG A 679 -6.72 -11.55 5.81
C ARG A 679 -7.66 -10.40 5.41
N GLU A 680 -7.98 -10.29 4.11
CA GLU A 680 -8.87 -9.25 3.62
C GLU A 680 -10.30 -9.64 3.98
N LYS A 681 -10.46 -10.92 4.30
CA LYS A 681 -11.74 -11.47 4.66
C LYS A 681 -12.01 -11.18 6.12
N LEU A 682 -12.89 -10.22 6.39
CA LEU A 682 -13.22 -9.86 7.76
C LEU A 682 -14.29 -10.81 8.34
N PHE A 683 -13.84 -11.99 8.72
CA PHE A 683 -14.71 -13.01 9.29
C PHE A 683 -15.31 -12.69 10.66
N PHE A 684 -14.66 -11.81 11.38
CA PHE A 684 -15.09 -11.48 12.74
C PHE A 684 -16.13 -10.38 12.95
N VAL A 685 -16.52 -9.67 11.90
CA VAL A 685 -17.51 -8.61 12.09
C VAL A 685 -18.93 -9.16 12.24
N MET B 1 11.24 -3.90 4.96
CA MET B 1 12.11 -4.77 5.76
C MET B 1 12.76 -5.70 4.77
N ASN B 2 12.87 -5.13 3.59
CA ASN B 2 13.71 -5.79 2.62
C ASN B 2 14.82 -4.77 2.57
N HIS B 3 14.81 -4.05 3.71
CA HIS B 3 15.63 -2.96 4.14
C HIS B 3 15.59 -1.83 3.14
N LEU B 4 16.58 -0.96 3.10
CA LEU B 4 16.44 0.10 2.12
C LEU B 4 17.74 0.82 2.03
N GLY B 5 17.73 2.06 1.58
CA GLY B 5 18.97 2.79 1.43
C GLY B 5 18.54 4.07 0.79
N LYS B 6 17.67 4.74 1.54
CA LYS B 6 17.07 6.00 1.18
C LYS B 6 18.11 7.02 0.75
N THR B 7 17.73 7.81 -0.25
CA THR B 7 18.53 8.89 -0.81
C THR B 7 17.51 9.84 -1.43
N GLU B 8 17.91 11.05 -1.77
CA GLU B 8 16.94 11.95 -2.37
C GLU B 8 17.43 12.31 -3.74
N VAL B 9 16.51 12.43 -4.67
CA VAL B 9 16.89 12.72 -6.02
C VAL B 9 15.99 13.82 -6.61
N PHE B 10 16.45 14.49 -7.66
CA PHE B 10 15.62 15.52 -8.30
C PHE B 10 14.88 14.95 -9.47
N LEU B 11 13.63 15.33 -9.65
CA LEU B 11 12.91 14.82 -10.78
C LEU B 11 12.78 15.86 -11.87
N ASN B 12 12.59 15.32 -13.06
CA ASN B 12 12.41 16.04 -14.30
C ASN B 12 11.16 16.91 -14.13
N ARG B 13 10.69 17.03 -12.89
CA ARG B 13 9.44 17.74 -12.63
C ARG B 13 9.53 19.02 -11.81
N PHE B 14 8.50 19.86 -11.96
CA PHE B 14 8.41 21.14 -11.25
C PHE B 14 6.98 21.46 -10.85
N ALA B 15 6.79 21.84 -9.59
CA ALA B 15 5.49 22.20 -9.10
C ALA B 15 5.28 23.70 -9.34
N LEU B 16 4.15 24.05 -9.95
CA LEU B 16 3.83 25.44 -10.26
C LEU B 16 2.75 25.94 -9.29
N ARG B 17 2.26 27.16 -9.49
CA ARG B 17 1.26 27.72 -8.60
C ARG B 17 0.06 26.80 -8.37
N PRO B 18 -0.69 27.02 -7.29
CA PRO B 18 -1.87 26.21 -6.97
C PRO B 18 -3.02 26.62 -7.87
N LEU B 19 -3.93 25.69 -8.17
CA LEU B 19 -5.09 26.00 -9.03
C LEU B 19 -6.03 26.96 -8.32
N ASN B 20 -6.40 28.05 -8.99
CA ASN B 20 -7.31 29.02 -8.37
C ASN B 20 -8.71 28.45 -8.32
N PRO B 21 -9.58 29.07 -7.52
CA PRO B 21 -10.96 28.62 -7.37
C PRO B 21 -11.76 28.44 -8.66
N GLU B 22 -11.43 29.18 -9.70
CA GLU B 22 -12.15 29.04 -10.95
C GLU B 22 -11.71 27.80 -11.70
N GLU B 23 -10.56 27.25 -11.33
CA GLU B 23 -10.06 26.07 -11.99
C GLU B 23 -10.52 24.82 -11.29
N LEU B 24 -10.78 24.92 -10.00
CA LEU B 24 -11.26 23.76 -9.25
C LEU B 24 -12.74 23.52 -9.56
N ARG B 25 -13.43 24.55 -10.04
CA ARG B 25 -14.84 24.42 -10.37
C ARG B 25 -15.05 24.59 -11.88
N PRO B 26 -14.80 23.53 -12.66
CA PRO B 26 -14.98 23.61 -14.11
C PRO B 26 -16.44 23.49 -14.47
N TRP B 27 -16.78 23.80 -15.71
CA TRP B 27 -18.18 23.68 -16.12
C TRP B 27 -18.49 22.19 -16.24
N ARG B 28 -19.69 21.82 -15.84
CA ARG B 28 -20.11 20.44 -15.93
C ARG B 28 -21.14 20.39 -17.04
N LEU B 29 -21.04 19.40 -17.90
CA LEU B 29 -22.01 19.29 -18.99
C LEU B 29 -22.67 17.93 -19.10
N GLU B 30 -23.99 17.94 -19.24
CA GLU B 30 -24.74 16.71 -19.39
C GLU B 30 -24.70 16.35 -20.87
N VAL B 31 -24.61 15.06 -21.17
CA VAL B 31 -24.57 14.66 -22.56
C VAL B 31 -25.84 13.88 -22.91
N VAL B 32 -26.31 14.06 -24.13
CA VAL B 32 -27.50 13.37 -24.63
C VAL B 32 -27.10 12.75 -25.96
N LEU B 33 -27.19 11.43 -26.05
CA LEU B 33 -26.83 10.76 -27.29
C LEU B 33 -28.01 10.10 -27.97
N ASP B 34 -28.05 10.20 -29.29
CA ASP B 34 -29.11 9.62 -30.10
C ASP B 34 -28.49 8.84 -31.26
N PRO B 35 -28.72 7.51 -31.31
CA PRO B 35 -29.49 6.66 -30.40
C PRO B 35 -28.78 6.28 -29.10
N PRO B 36 -29.54 6.03 -28.03
CA PRO B 36 -29.00 5.66 -26.71
C PRO B 36 -27.94 4.57 -26.82
N PRO B 37 -26.74 4.83 -26.26
CA PRO B 37 -25.61 3.91 -26.28
C PRO B 37 -25.75 2.64 -25.43
N GLY B 38 -24.75 1.77 -25.51
CA GLY B 38 -24.76 0.54 -24.74
C GLY B 38 -23.57 0.56 -23.79
N ARG B 39 -23.84 0.46 -22.50
CA ARG B 39 -22.81 0.48 -21.45
C ARG B 39 -21.34 0.50 -21.89
N GLU B 40 -20.88 -0.55 -22.58
CA GLU B 40 -19.48 -0.62 -23.00
C GLU B 40 -19.07 0.28 -24.18
N GLU B 41 -19.82 1.34 -24.43
CA GLU B 41 -19.49 2.27 -25.51
C GLU B 41 -19.77 3.72 -25.09
N VAL B 42 -20.36 3.91 -23.92
CA VAL B 42 -20.66 5.27 -23.45
C VAL B 42 -19.37 6.03 -23.23
N TYR B 43 -18.55 5.60 -22.28
CA TYR B 43 -17.28 6.26 -21.98
C TYR B 43 -16.48 6.70 -23.20
N PRO B 44 -16.19 5.77 -24.10
CA PRO B 44 -15.43 6.13 -25.30
C PRO B 44 -16.14 7.20 -26.12
N LEU B 45 -17.46 7.11 -26.17
CA LEU B 45 -18.26 8.09 -26.92
C LEU B 45 -18.16 9.49 -26.32
N LEU B 46 -18.25 9.58 -25.00
CA LEU B 46 -18.18 10.86 -24.32
C LEU B 46 -16.84 11.53 -24.59
N ALA B 47 -15.78 10.73 -24.56
CA ALA B 47 -14.43 11.22 -24.79
C ALA B 47 -14.28 11.78 -26.19
N GLN B 48 -14.81 11.07 -27.18
CA GLN B 48 -14.71 11.54 -28.57
C GLN B 48 -15.50 12.84 -28.63
N VAL B 49 -16.65 12.85 -27.96
CA VAL B 49 -17.50 14.03 -27.92
C VAL B 49 -16.66 15.18 -27.37
N ALA B 50 -16.16 15.00 -26.14
CA ALA B 50 -15.36 16.01 -25.50
C ALA B 50 -14.31 16.55 -26.47
N ARG B 51 -13.68 15.64 -27.22
CA ARG B 51 -12.64 15.97 -28.18
C ARG B 51 -13.21 16.54 -29.47
N ARG B 52 -14.52 16.38 -29.65
CA ARG B 52 -15.17 16.85 -30.86
C ARG B 52 -15.86 18.20 -30.68
N ALA B 53 -15.61 18.86 -29.56
CA ALA B 53 -16.23 20.15 -29.33
C ALA B 53 -15.34 20.93 -28.40
N GLY B 54 -15.58 22.24 -28.33
CA GLY B 54 -14.78 23.07 -27.45
C GLY B 54 -13.30 22.69 -27.40
N GLY B 55 -12.57 23.39 -26.55
CA GLY B 55 -11.15 23.14 -26.43
C GLY B 55 -10.79 22.34 -25.20
N VAL B 56 -10.62 23.04 -24.07
CA VAL B 56 -10.26 22.39 -22.84
C VAL B 56 -11.44 21.66 -22.20
N THR B 57 -11.77 20.51 -22.78
CA THR B 57 -12.88 19.72 -22.29
C THR B 57 -12.55 18.22 -22.33
N VAL B 58 -12.86 17.53 -21.22
CA VAL B 58 -12.61 16.11 -21.05
C VAL B 58 -13.85 15.44 -20.48
N ARG B 59 -13.89 14.11 -20.53
CA ARG B 59 -15.03 13.37 -19.97
C ARG B 59 -14.93 13.32 -18.45
N MET B 60 -16.07 13.44 -17.78
CA MET B 60 -16.10 13.38 -16.32
C MET B 60 -17.15 12.35 -15.98
N GLY B 61 -16.78 11.09 -16.10
CA GLY B 61 -17.71 10.03 -15.80
C GLY B 61 -18.82 9.94 -16.83
N ASP B 62 -20.04 10.27 -16.42
CA ASP B 62 -21.19 10.20 -17.31
C ASP B 62 -21.37 11.42 -18.20
N GLY B 63 -20.62 12.48 -17.92
CA GLY B 63 -20.73 13.68 -18.74
C GLY B 63 -19.39 14.27 -19.13
N LEU B 64 -19.34 15.58 -19.26
CA LEU B 64 -18.11 16.23 -19.65
C LEU B 64 -17.73 17.33 -18.69
N ALA B 65 -16.42 17.54 -18.56
CA ALA B 65 -15.89 18.61 -17.72
C ALA B 65 -15.14 19.55 -18.67
N SER B 66 -15.44 20.84 -18.60
CA SER B 66 -14.80 21.81 -19.48
C SER B 66 -14.23 22.98 -18.70
N TRP B 67 -13.11 23.52 -19.19
CA TRP B 67 -12.47 24.65 -18.55
C TRP B 67 -12.79 25.90 -19.35
N SER B 68 -13.53 25.71 -20.43
CA SER B 68 -13.94 26.81 -21.28
C SER B 68 -15.47 26.95 -21.26
N PRO B 69 -15.98 28.19 -21.26
CA PRO B 69 -17.41 28.47 -21.24
C PRO B 69 -18.17 27.80 -22.37
N PRO B 70 -19.44 27.42 -22.11
CA PRO B 70 -20.36 26.76 -23.04
C PRO B 70 -20.41 27.41 -24.41
N GLU B 71 -20.30 28.74 -24.41
CA GLU B 71 -20.33 29.53 -25.63
C GLU B 71 -19.19 29.12 -26.56
N VAL B 72 -18.09 28.68 -26.00
CA VAL B 72 -16.95 28.27 -26.79
C VAL B 72 -17.19 26.88 -27.39
N LEU B 73 -17.65 25.96 -26.57
CA LEU B 73 -17.92 24.60 -26.99
C LEU B 73 -19.02 24.55 -28.05
N VAL B 74 -19.07 23.46 -28.79
CA VAL B 74 -20.07 23.27 -29.83
C VAL B 74 -21.17 22.35 -29.27
N LEU B 75 -21.98 22.89 -28.37
CA LEU B 75 -23.07 22.18 -27.70
C LEU B 75 -23.79 21.06 -28.48
N GLU B 76 -24.43 21.41 -29.58
CA GLU B 76 -25.14 20.44 -30.40
C GLU B 76 -24.19 19.96 -31.48
N GLY B 77 -24.44 18.78 -32.04
CA GLY B 77 -23.55 18.29 -33.06
C GLY B 77 -23.81 16.84 -33.44
N THR B 78 -22.87 16.28 -34.18
CA THR B 78 -22.99 14.90 -34.65
C THR B 78 -21.67 14.29 -35.06
N LEU B 79 -21.58 12.98 -34.92
CA LEU B 79 -20.43 12.23 -35.37
C LEU B 79 -20.67 10.76 -35.28
N ALA B 80 -20.06 10.04 -36.22
CA ALA B 80 -20.19 8.60 -36.31
C ALA B 80 -19.07 7.92 -35.53
N ARG B 81 -19.31 6.66 -35.20
CA ARG B 81 -18.35 5.87 -34.48
C ARG B 81 -18.81 4.43 -34.53
N MET B 82 -18.25 3.69 -35.47
CA MET B 82 -18.57 2.29 -35.68
C MET B 82 -19.74 2.22 -36.65
N GLY B 83 -19.74 3.12 -37.62
CA GLY B 83 -20.80 3.15 -38.61
C GLY B 83 -22.09 3.70 -38.05
N GLN B 84 -22.24 3.62 -36.73
CA GLN B 84 -23.43 4.14 -36.07
C GLN B 84 -23.20 5.62 -35.83
N THR B 85 -23.91 6.45 -36.59
CA THR B 85 -23.78 7.89 -36.41
C THR B 85 -24.60 8.26 -35.16
N TYR B 86 -24.06 9.15 -34.34
CA TYR B 86 -24.76 9.58 -33.12
C TYR B 86 -25.01 11.07 -33.14
N ALA B 87 -26.08 11.48 -32.47
CA ALA B 87 -26.41 12.88 -32.36
C ALA B 87 -26.14 13.27 -30.92
N TYR B 88 -25.04 13.99 -30.68
CA TYR B 88 -24.73 14.39 -29.33
C TYR B 88 -25.44 15.70 -29.05
N ARG B 89 -25.32 16.16 -27.81
CA ARG B 89 -25.97 17.39 -27.40
C ARG B 89 -25.60 17.62 -25.95
N LEU B 90 -24.96 18.75 -25.69
CA LEU B 90 -24.54 19.07 -24.33
C LEU B 90 -25.48 20.03 -23.62
N TYR B 91 -25.46 19.99 -22.30
CA TYR B 91 -26.31 20.86 -21.49
C TYR B 91 -25.54 21.45 -20.32
N PRO B 92 -25.09 22.69 -20.46
CA PRO B 92 -24.37 23.30 -19.35
C PRO B 92 -25.20 23.12 -18.09
N LYS B 93 -24.59 22.55 -17.06
CA LYS B 93 -25.27 22.31 -15.80
C LYS B 93 -24.47 22.86 -14.64
N GLY B 94 -24.20 24.16 -14.69
CA GLY B 94 -23.45 24.83 -13.65
C GLY B 94 -21.98 24.42 -13.55
N ARG B 95 -21.40 24.69 -12.39
CA ARG B 95 -20.00 24.37 -12.14
C ARG B 95 -19.92 23.38 -11.00
N ARG B 96 -19.12 22.34 -11.20
CA ARG B 96 -18.95 21.32 -10.19
C ARG B 96 -17.55 21.42 -9.63
N PRO B 97 -17.41 21.68 -8.32
CA PRO B 97 -16.12 21.80 -7.64
C PRO B 97 -15.40 20.44 -7.49
N LEU B 98 -14.17 20.37 -7.99
CA LEU B 98 -13.37 19.15 -7.92
C LEU B 98 -12.33 19.17 -6.79
N ASP B 99 -12.03 17.99 -6.24
CA ASP B 99 -11.07 17.91 -5.15
C ASP B 99 -9.80 17.15 -5.52
N PRO B 100 -8.68 17.87 -5.62
CA PRO B 100 -7.38 17.29 -5.95
C PRO B 100 -7.07 16.10 -5.07
N LYS B 101 -7.59 16.12 -3.84
CA LYS B 101 -7.34 15.04 -2.90
C LYS B 101 -8.07 13.74 -3.21
N ASP B 102 -9.14 13.82 -3.98
CA ASP B 102 -9.83 12.59 -4.33
C ASP B 102 -9.24 12.11 -5.65
N PRO B 103 -8.70 10.89 -5.67
CA PRO B 103 -8.09 10.30 -6.87
C PRO B 103 -8.99 10.46 -8.08
N GLY B 104 -10.28 10.31 -7.85
CA GLY B 104 -11.25 10.42 -8.92
C GLY B 104 -11.33 11.79 -9.53
N GLU B 105 -11.77 12.76 -8.74
CA GLU B 105 -11.93 14.15 -9.21
C GLU B 105 -10.65 14.72 -9.74
N ARG B 106 -9.57 14.10 -9.35
CA ARG B 106 -8.28 14.59 -9.75
C ARG B 106 -7.92 14.27 -11.19
N SER B 107 -8.11 13.02 -11.57
CA SER B 107 -7.84 12.57 -12.92
C SER B 107 -8.49 13.55 -13.88
N VAL B 108 -9.68 14.03 -13.49
CA VAL B 108 -10.40 15.00 -14.30
C VAL B 108 -9.60 16.31 -14.41
N LEU B 109 -9.16 16.84 -13.28
CA LEU B 109 -8.37 18.06 -13.29
C LEU B 109 -7.09 17.84 -14.10
N SER B 110 -6.42 16.71 -13.91
CA SER B 110 -5.20 16.47 -14.68
C SER B 110 -5.51 16.47 -16.17
N ALA B 111 -6.52 15.72 -16.57
CA ALA B 111 -6.86 15.66 -17.99
C ALA B 111 -7.06 17.06 -18.49
N LEU B 112 -7.82 17.86 -17.73
CA LEU B 112 -8.08 19.24 -18.11
C LEU B 112 -6.77 19.98 -18.32
N ALA B 113 -5.87 19.83 -17.36
CA ALA B 113 -4.59 20.51 -17.42
C ALA B 113 -3.83 20.11 -18.67
N ARG B 114 -3.88 18.82 -19.00
CA ARG B 114 -3.18 18.32 -20.18
C ARG B 114 -3.82 18.84 -21.46
N ARG B 115 -5.13 19.04 -21.40
CA ARG B 115 -5.85 19.54 -22.56
C ARG B 115 -5.56 21.04 -22.65
N LEU B 116 -5.32 21.68 -21.51
CA LEU B 116 -5.04 23.11 -21.51
C LEU B 116 -3.68 23.39 -22.11
N LEU B 117 -2.71 22.56 -21.75
CA LEU B 117 -1.35 22.71 -22.23
C LEU B 117 -1.32 22.58 -23.72
N GLN B 118 -2.18 21.74 -24.26
CA GLN B 118 -2.21 21.53 -25.69
C GLN B 118 -2.81 22.70 -26.45
N GLU B 119 -3.79 23.36 -25.86
CA GLU B 119 -4.42 24.49 -26.53
C GLU B 119 -3.57 25.74 -26.36
N ARG B 120 -2.86 25.82 -25.24
CA ARG B 120 -2.01 26.96 -24.98
C ARG B 120 -0.79 26.93 -25.89
N LEU B 121 -0.15 25.77 -26.00
CA LEU B 121 1.03 25.63 -26.85
C LEU B 121 0.69 25.85 -28.30
N ARG B 122 -0.39 25.20 -28.72
CA ARG B 122 -0.85 25.28 -30.09
C ARG B 122 -1.06 26.67 -30.65
N ARG B 123 -1.17 27.67 -29.77
CA ARG B 123 -1.40 29.06 -30.16
C ARG B 123 -0.27 29.98 -29.70
N LEU B 124 0.81 29.37 -29.25
CA LEU B 124 1.93 30.14 -28.75
C LEU B 124 2.61 30.85 -29.92
N GLU B 125 3.10 32.06 -29.67
CA GLU B 125 3.77 32.85 -30.71
C GLU B 125 5.28 32.79 -30.56
N GLY B 126 5.96 32.84 -31.70
CA GLY B 126 7.41 32.81 -31.71
C GLY B 126 7.95 31.46 -31.30
N VAL B 127 7.25 30.42 -31.72
CA VAL B 127 7.61 29.06 -31.37
C VAL B 127 7.06 28.00 -32.34
N TRP B 128 7.86 26.96 -32.60
CA TRP B 128 7.39 25.89 -33.47
C TRP B 128 6.93 24.78 -32.54
N VAL B 129 5.65 24.45 -32.63
CA VAL B 129 5.03 23.43 -31.79
C VAL B 129 4.70 22.11 -32.51
N GLU B 130 4.69 21.02 -31.75
CA GLU B 130 4.34 19.73 -32.33
C GLU B 130 3.86 18.85 -31.19
N GLY B 131 2.56 18.91 -30.95
CA GLY B 131 1.98 18.14 -29.88
C GLY B 131 2.28 18.80 -28.56
N LEU B 132 2.97 18.09 -27.67
CA LEU B 132 3.31 18.67 -26.38
C LEU B 132 4.77 19.10 -26.39
N ALA B 133 5.35 19.25 -27.57
CA ALA B 133 6.75 19.67 -27.68
C ALA B 133 6.85 21.06 -28.28
N VAL B 134 7.59 21.93 -27.61
CA VAL B 134 7.78 23.29 -28.07
C VAL B 134 9.20 23.35 -28.58
N TYR B 135 9.41 24.13 -29.62
CA TYR B 135 10.73 24.32 -30.20
C TYR B 135 10.98 25.81 -30.27
N ARG B 136 12.12 26.23 -29.71
CA ARG B 136 12.45 27.64 -29.61
C ARG B 136 13.58 28.21 -30.43
N ARG B 137 14.56 27.40 -30.78
CA ARG B 137 15.63 27.95 -31.56
C ARG B 137 16.31 26.95 -32.44
N GLU B 138 17.03 27.45 -33.44
CA GLU B 138 17.73 26.55 -34.32
C GLU B 138 19.05 26.19 -33.68
N HIS B 139 19.45 24.95 -33.86
CA HIS B 139 20.66 24.44 -33.24
C HIS B 139 21.79 24.05 -34.18
N ALA B 140 21.43 23.55 -35.35
CA ALA B 140 22.38 23.14 -36.37
C ALA B 140 21.60 23.17 -37.67
N ARG B 141 22.29 23.48 -38.76
CA ARG B 141 21.67 23.51 -40.07
C ARG B 141 22.66 22.94 -41.08
N GLY B 142 22.14 22.24 -42.06
CA GLY B 142 22.99 21.66 -43.07
C GLY B 142 22.38 21.99 -44.41
N PRO B 143 22.79 21.30 -45.48
CA PRO B 143 22.24 21.55 -46.82
C PRO B 143 20.88 20.87 -47.02
N GLY B 144 19.81 21.64 -46.78
CA GLY B 144 18.45 21.11 -46.94
C GLY B 144 17.82 20.49 -45.71
N TRP B 145 18.43 20.68 -44.54
CA TRP B 145 17.93 20.15 -43.28
C TRP B 145 18.31 21.04 -42.09
N ARG B 146 17.53 20.95 -41.02
CA ARG B 146 17.77 21.73 -39.80
C ARG B 146 17.49 20.91 -38.53
N VAL B 147 17.96 21.42 -37.40
CA VAL B 147 17.74 20.78 -36.12
C VAL B 147 17.35 21.87 -35.17
N LEU B 148 16.17 21.74 -34.59
CA LEU B 148 15.68 22.75 -33.68
C LEU B 148 15.75 22.24 -32.26
N GLY B 149 16.06 23.14 -31.34
CA GLY B 149 16.14 22.76 -29.94
C GLY B 149 14.97 23.33 -29.18
N GLY B 150 14.37 22.50 -28.35
CA GLY B 150 13.23 22.90 -27.56
C GLY B 150 13.09 21.91 -26.43
N ALA B 151 11.88 21.42 -26.18
CA ALA B 151 11.65 20.45 -25.13
C ALA B 151 10.26 19.80 -25.20
N VAL B 152 10.12 18.62 -24.59
CA VAL B 152 8.84 17.95 -24.54
C VAL B 152 8.30 18.26 -23.16
N LEU B 153 7.01 18.59 -23.12
CA LEU B 153 6.39 18.95 -21.86
C LEU B 153 5.17 18.10 -21.55
N ASP B 154 4.72 18.26 -20.31
CA ASP B 154 3.53 17.61 -19.82
C ASP B 154 3.01 18.36 -18.61
N LEU B 155 1.70 18.42 -18.48
CA LEU B 155 1.12 19.13 -17.38
C LEU B 155 -0.02 18.36 -16.74
N TRP B 156 -0.02 18.33 -15.41
CA TRP B 156 -1.09 17.68 -14.66
C TRP B 156 -1.27 18.34 -13.29
N VAL B 157 -2.11 17.76 -12.44
CA VAL B 157 -2.38 18.33 -11.13
C VAL B 157 -1.88 17.46 -9.98
N SER B 158 -1.31 18.10 -8.97
CA SER B 158 -0.75 17.39 -7.80
C SER B 158 -1.74 17.07 -6.70
N ASP B 159 -1.20 16.66 -5.56
CA ASP B 159 -2.01 16.35 -4.37
C ASP B 159 -2.41 17.66 -3.77
N SER B 160 -1.43 18.56 -3.65
CA SER B 160 -1.64 19.88 -3.09
C SER B 160 -2.41 20.74 -4.09
N GLY B 161 -3.21 20.09 -4.92
CA GLY B 161 -3.97 20.80 -5.91
C GLY B 161 -3.14 21.89 -6.56
N ALA B 162 -1.91 21.55 -6.95
CA ALA B 162 -0.99 22.50 -7.61
C ALA B 162 -0.57 21.97 -8.97
N PHE B 163 -0.39 22.88 -9.93
CA PHE B 163 0.03 22.50 -11.28
C PHE B 163 1.42 21.90 -11.20
N LEU B 164 1.64 20.81 -11.92
CA LEU B 164 2.93 20.15 -11.92
C LEU B 164 3.38 19.89 -13.36
N LEU B 165 4.63 20.22 -13.65
CA LEU B 165 5.20 20.11 -15.00
C LEU B 165 6.44 19.22 -15.20
N GLU B 166 6.44 18.50 -16.32
CA GLU B 166 7.55 17.63 -16.76
C GLU B 166 8.21 18.43 -17.86
N VAL B 167 9.54 18.42 -17.88
CA VAL B 167 10.27 19.16 -18.87
C VAL B 167 11.57 18.42 -19.19
N ASP B 168 11.65 17.82 -20.37
CA ASP B 168 12.89 17.19 -20.75
C ASP B 168 13.26 17.71 -22.13
N PRO B 169 14.41 18.41 -22.21
CA PRO B 169 14.96 18.99 -23.42
C PRO B 169 15.06 17.99 -24.56
N ALA B 170 14.65 18.40 -25.75
CA ALA B 170 14.72 17.51 -26.90
C ALA B 170 15.07 18.26 -28.18
N TYR B 171 15.45 17.51 -29.20
CA TYR B 171 15.78 18.10 -30.48
C TYR B 171 14.82 17.60 -31.55
N ARG B 172 14.71 18.35 -32.63
CA ARG B 172 13.86 17.95 -33.73
C ARG B 172 14.65 18.11 -34.99
N ILE B 173 14.69 17.05 -35.80
CA ILE B 173 15.42 17.12 -37.06
C ILE B 173 14.43 17.30 -38.21
N LEU B 174 14.45 18.49 -38.81
CA LEU B 174 13.55 18.84 -39.89
C LEU B 174 14.16 18.70 -41.27
N CYS B 175 13.34 18.33 -42.24
CA CYS B 175 13.84 18.21 -43.60
C CYS B 175 13.22 19.27 -44.48
N GLU B 176 14.03 20.22 -44.93
CA GLU B 176 13.52 21.30 -45.77
C GLU B 176 13.19 20.96 -47.23
N MET B 177 13.16 19.67 -47.59
CA MET B 177 12.86 19.28 -48.98
C MET B 177 11.76 18.22 -49.08
N SER B 178 11.49 17.77 -50.30
CA SER B 178 10.48 16.75 -50.54
C SER B 178 11.16 15.40 -50.58
N LEU B 179 10.40 14.33 -50.40
CA LEU B 179 10.97 13.00 -50.45
C LEU B 179 11.68 12.90 -51.79
N GLU B 180 11.01 13.38 -52.84
CA GLU B 180 11.56 13.38 -54.19
C GLU B 180 12.86 14.15 -54.22
N ALA B 181 12.82 15.39 -53.76
CA ALA B 181 14.00 16.24 -53.71
C ALA B 181 15.12 15.55 -52.94
N TRP B 182 14.81 15.13 -51.72
CA TRP B 182 15.78 14.45 -50.86
C TRP B 182 16.50 13.30 -51.56
N LEU B 183 15.74 12.39 -52.16
CA LEU B 183 16.31 11.26 -52.86
C LEU B 183 17.11 11.76 -54.05
N ALA B 184 16.66 12.86 -54.65
CA ALA B 184 17.31 13.46 -55.81
C ALA B 184 18.68 13.98 -55.44
N GLN B 185 18.97 14.06 -54.15
CA GLN B 185 20.27 14.53 -53.70
C GLN B 185 21.19 13.35 -53.41
N GLY B 186 20.65 12.13 -53.51
CA GLY B 186 21.45 10.94 -53.27
C GLY B 186 21.32 10.28 -51.90
N HIS B 187 20.50 10.82 -51.02
CA HIS B 187 20.33 10.24 -49.69
C HIS B 187 19.50 8.97 -49.74
N PRO B 188 19.79 8.03 -48.83
CA PRO B 188 19.03 6.77 -48.77
C PRO B 188 17.59 6.99 -48.36
N LEU B 189 16.72 6.08 -48.75
CA LEU B 189 15.33 6.22 -48.42
C LEU B 189 15.12 6.39 -46.94
N PRO B 190 14.24 7.31 -46.57
CA PRO B 190 13.99 7.50 -45.15
C PRO B 190 13.30 6.28 -44.58
N LYS B 191 13.27 6.18 -43.26
CA LYS B 191 12.65 5.05 -42.61
C LYS B 191 11.17 5.35 -42.51
N ARG B 192 10.86 6.64 -42.39
CA ARG B 192 9.49 7.07 -42.29
C ARG B 192 9.35 8.34 -43.07
N VAL B 193 8.13 8.59 -43.51
CA VAL B 193 7.86 9.74 -44.30
C VAL B 193 6.61 10.44 -43.71
N ARG B 194 6.47 11.74 -43.97
CA ARG B 194 5.36 12.52 -43.43
C ARG B 194 4.53 13.11 -44.58
N ASN B 195 3.22 13.26 -44.39
CA ASN B 195 2.39 13.83 -45.45
C ASN B 195 2.76 15.28 -45.62
N ALA B 196 3.25 15.66 -46.78
CA ALA B 196 3.61 17.06 -46.97
C ALA B 196 2.43 17.99 -46.65
N TYR B 197 1.21 17.54 -46.93
CA TYR B 197 0.01 18.35 -46.71
C TYR B 197 -0.65 18.34 -45.33
N ASP B 198 -0.15 17.50 -44.42
CA ASP B 198 -0.69 17.50 -43.06
C ASP B 198 0.32 16.96 -42.06
N ARG B 199 -0.16 16.35 -40.98
CA ARG B 199 0.75 15.87 -39.96
C ARG B 199 1.02 14.37 -39.94
N ARG B 200 0.21 13.63 -40.67
CA ARG B 200 0.32 12.19 -40.73
C ARG B 200 1.64 11.59 -41.23
N THR B 201 2.06 10.52 -40.57
CA THR B 201 3.31 9.84 -40.91
C THR B 201 3.07 8.36 -41.21
N TRP B 202 3.96 7.78 -42.02
CA TRP B 202 3.88 6.38 -42.42
C TRP B 202 5.26 5.78 -42.45
N GLU B 203 5.31 4.51 -42.82
CA GLU B 203 6.57 3.77 -42.96
C GLU B 203 6.86 3.82 -44.46
N LEU B 204 8.06 4.24 -44.85
CA LEU B 204 8.36 4.26 -46.27
C LEU B 204 8.87 2.87 -46.61
N LEU B 205 8.20 2.20 -47.56
CA LEU B 205 8.55 0.82 -47.95
C LEU B 205 9.58 0.74 -49.06
N ARG B 206 9.21 1.29 -50.22
CA ARG B 206 10.08 1.32 -51.40
C ARG B 206 9.48 2.26 -52.43
N LEU B 207 10.21 2.50 -53.50
CA LEU B 207 9.73 3.36 -54.58
C LEU B 207 9.01 2.50 -55.60
N GLY B 208 8.55 3.10 -56.70
CA GLY B 208 7.85 2.31 -57.70
C GLY B 208 7.89 2.88 -59.10
N GLU B 209 8.20 2.01 -60.06
CA GLU B 209 8.27 2.41 -61.46
C GLU B 209 6.85 2.63 -61.92
N GLU B 210 5.90 2.17 -61.13
CA GLU B 210 4.49 2.32 -61.43
C GLU B 210 4.12 3.75 -61.78
N ASP B 211 3.22 3.85 -62.74
CA ASP B 211 2.75 5.13 -63.26
C ASP B 211 1.64 5.78 -62.44
N PRO B 212 1.89 7.00 -61.94
CA PRO B 212 0.92 7.73 -61.14
C PRO B 212 -0.40 7.92 -61.89
N LYS B 213 -0.29 8.34 -63.14
CA LYS B 213 -1.47 8.58 -63.98
C LYS B 213 -2.33 7.35 -64.25
N GLU B 214 -1.80 6.16 -63.99
CA GLU B 214 -2.57 4.94 -64.23
C GLU B 214 -2.42 3.94 -63.09
N LEU B 215 -2.99 4.29 -61.94
CA LEU B 215 -2.95 3.42 -60.76
C LEU B 215 -4.30 3.55 -60.08
N PRO B 216 -5.26 2.71 -60.49
CA PRO B 216 -6.62 2.72 -59.95
C PRO B 216 -6.77 2.59 -58.45
N LEU B 217 -7.44 3.57 -57.85
CA LEU B 217 -7.68 3.59 -56.41
C LEU B 217 -9.09 3.07 -56.15
N PRO B 218 -9.29 2.44 -54.97
CA PRO B 218 -10.57 1.87 -54.53
C PRO B 218 -11.84 2.64 -54.89
N GLY B 219 -11.72 3.95 -55.09
CA GLY B 219 -12.88 4.76 -55.41
C GLY B 219 -12.98 5.27 -56.83
N GLY B 220 -12.41 4.53 -57.79
CA GLY B 220 -12.48 4.95 -59.18
C GLY B 220 -11.68 6.19 -59.54
N LEU B 221 -10.73 6.56 -58.69
CA LEU B 221 -9.88 7.72 -58.93
C LEU B 221 -8.44 7.26 -59.27
N SER B 222 -7.69 8.14 -59.90
CA SER B 222 -6.32 7.83 -60.27
C SER B 222 -5.39 8.51 -59.25
N LEU B 223 -4.46 7.74 -58.69
CA LEU B 223 -3.51 8.26 -57.69
C LEU B 223 -3.22 9.77 -57.91
N LEU B 224 -2.68 10.12 -59.07
CA LEU B 224 -2.36 11.52 -59.36
C LEU B 224 -3.64 12.37 -59.34
N ASP B 225 -4.68 11.90 -59.99
CA ASP B 225 -5.95 12.62 -60.02
C ASP B 225 -6.39 12.96 -58.61
N TYR B 226 -6.36 11.95 -57.74
CA TYR B 226 -6.76 12.06 -56.34
C TYR B 226 -6.15 13.23 -55.58
N HIS B 227 -4.83 13.38 -55.69
CA HIS B 227 -4.13 14.46 -55.02
C HIS B 227 -4.29 15.76 -55.80
N ALA B 228 -4.59 15.64 -57.08
CA ALA B 228 -4.80 16.84 -57.89
C ALA B 228 -6.14 17.38 -57.44
N SER B 229 -7.10 16.46 -57.28
CA SER B 229 -8.46 16.76 -56.85
C SER B 229 -8.54 17.41 -55.46
N LYS B 230 -7.44 17.41 -54.72
CA LYS B 230 -7.41 18.01 -53.38
C LYS B 230 -6.52 19.24 -53.35
N GLY B 231 -6.13 19.70 -54.54
CA GLY B 231 -5.27 20.85 -54.65
C GLY B 231 -3.91 20.64 -54.00
N ARG B 232 -3.52 19.39 -53.79
CA ARG B 232 -2.24 19.08 -53.16
C ARG B 232 -1.12 19.38 -54.14
N LEU B 233 -1.34 19.07 -55.42
CA LEU B 233 -0.34 19.31 -56.46
C LEU B 233 -0.31 20.78 -56.83
N GLN B 234 -1.27 21.53 -56.29
CA GLN B 234 -1.37 22.96 -56.53
C GLN B 234 -0.10 23.64 -56.05
N GLY B 235 0.34 23.28 -54.86
CA GLY B 235 1.55 23.86 -54.33
C GLY B 235 2.77 23.37 -55.09
N ARG B 236 2.94 22.06 -55.12
CA ARG B 236 4.10 21.49 -55.80
C ARG B 236 3.74 20.31 -56.68
N GLU B 237 4.68 19.93 -57.55
CA GLU B 237 4.50 18.81 -58.47
C GLU B 237 4.96 17.48 -57.85
N GLY B 238 4.05 16.51 -57.79
CA GLY B 238 4.34 15.20 -57.22
C GLY B 238 5.17 14.36 -58.17
N GLY B 239 6.15 13.62 -57.64
CA GLY B 239 7.03 12.83 -58.49
C GLY B 239 6.69 11.39 -58.81
N ARG B 240 7.56 10.49 -58.35
CA ARG B 240 7.39 9.07 -58.58
C ARG B 240 6.39 8.49 -57.59
N VAL B 241 6.10 7.21 -57.74
CA VAL B 241 5.17 6.57 -56.82
C VAL B 241 5.96 6.00 -55.62
N ALA B 242 5.59 6.43 -54.43
CA ALA B 242 6.25 5.93 -53.24
C ALA B 242 5.32 4.94 -52.56
N TRP B 243 5.78 3.72 -52.29
CA TRP B 243 4.92 2.76 -51.61
C TRP B 243 5.10 2.88 -50.10
N VAL B 244 4.04 3.31 -49.46
CA VAL B 244 4.08 3.54 -48.05
C VAL B 244 3.18 2.62 -47.24
N ALA B 245 3.54 2.42 -45.98
CA ALA B 245 2.78 1.56 -45.11
C ALA B 245 2.19 2.33 -43.93
N ASP B 246 1.07 1.84 -43.43
CA ASP B 246 0.41 2.43 -42.27
C ASP B 246 0.88 1.66 -41.05
N PRO B 247 1.68 2.31 -40.19
CA PRO B 247 2.25 1.72 -38.97
C PRO B 247 1.36 0.71 -38.24
N LYS B 248 0.05 0.96 -38.23
CA LYS B 248 -0.91 0.08 -37.57
C LYS B 248 -1.02 -1.26 -38.29
N ASP B 249 -0.55 -1.26 -39.53
CA ASP B 249 -0.55 -2.45 -40.38
C ASP B 249 0.52 -2.22 -41.44
N PRO B 250 1.80 -2.53 -41.10
CA PRO B 250 2.95 -2.38 -42.00
C PRO B 250 3.02 -3.39 -43.14
N ARG B 251 2.08 -4.34 -43.12
CA ARG B 251 2.05 -5.38 -44.14
C ARG B 251 1.00 -5.19 -45.23
N LYS B 252 0.54 -3.95 -45.37
CA LYS B 252 -0.41 -3.61 -46.41
C LYS B 252 0.10 -2.36 -47.12
N PRO B 253 0.78 -2.54 -48.26
CA PRO B 253 1.31 -1.41 -49.01
C PRO B 253 0.23 -0.39 -49.32
N ILE B 254 0.64 0.87 -49.40
CA ILE B 254 -0.30 1.94 -49.73
C ILE B 254 0.44 2.87 -50.68
N PRO B 255 -0.18 3.21 -51.81
CA PRO B 255 0.50 4.10 -52.74
C PRO B 255 0.54 5.55 -52.27
N HIS B 256 1.44 6.32 -52.86
CA HIS B 256 1.58 7.72 -52.53
C HIS B 256 2.54 8.35 -53.55
N LEU B 257 2.82 9.64 -53.39
CA LEU B 257 3.72 10.34 -54.32
C LEU B 257 4.87 11.04 -53.60
N THR B 258 6.08 10.84 -54.11
CA THR B 258 7.27 11.43 -53.51
C THR B 258 7.28 12.95 -53.38
N GLY B 259 6.59 13.65 -54.25
CA GLY B 259 6.60 15.09 -54.13
C GLY B 259 5.75 15.53 -52.96
N LEU B 260 4.78 14.70 -52.61
CA LEU B 260 3.87 15.02 -51.54
C LEU B 260 4.22 14.39 -50.19
N LEU B 261 5.49 14.06 -50.00
CA LEU B 261 5.89 13.46 -48.73
C LEU B 261 7.18 14.11 -48.26
N VAL B 262 7.33 14.25 -46.94
CA VAL B 262 8.53 14.82 -46.36
C VAL B 262 9.27 13.80 -45.49
N PRO B 263 10.57 13.62 -45.74
CA PRO B 263 11.36 12.66 -44.97
C PRO B 263 11.35 12.99 -43.47
N VAL B 264 11.28 11.95 -42.64
CA VAL B 264 11.35 12.16 -41.20
C VAL B 264 12.77 11.72 -40.88
N LEU B 265 13.69 12.68 -40.95
CA LEU B 265 15.10 12.44 -40.72
C LEU B 265 15.51 12.05 -39.30
N THR B 266 16.40 11.07 -39.20
CA THR B 266 16.87 10.58 -37.92
C THR B 266 18.39 10.52 -37.87
N LEU B 267 18.92 10.14 -36.70
CA LEU B 267 20.35 10.05 -36.46
C LEU B 267 21.13 9.47 -37.64
N GLU B 268 20.88 8.20 -37.95
CA GLU B 268 21.56 7.52 -39.04
C GLU B 268 21.50 8.28 -40.37
N ASP B 269 20.38 8.94 -40.63
CA ASP B 269 20.19 9.69 -41.87
C ASP B 269 21.15 10.84 -42.18
N LEU B 270 21.99 11.22 -41.22
CA LEU B 270 22.93 12.32 -41.45
C LEU B 270 24.41 11.92 -41.30
N HIS B 271 24.66 10.87 -40.52
CA HIS B 271 26.00 10.37 -40.29
C HIS B 271 26.79 10.29 -41.58
N LEU B 277 26.70 17.34 -34.67
CA LEU B 277 27.61 16.24 -34.37
C LEU B 277 27.12 15.40 -33.18
N ALA B 278 26.11 15.92 -32.48
CA ALA B 278 25.55 15.21 -31.33
C ALA B 278 24.23 15.80 -30.83
N LEU B 279 23.35 14.94 -30.32
CA LEU B 279 22.06 15.35 -29.79
C LEU B 279 22.00 15.03 -28.30
N SER B 280 23.17 14.72 -27.75
CA SER B 280 23.34 14.36 -26.36
C SER B 280 23.83 15.55 -25.53
N LEU B 281 23.45 15.57 -24.25
CA LEU B 281 23.85 16.65 -23.36
C LEU B 281 24.27 16.08 -22.02
N PRO B 282 25.43 16.50 -21.50
CA PRO B 282 25.88 15.98 -20.21
C PRO B 282 24.87 16.33 -19.14
N TRP B 283 24.66 15.41 -18.21
CA TRP B 283 23.69 15.59 -17.15
C TRP B 283 23.59 17.01 -16.62
N GLU B 284 24.69 17.53 -16.11
CA GLU B 284 24.65 18.86 -15.56
C GLU B 284 24.06 19.93 -16.50
N GLU B 285 24.31 19.84 -17.80
CA GLU B 285 23.77 20.83 -18.72
C GLU B 285 22.28 20.61 -18.96
N ARG B 286 21.90 19.34 -19.13
CA ARG B 286 20.50 18.96 -19.37
C ARG B 286 19.65 19.40 -18.18
N ARG B 287 20.32 19.47 -17.03
CA ARG B 287 19.71 19.90 -15.79
C ARG B 287 19.56 21.43 -15.82
N ARG B 288 20.49 22.15 -16.45
CA ARG B 288 20.28 23.59 -16.46
C ARG B 288 19.26 23.95 -17.52
N ARG B 289 19.43 23.41 -18.71
CA ARG B 289 18.49 23.70 -19.80
C ARG B 289 17.06 23.32 -19.43
N THR B 290 16.93 22.24 -18.66
CA THR B 290 15.62 21.80 -18.28
C THR B 290 14.95 22.87 -17.43
N ARG B 291 15.75 23.69 -16.76
CA ARG B 291 15.20 24.74 -15.90
C ARG B 291 15.02 26.08 -16.57
N GLU B 292 15.95 26.42 -17.44
CA GLU B 292 15.80 27.67 -18.11
C GLU B 292 14.47 27.51 -18.86
N ILE B 293 14.06 26.28 -19.13
CA ILE B 293 12.78 26.02 -19.80
C ILE B 293 11.61 26.05 -18.80
N ALA B 294 11.77 25.39 -17.65
CA ALA B 294 10.72 25.36 -16.65
C ALA B 294 10.30 26.79 -16.35
N SER B 295 11.26 27.64 -15.99
CA SER B 295 10.97 29.04 -15.68
C SER B 295 10.30 29.70 -16.88
N TRP B 296 10.88 29.53 -18.05
CA TRP B 296 10.32 30.15 -19.24
C TRP B 296 8.88 29.75 -19.44
N ILE B 297 8.66 28.48 -19.75
CA ILE B 297 7.31 27.98 -20.01
C ILE B 297 6.35 28.34 -18.87
N GLY B 298 6.86 28.39 -17.65
CA GLY B 298 6.01 28.73 -16.53
C GLY B 298 5.38 30.09 -16.67
N ARG B 299 6.20 31.10 -16.97
CA ARG B 299 5.71 32.47 -17.13
C ARG B 299 4.88 32.60 -18.42
N ARG B 300 5.35 31.95 -19.47
CA ARG B 300 4.71 32.00 -20.77
C ARG B 300 3.24 31.62 -20.70
N LEU B 301 2.93 30.59 -19.93
CA LEU B 301 1.54 30.12 -19.79
C LEU B 301 0.76 30.81 -18.65
N GLY B 302 1.50 31.46 -17.75
CA GLY B 302 0.89 32.15 -16.63
C GLY B 302 0.63 31.22 -15.45
N LEU B 303 1.46 30.20 -15.29
CA LEU B 303 1.27 29.24 -14.21
C LEU B 303 2.23 29.45 -13.05
N GLY B 304 2.85 30.62 -12.98
CA GLY B 304 3.76 30.93 -11.89
C GLY B 304 5.26 30.64 -11.99
N THR B 305 5.87 30.47 -10.82
CA THR B 305 7.29 30.21 -10.70
C THR B 305 7.47 28.71 -10.42
N PRO B 306 8.40 28.05 -11.12
CA PRO B 306 8.60 26.62 -10.87
C PRO B 306 9.42 26.27 -9.63
N GLU B 307 9.12 25.14 -9.00
CA GLU B 307 9.90 24.69 -7.84
C GLU B 307 10.31 23.26 -8.14
N ALA B 308 11.61 22.95 -8.01
CA ALA B 308 12.10 21.62 -8.30
C ALA B 308 11.54 20.56 -7.36
N VAL B 309 11.06 19.48 -7.97
CA VAL B 309 10.44 18.35 -7.28
C VAL B 309 11.42 17.27 -6.84
N ARG B 310 11.60 17.11 -5.53
CA ARG B 310 12.51 16.09 -5.02
C ARG B 310 11.77 14.78 -4.92
N ALA B 311 12.51 13.67 -4.95
CA ALA B 311 11.91 12.34 -4.83
C ALA B 311 12.77 11.40 -3.99
N GLN B 312 12.11 10.56 -3.20
CA GLN B 312 12.80 9.60 -2.35
C GLN B 312 13.19 8.47 -3.27
N ALA B 313 14.43 7.99 -3.11
CA ALA B 313 14.97 6.91 -3.92
C ALA B 313 15.81 5.96 -3.06
N TYR B 314 15.79 4.68 -3.40
CA TYR B 314 16.55 3.70 -2.66
C TYR B 314 17.49 3.04 -3.61
N ARG B 315 18.78 3.16 -3.34
CA ARG B 315 19.77 2.53 -4.19
C ARG B 315 19.74 1.03 -3.88
N LEU B 316 19.49 0.22 -4.92
CA LEU B 316 19.41 -1.24 -4.77
C LEU B 316 20.79 -1.85 -4.64
N SER B 317 20.85 -3.04 -4.03
CA SER B 317 22.13 -3.70 -3.81
C SER B 317 22.80 -4.30 -5.04
N ILE B 318 24.11 -4.13 -5.11
CA ILE B 318 24.91 -4.63 -6.21
C ILE B 318 24.61 -6.11 -6.41
N PRO B 319 24.14 -6.50 -7.61
CA PRO B 319 23.79 -7.89 -7.96
C PRO B 319 25.00 -8.81 -7.87
N LYS B 320 24.78 -10.05 -7.43
CA LYS B 320 25.87 -11.01 -7.32
C LYS B 320 26.08 -11.83 -8.60
N LEU B 321 26.61 -11.17 -9.63
CA LEU B 321 26.88 -11.84 -10.90
C LEU B 321 27.89 -12.93 -10.55
N MET B 322 27.74 -14.11 -11.12
CA MET B 322 28.66 -15.21 -10.80
C MET B 322 28.74 -16.35 -11.83
N GLY B 323 29.97 -16.81 -12.07
CA GLY B 323 30.20 -17.93 -12.97
C GLY B 323 30.50 -19.11 -12.08
N ARG B 324 31.78 -19.48 -11.98
CA ARG B 324 32.19 -20.58 -11.11
C ARG B 324 32.33 -19.92 -9.72
N ARG B 325 32.89 -18.72 -9.72
CA ARG B 325 33.08 -17.92 -8.52
C ARG B 325 32.58 -16.50 -8.80
N ALA B 326 32.18 -15.79 -7.75
CA ALA B 326 31.69 -14.41 -7.88
C ALA B 326 32.51 -13.62 -8.89
N VAL B 327 31.84 -13.09 -9.91
CA VAL B 327 32.52 -12.33 -10.94
C VAL B 327 32.05 -10.88 -10.95
N SER B 328 32.89 -9.99 -11.47
CA SER B 328 32.52 -8.58 -11.53
C SER B 328 31.76 -8.35 -12.84
N LYS B 329 32.43 -8.68 -13.94
CA LYS B 329 31.86 -8.54 -15.28
C LYS B 329 31.72 -9.95 -15.88
N PRO B 330 31.05 -10.07 -17.03
CA PRO B 330 30.95 -11.44 -17.57
C PRO B 330 32.26 -11.89 -18.23
N ALA B 331 33.10 -10.93 -18.61
CA ALA B 331 34.37 -11.24 -19.24
C ALA B 331 35.28 -12.03 -18.31
N ASP B 332 35.25 -11.69 -17.02
CA ASP B 332 36.07 -12.37 -16.03
C ASP B 332 35.61 -13.81 -15.77
N ALA B 333 34.99 -14.42 -16.78
CA ALA B 333 34.53 -15.80 -16.65
C ALA B 333 35.52 -16.62 -17.46
N LEU B 334 36.19 -15.91 -18.38
CA LEU B 334 37.19 -16.53 -19.23
C LEU B 334 38.43 -16.84 -18.39
N ARG B 335 38.70 -15.98 -17.40
CA ARG B 335 39.87 -16.15 -16.53
C ARG B 335 39.56 -16.80 -15.17
N VAL B 336 38.30 -17.10 -14.91
CA VAL B 336 37.90 -17.71 -13.64
C VAL B 336 37.06 -18.97 -13.86
N GLY B 337 36.45 -19.09 -15.04
CA GLY B 337 35.64 -20.27 -15.32
C GLY B 337 34.15 -19.98 -15.33
N PHE B 338 33.34 -20.94 -15.78
CA PHE B 338 31.90 -20.72 -15.84
C PHE B 338 31.03 -21.46 -14.84
N TYR B 339 29.80 -21.00 -14.80
CA TYR B 339 28.76 -21.53 -13.93
C TYR B 339 28.46 -22.99 -14.28
N ARG B 340 27.66 -23.18 -15.33
CA ARG B 340 27.25 -24.50 -15.78
C ARG B 340 27.99 -24.95 -17.05
N ALA B 341 29.28 -25.21 -16.93
CA ALA B 341 30.07 -25.64 -18.07
C ALA B 341 29.67 -27.07 -18.45
N GLN B 342 29.79 -27.39 -19.73
CA GLN B 342 29.47 -28.71 -20.23
C GLN B 342 30.55 -29.01 -21.27
N GLU B 343 30.97 -30.27 -21.39
CA GLU B 343 31.97 -30.59 -22.39
C GLU B 343 31.32 -30.33 -23.75
N THR B 344 31.93 -29.45 -24.52
CA THR B 344 31.42 -29.06 -25.83
C THR B 344 32.54 -28.97 -26.85
N ALA B 345 32.19 -29.18 -28.11
CA ALA B 345 33.14 -29.11 -29.20
C ALA B 345 32.76 -27.96 -30.14
N LEU B 346 33.77 -27.32 -30.72
CA LEU B 346 33.50 -26.22 -31.65
C LEU B 346 34.72 -25.92 -32.53
N ALA B 347 34.51 -25.93 -33.84
CA ALA B 347 35.59 -25.67 -34.78
C ALA B 347 35.46 -24.28 -35.35
N LEU B 348 36.55 -23.77 -35.94
CA LEU B 348 36.53 -22.44 -36.55
C LEU B 348 36.46 -22.55 -38.07
N LEU B 349 36.31 -21.42 -38.75
CA LEU B 349 36.19 -21.44 -40.20
C LEU B 349 36.98 -20.28 -40.79
N ARG B 350 38.30 -20.29 -40.56
CA ARG B 350 39.16 -19.23 -41.07
C ARG B 350 38.89 -18.97 -42.56
N LEU B 351 38.32 -17.82 -42.88
CA LEU B 351 38.02 -17.47 -44.27
C LEU B 351 38.82 -16.26 -44.72
N ASP B 352 40.12 -16.46 -44.68
CA ASP B 352 41.10 -15.49 -45.10
C ASP B 352 42.10 -16.39 -45.83
N GLY B 353 43.26 -16.66 -45.23
CA GLY B 353 44.23 -17.51 -45.90
C GLY B 353 44.75 -18.73 -45.16
N ALA B 354 45.14 -18.57 -43.91
CA ALA B 354 45.67 -19.69 -43.12
C ALA B 354 44.62 -20.70 -42.72
N GLN B 355 45.06 -21.79 -42.12
CA GLN B 355 44.16 -22.84 -41.66
C GLN B 355 44.45 -23.11 -40.19
N GLY B 356 43.43 -23.00 -39.36
CA GLY B 356 43.63 -23.23 -37.95
C GLY B 356 43.43 -21.98 -37.10
N TRP B 357 43.59 -22.13 -35.78
CA TRP B 357 43.41 -21.03 -34.86
C TRP B 357 44.67 -20.22 -34.65
N PRO B 358 44.53 -18.99 -34.14
CA PRO B 358 45.71 -18.17 -33.89
C PRO B 358 46.38 -18.76 -32.66
N GLU B 359 47.54 -18.22 -32.29
CA GLU B 359 48.26 -18.75 -31.14
C GLU B 359 47.46 -18.68 -29.84
N PHE B 360 47.07 -17.48 -29.45
CA PHE B 360 46.34 -17.22 -28.22
C PHE B 360 44.90 -17.76 -28.13
N LEU B 361 44.12 -17.45 -29.16
CA LEU B 361 42.72 -17.84 -29.22
C LEU B 361 42.48 -19.24 -28.69
N ARG B 362 43.41 -20.14 -28.95
CA ARG B 362 43.29 -21.52 -28.49
C ARG B 362 43.46 -21.63 -26.97
N ARG B 363 44.32 -20.80 -26.40
CA ARG B 363 44.55 -20.82 -24.96
C ARG B 363 43.29 -20.33 -24.26
N ALA B 364 43.03 -19.03 -24.38
CA ALA B 364 41.86 -18.40 -23.79
C ALA B 364 40.76 -19.46 -23.65
N LEU B 365 40.54 -20.19 -24.73
CA LEU B 365 39.54 -21.25 -24.77
C LEU B 365 39.87 -22.37 -23.75
N LEU B 366 41.10 -22.90 -23.82
CA LEU B 366 41.52 -23.94 -22.88
C LEU B 366 41.60 -23.35 -21.47
N ARG B 367 42.23 -22.17 -21.37
CA ARG B 367 42.41 -21.45 -20.12
C ARG B 367 41.10 -21.36 -19.34
N ALA B 368 39.99 -21.30 -20.06
CA ALA B 368 38.67 -21.18 -19.45
C ALA B 368 38.03 -22.50 -19.03
N PHE B 369 38.17 -23.53 -19.86
CA PHE B 369 37.57 -24.82 -19.54
C PHE B 369 38.22 -25.53 -18.35
N GLY B 370 38.54 -24.74 -17.33
CA GLY B 370 39.14 -25.25 -16.13
C GLY B 370 38.76 -24.39 -14.95
N GLY B 373 36.17 -26.29 -15.27
CA GLY B 373 36.29 -27.73 -15.12
C GLY B 373 36.31 -28.50 -16.43
N ALA B 374 35.14 -28.89 -16.91
CA ALA B 374 34.99 -29.65 -18.15
C ALA B 374 35.97 -29.22 -19.25
N SER B 375 36.11 -30.05 -20.28
CA SER B 375 37.04 -29.75 -21.36
C SER B 375 36.43 -29.50 -22.73
N LEU B 376 37.27 -28.93 -23.59
CA LEU B 376 36.89 -28.56 -24.94
C LEU B 376 37.59 -29.41 -26.00
N ARG B 377 37.12 -29.25 -27.22
CA ARG B 377 37.66 -29.95 -28.39
C ARG B 377 37.62 -28.95 -29.54
N LEU B 378 38.77 -28.62 -30.10
CA LEU B 378 38.80 -27.66 -31.21
C LEU B 378 39.11 -28.30 -32.56
N HIS B 379 38.16 -28.21 -33.47
CA HIS B 379 38.32 -28.76 -34.82
C HIS B 379 38.53 -27.60 -35.78
N THR B 380 38.48 -27.90 -37.07
CA THR B 380 38.65 -26.87 -38.10
C THR B 380 37.92 -27.34 -39.35
N LEU B 381 37.03 -26.48 -39.86
CA LEU B 381 36.29 -26.80 -41.08
C LEU B 381 37.26 -26.50 -42.22
N HIS B 382 37.61 -27.51 -43.00
CA HIS B 382 38.56 -27.32 -44.08
C HIS B 382 38.07 -26.84 -45.45
N ALA B 383 36.76 -26.91 -45.68
CA ALA B 383 36.22 -26.47 -46.96
C ALA B 383 36.05 -24.96 -46.95
N HIS B 384 36.15 -24.32 -48.10
CA HIS B 384 35.86 -22.91 -48.09
C HIS B 384 34.40 -23.12 -48.44
N PRO B 385 33.58 -22.08 -48.34
CA PRO B 385 32.15 -22.24 -48.64
C PRO B 385 31.58 -22.23 -50.06
N SER B 386 32.41 -21.90 -51.04
CA SER B 386 31.96 -21.88 -52.43
C SER B 386 32.36 -23.19 -53.09
N GLN B 387 32.09 -24.27 -52.37
CA GLN B 387 32.38 -25.63 -52.78
C GLN B 387 31.10 -26.39 -52.37
N GLY B 388 29.97 -25.84 -52.83
CA GLY B 388 28.65 -26.37 -52.55
C GLY B 388 28.51 -27.75 -51.94
N LEU B 389 29.09 -28.75 -52.60
CA LEU B 389 29.04 -30.13 -52.14
C LEU B 389 30.12 -30.41 -51.10
N ALA B 390 31.28 -29.80 -51.27
CA ALA B 390 32.40 -30.00 -50.36
C ALA B 390 32.10 -29.46 -48.97
N PHE B 391 31.74 -28.18 -48.92
CA PHE B 391 31.42 -27.52 -47.67
C PHE B 391 30.36 -28.29 -46.91
N ARG B 392 29.23 -28.54 -47.55
CA ARG B 392 28.15 -29.26 -46.89
C ARG B 392 28.60 -30.60 -46.33
N GLU B 393 29.60 -31.22 -46.97
CA GLU B 393 30.09 -32.50 -46.51
C GLU B 393 30.95 -32.25 -45.28
N ALA B 394 31.76 -31.21 -45.33
CA ALA B 394 32.63 -30.85 -44.20
C ALA B 394 31.77 -30.53 -42.98
N LEU B 395 30.60 -29.94 -43.21
CA LEU B 395 29.67 -29.57 -42.15
C LEU B 395 29.00 -30.79 -41.59
N ARG B 396 28.44 -31.61 -42.45
CA ARG B 396 27.79 -32.83 -42.00
C ARG B 396 28.79 -33.60 -41.12
N LYS B 397 30.08 -33.43 -41.42
CA LYS B 397 31.14 -34.10 -40.67
C LYS B 397 31.29 -33.46 -39.29
N ALA B 398 31.27 -32.13 -39.24
CA ALA B 398 31.39 -31.41 -37.98
C ALA B 398 30.17 -31.66 -37.09
N LYS B 399 29.00 -31.83 -37.70
CA LYS B 399 27.81 -32.12 -36.90
C LYS B 399 28.13 -33.43 -36.23
N GLU B 400 28.59 -34.38 -37.03
CA GLU B 400 28.92 -35.70 -36.52
C GLU B 400 29.96 -35.65 -35.40
N GLU B 401 30.96 -34.79 -35.55
CA GLU B 401 32.02 -34.65 -34.54
C GLU B 401 31.51 -33.92 -33.31
N GLY B 402 30.20 -33.64 -33.31
CA GLY B 402 29.59 -32.95 -32.18
C GLY B 402 29.89 -31.47 -32.04
N VAL B 403 30.31 -30.81 -33.12
CA VAL B 403 30.57 -29.37 -33.03
C VAL B 403 29.22 -28.75 -32.70
N GLN B 404 29.25 -27.65 -31.95
CA GLN B 404 28.01 -26.98 -31.56
C GLN B 404 27.99 -25.51 -31.94
N ALA B 405 29.13 -25.00 -32.44
CA ALA B 405 29.20 -23.61 -32.83
C ALA B 405 30.45 -23.37 -33.64
N VAL B 406 30.34 -22.44 -34.58
CA VAL B 406 31.46 -22.13 -35.44
C VAL B 406 31.88 -20.70 -35.27
N LEU B 407 33.19 -20.52 -35.16
CA LEU B 407 33.79 -19.21 -35.01
C LEU B 407 34.33 -18.81 -36.38
N VAL B 408 33.55 -18.06 -37.14
CA VAL B 408 33.97 -17.64 -38.47
C VAL B 408 35.00 -16.51 -38.43
N LEU B 409 36.21 -16.82 -38.88
CA LEU B 409 37.30 -15.85 -38.89
C LEU B 409 37.52 -15.25 -40.30
N THR B 410 36.87 -14.12 -40.59
CA THR B 410 36.96 -13.47 -41.91
C THR B 410 37.15 -11.96 -41.85
N PRO B 411 37.47 -11.33 -43.00
CA PRO B 411 37.67 -9.88 -43.09
C PRO B 411 36.31 -9.19 -43.13
N PRO B 412 36.25 -7.92 -42.71
CA PRO B 412 34.99 -7.16 -42.70
C PRO B 412 34.06 -7.54 -43.85
N MET B 413 33.17 -8.49 -43.60
CA MET B 413 32.22 -8.95 -44.62
C MET B 413 31.15 -7.93 -44.91
N ALA B 414 30.62 -7.98 -46.14
CA ALA B 414 29.57 -7.05 -46.55
C ALA B 414 28.25 -7.58 -46.03
N TRP B 415 27.46 -6.69 -45.44
CA TRP B 415 26.17 -7.06 -44.87
C TRP B 415 25.44 -8.22 -45.56
N GLU B 416 24.98 -8.00 -46.79
CA GLU B 416 24.24 -9.04 -47.53
C GLU B 416 24.78 -10.45 -47.44
N ASP B 417 26.10 -10.60 -47.49
CA ASP B 417 26.66 -11.92 -47.45
C ASP B 417 26.92 -12.45 -46.05
N ARG B 418 26.79 -11.57 -45.06
CA ARG B 418 26.99 -11.98 -43.68
C ARG B 418 25.75 -12.78 -43.30
N ASN B 419 24.59 -12.29 -43.72
CA ASN B 419 23.34 -12.95 -43.43
C ASN B 419 23.31 -14.29 -44.15
N ARG B 420 23.76 -14.25 -45.39
CA ARG B 420 23.81 -15.43 -46.24
C ARG B 420 24.57 -16.52 -45.52
N LEU B 421 25.82 -16.24 -45.21
CA LEU B 421 26.73 -17.16 -44.53
C LEU B 421 26.15 -17.72 -43.22
N LYS B 422 25.59 -16.84 -42.40
CA LYS B 422 25.02 -17.27 -41.13
C LYS B 422 23.78 -18.11 -41.34
N ALA B 423 22.96 -17.73 -42.32
CA ALA B 423 21.73 -18.49 -42.60
C ALA B 423 22.07 -19.90 -43.10
N LEU B 424 23.04 -19.97 -44.00
CA LEU B 424 23.48 -21.24 -44.55
C LEU B 424 23.90 -22.16 -43.39
N LEU B 425 24.72 -21.61 -42.49
CA LEU B 425 25.21 -22.35 -41.33
C LEU B 425 24.09 -22.72 -40.36
N LEU B 426 23.16 -21.80 -40.15
CA LEU B 426 22.04 -22.02 -39.25
C LEU B 426 21.20 -23.24 -39.64
N ARG B 427 20.61 -23.23 -40.84
CA ARG B 427 19.80 -24.36 -41.29
C ARG B 427 20.59 -25.67 -41.08
N GLU B 428 21.87 -25.67 -41.46
CA GLU B 428 22.73 -26.85 -41.29
C GLU B 428 22.95 -27.11 -39.78
N GLY B 429 22.25 -26.32 -38.96
CA GLY B 429 22.32 -26.46 -37.51
C GLY B 429 23.54 -26.00 -36.73
N LEU B 430 24.30 -25.02 -37.23
CA LEU B 430 25.50 -24.56 -36.52
C LEU B 430 25.64 -23.05 -36.31
N PRO B 431 25.34 -22.56 -35.09
CA PRO B 431 25.45 -21.13 -34.79
C PRO B 431 26.81 -20.63 -35.23
N SER B 432 26.95 -19.32 -35.40
CA SER B 432 28.22 -18.78 -35.86
C SER B 432 28.58 -17.43 -35.24
N GLN B 433 29.84 -17.28 -34.83
CA GLN B 433 30.31 -16.05 -34.23
C GLN B 433 31.38 -15.48 -35.14
N ILE B 434 31.19 -14.26 -35.59
CA ILE B 434 32.15 -13.62 -36.48
C ILE B 434 33.18 -12.74 -35.77
N LEU B 435 34.43 -12.84 -36.19
CA LEU B 435 35.53 -12.03 -35.64
C LEU B 435 36.36 -11.56 -36.81
N ASN B 436 36.30 -10.27 -37.10
CA ASN B 436 37.04 -9.70 -38.21
C ASN B 436 38.53 -10.05 -38.24
N VAL B 437 38.97 -10.51 -39.42
CA VAL B 437 40.35 -10.94 -39.69
C VAL B 437 41.46 -9.97 -39.37
N PRO B 438 41.32 -8.67 -39.71
CA PRO B 438 42.46 -7.83 -39.34
C PRO B 438 42.45 -7.80 -37.81
N LEU B 439 42.85 -8.91 -37.21
CA LEU B 439 42.84 -9.12 -35.77
C LEU B 439 44.24 -8.98 -35.18
N ARG B 440 44.29 -8.90 -33.85
CA ARG B 440 45.55 -8.78 -33.11
C ARG B 440 45.38 -9.46 -31.74
N GLU B 441 46.46 -10.04 -31.23
CA GLU B 441 46.41 -10.68 -29.92
C GLU B 441 46.21 -9.61 -28.85
N GLU B 442 46.81 -8.44 -29.08
CA GLU B 442 46.73 -7.32 -28.15
C GLU B 442 45.31 -6.85 -27.80
N GLU B 443 44.47 -6.69 -28.83
CA GLU B 443 43.09 -6.23 -28.63
C GLU B 443 42.24 -7.26 -27.89
N ARG B 444 42.61 -7.57 -26.65
CA ARG B 444 41.93 -8.57 -25.83
C ARG B 444 40.47 -8.23 -25.55
N HIS B 445 40.01 -7.13 -26.13
CA HIS B 445 38.64 -6.75 -25.88
C HIS B 445 37.56 -7.30 -26.79
N ARG B 446 37.82 -7.41 -28.09
CA ARG B 446 36.81 -7.97 -28.98
C ARG B 446 36.84 -9.48 -28.90
N TRP B 447 37.86 -10.08 -29.47
CA TRP B 447 37.95 -11.52 -29.47
C TRP B 447 37.48 -12.11 -28.15
N GLU B 448 37.68 -11.39 -27.05
CA GLU B 448 37.19 -11.89 -25.77
C GLU B 448 35.65 -11.79 -25.78
N ASN B 449 35.11 -10.76 -26.45
CA ASN B 449 33.66 -10.62 -26.55
C ASN B 449 33.26 -11.68 -27.55
N ALA B 450 34.05 -11.82 -28.62
CA ALA B 450 33.79 -12.81 -29.66
C ALA B 450 33.67 -14.18 -28.99
N LEU B 451 34.66 -14.51 -28.17
CA LEU B 451 34.66 -15.78 -27.47
C LEU B 451 33.40 -15.92 -26.63
N LEU B 452 33.05 -14.82 -25.98
CA LEU B 452 31.86 -14.76 -25.13
C LEU B 452 30.61 -15.07 -25.95
N GLY B 453 30.51 -14.46 -27.12
CA GLY B 453 29.37 -14.69 -27.98
C GLY B 453 29.38 -16.12 -28.52
N LEU B 454 30.57 -16.61 -28.87
CA LEU B 454 30.71 -17.97 -29.40
C LEU B 454 30.16 -18.93 -28.37
N LEU B 455 30.70 -18.83 -27.17
CA LEU B 455 30.29 -19.70 -26.08
C LEU B 455 28.79 -19.70 -25.80
N ALA B 456 28.13 -18.57 -26.01
CA ALA B 456 26.69 -18.45 -25.77
C ALA B 456 25.89 -19.14 -26.86
N LYS B 457 26.38 -18.99 -28.09
CA LYS B 457 25.74 -19.60 -29.24
C LYS B 457 25.92 -21.12 -29.14
N ALA B 458 26.97 -21.54 -28.44
CA ALA B 458 27.25 -22.97 -28.28
C ALA B 458 26.37 -23.56 -27.17
N GLY B 459 25.77 -22.69 -26.36
CA GLY B 459 24.91 -23.15 -25.29
C GLY B 459 25.47 -23.19 -23.88
N LEU B 460 26.59 -22.51 -23.63
CA LEU B 460 27.19 -22.51 -22.31
C LEU B 460 26.72 -21.36 -21.41
N GLN B 461 26.17 -21.68 -20.24
CA GLN B 461 25.72 -20.65 -19.29
C GLN B 461 26.95 -20.10 -18.55
N VAL B 462 27.53 -19.02 -19.04
CA VAL B 462 28.72 -18.47 -18.42
C VAL B 462 28.52 -17.82 -17.06
N VAL B 463 27.49 -17.00 -16.96
CA VAL B 463 27.20 -16.31 -15.73
C VAL B 463 25.82 -16.68 -15.25
N ALA B 464 25.62 -16.61 -13.94
CA ALA B 464 24.32 -16.91 -13.35
C ALA B 464 24.19 -16.05 -12.11
N LEU B 465 22.97 -15.92 -11.58
CA LEU B 465 22.79 -15.10 -10.40
C LEU B 465 22.61 -15.90 -9.11
N SER B 466 23.62 -15.86 -8.26
CA SER B 466 23.54 -16.57 -6.99
C SER B 466 22.75 -15.70 -6.03
N GLY B 467 21.55 -16.16 -5.69
CA GLY B 467 20.67 -15.43 -4.78
C GLY B 467 19.27 -15.99 -4.89
N ALA B 468 18.30 -15.31 -4.27
CA ALA B 468 16.90 -15.78 -4.33
C ALA B 468 15.95 -14.70 -4.84
N TYR B 469 15.20 -15.03 -5.88
CA TYR B 469 14.27 -14.06 -6.45
C TYR B 469 12.86 -14.60 -6.46
N PRO B 470 11.87 -13.68 -6.34
CA PRO B 470 10.44 -14.01 -6.33
C PRO B 470 9.97 -14.67 -7.63
N ALA B 471 10.86 -14.71 -8.62
CA ALA B 471 10.53 -15.32 -9.90
C ALA B 471 11.64 -16.28 -10.32
N GLU B 472 11.25 -17.53 -10.55
CA GLU B 472 12.18 -18.55 -10.97
C GLU B 472 12.31 -18.49 -12.49
N LEU B 473 11.24 -18.03 -13.13
CA LEU B 473 11.21 -17.93 -14.57
C LEU B 473 10.79 -16.52 -14.95
N ALA B 474 11.66 -15.82 -15.67
CA ALA B 474 11.38 -14.46 -16.11
C ALA B 474 11.47 -14.41 -17.63
N VAL B 475 10.35 -14.09 -18.27
CA VAL B 475 10.31 -14.02 -19.72
C VAL B 475 9.86 -12.67 -20.25
N GLY B 476 10.61 -12.17 -21.23
CA GLY B 476 10.31 -10.91 -21.85
C GLY B 476 9.78 -11.10 -23.26
N PHE B 477 8.87 -10.23 -23.67
CA PHE B 477 8.28 -10.33 -25.00
C PHE B 477 8.62 -9.12 -25.83
N ASP B 478 8.92 -9.35 -27.10
CA ASP B 478 9.25 -8.25 -28.01
C ASP B 478 8.51 -8.43 -29.32
N ALA B 479 7.83 -7.37 -29.75
CA ALA B 479 7.06 -7.38 -30.98
C ALA B 479 7.82 -6.65 -32.06
N GLY B 480 9.14 -6.76 -32.03
CA GLY B 480 9.97 -6.09 -33.02
C GLY B 480 9.73 -4.59 -33.06
N GLY B 481 9.20 -4.04 -31.98
CA GLY B 481 8.94 -2.62 -31.92
C GLY B 481 7.63 -2.26 -32.61
N ARG B 482 6.68 -3.17 -32.53
CA ARG B 482 5.38 -2.95 -33.14
C ARG B 482 4.36 -2.54 -32.10
N GLU B 483 3.16 -2.22 -32.55
CA GLU B 483 2.09 -1.79 -31.67
C GLU B 483 1.46 -2.97 -30.91
N SER B 484 1.55 -4.16 -31.50
CA SER B 484 0.99 -5.37 -30.88
C SER B 484 1.61 -6.63 -31.49
N PHE B 485 1.29 -7.79 -30.93
CA PHE B 485 1.84 -9.04 -31.44
C PHE B 485 1.01 -9.70 -32.55
N ARG B 486 0.03 -8.99 -33.08
CA ARG B 486 -0.81 -9.52 -34.15
C ARG B 486 -0.09 -9.55 -35.50
N PHE B 487 1.23 -9.70 -35.48
CA PHE B 487 2.02 -9.73 -36.71
C PHE B 487 3.26 -10.60 -36.48
N GLY B 488 3.38 -11.18 -35.29
CA GLY B 488 4.53 -12.01 -35.02
C GLY B 488 5.27 -11.62 -33.75
N GLY B 489 6.60 -11.76 -33.77
CA GLY B 489 7.39 -11.43 -32.59
C GLY B 489 7.88 -12.67 -31.88
N ALA B 490 8.77 -12.48 -30.90
CA ALA B 490 9.31 -13.61 -30.17
C ALA B 490 9.59 -13.27 -28.70
N ALA B 491 10.04 -14.26 -27.94
CA ALA B 491 10.33 -14.06 -26.52
C ALA B 491 11.60 -14.78 -26.04
N CYS B 492 12.12 -14.30 -24.91
CA CYS B 492 13.32 -14.89 -24.30
C CYS B 492 13.07 -14.96 -22.81
N ALA B 493 13.58 -15.99 -22.16
CA ALA B 493 13.38 -16.18 -20.74
C ALA B 493 14.63 -16.56 -19.98
N VAL B 494 14.68 -16.16 -18.70
CA VAL B 494 15.81 -16.47 -17.81
C VAL B 494 15.32 -17.23 -16.59
N GLY B 495 15.99 -18.32 -16.25
CA GLY B 495 15.61 -19.12 -15.10
C GLY B 495 16.24 -18.63 -13.80
N GLY B 498 19.48 -17.41 -12.80
CA GLY B 498 19.47 -18.55 -11.90
C GLY B 498 19.38 -19.90 -12.59
N GLY B 499 20.27 -20.17 -13.53
CA GLY B 499 20.23 -21.45 -14.20
C GLY B 499 20.41 -21.41 -15.71
N HIS B 500 19.31 -21.19 -16.43
CA HIS B 500 19.37 -21.18 -17.88
C HIS B 500 18.94 -19.89 -18.57
N LEU B 501 18.96 -19.95 -19.90
CA LEU B 501 18.58 -18.85 -20.77
C LEU B 501 17.92 -19.52 -21.98
N LEU B 502 16.70 -19.13 -22.31
CA LEU B 502 15.99 -19.74 -23.45
C LEU B 502 15.42 -18.71 -24.42
N TRP B 503 14.77 -19.20 -25.46
CA TRP B 503 14.13 -18.34 -26.44
C TRP B 503 13.14 -19.15 -27.22
N THR B 504 11.88 -18.75 -27.20
CA THR B 504 10.90 -19.46 -27.99
C THR B 504 10.55 -18.56 -29.16
N LEU B 505 9.98 -19.18 -30.17
CA LEU B 505 9.58 -18.49 -31.36
C LEU B 505 8.43 -19.36 -31.81
N PRO B 506 7.33 -18.74 -32.25
CA PRO B 506 6.20 -19.56 -32.68
C PRO B 506 6.06 -19.56 -34.21
N ARG B 513 -2.86 -14.19 -37.22
CA ARG B 513 -3.30 -14.85 -36.00
C ARG B 513 -3.72 -13.81 -34.97
N ILE B 514 -4.73 -14.14 -34.19
CA ILE B 514 -5.21 -13.23 -33.17
C ILE B 514 -4.09 -12.95 -32.16
N PRO B 515 -3.88 -11.66 -31.81
CA PRO B 515 -2.85 -11.21 -30.86
C PRO B 515 -2.85 -11.87 -29.49
N GLN B 516 -4.02 -12.03 -28.90
CA GLN B 516 -4.09 -12.64 -27.59
C GLN B 516 -3.56 -14.06 -27.62
N GLU B 517 -3.58 -14.66 -28.81
CA GLU B 517 -3.10 -16.03 -28.97
C GLU B 517 -1.58 -16.08 -29.16
N VAL B 518 -1.03 -15.09 -29.86
CA VAL B 518 0.40 -15.04 -30.13
C VAL B 518 1.20 -14.96 -28.83
N VAL B 519 0.74 -14.13 -27.91
CA VAL B 519 1.41 -13.95 -26.64
C VAL B 519 1.46 -15.26 -25.86
N TRP B 520 0.28 -15.88 -25.72
CA TRP B 520 0.16 -17.15 -25.01
C TRP B 520 0.93 -18.27 -25.71
N ASP B 521 1.01 -18.25 -27.03
CA ASP B 521 1.76 -19.28 -27.76
C ASP B 521 3.19 -19.21 -27.27
N LEU B 522 3.71 -17.99 -27.28
CA LEU B 522 5.06 -17.70 -26.84
C LEU B 522 5.22 -18.12 -25.38
N LEU B 523 4.27 -17.74 -24.53
CA LEU B 523 4.39 -18.08 -23.13
C LEU B 523 4.36 -19.58 -22.86
N GLU B 524 3.58 -20.33 -23.63
CA GLU B 524 3.53 -21.77 -23.38
C GLU B 524 4.81 -22.47 -23.80
N GLU B 525 5.16 -22.36 -25.07
CA GLU B 525 6.38 -23.01 -25.56
C GLU B 525 7.57 -22.68 -24.66
N THR B 526 7.44 -21.60 -23.91
CA THR B 526 8.45 -21.13 -22.96
C THR B 526 8.28 -21.97 -21.71
N LEU B 527 7.03 -22.13 -21.29
CA LEU B 527 6.68 -22.91 -20.13
C LEU B 527 6.92 -24.39 -20.37
N TRP B 528 6.76 -24.84 -21.61
CA TRP B 528 6.99 -26.25 -21.93
C TRP B 528 8.47 -26.54 -21.90
N ALA B 529 9.23 -25.73 -22.63
CA ALA B 529 10.67 -25.89 -22.70
C ALA B 529 11.26 -25.88 -21.28
N PHE B 530 10.62 -25.14 -20.41
CA PHE B 530 11.04 -25.00 -19.04
C PHE B 530 10.75 -26.27 -18.22
N ARG B 531 9.52 -26.78 -18.29
CA ARG B 531 9.16 -27.97 -17.53
C ARG B 531 9.94 -29.22 -17.93
N ARG B 532 10.47 -29.22 -19.16
CA ARG B 532 11.25 -30.36 -19.62
C ARG B 532 12.64 -30.28 -19.02
N LYS B 533 13.34 -29.20 -19.35
CA LYS B 533 14.71 -28.98 -18.88
C LYS B 533 14.83 -28.53 -17.43
N ALA B 534 13.80 -28.79 -16.63
CA ALA B 534 13.81 -28.40 -15.23
C ALA B 534 13.16 -29.46 -14.35
N GLY B 535 12.14 -30.13 -14.90
CA GLY B 535 11.45 -31.17 -14.17
C GLY B 535 10.24 -30.63 -13.45
N ARG B 536 10.27 -29.34 -13.16
CA ARG B 536 9.17 -28.68 -12.48
C ARG B 536 8.40 -27.86 -13.46
N LEU B 537 7.71 -26.91 -12.86
CA LEU B 537 6.95 -25.92 -13.53
C LEU B 537 7.22 -24.82 -12.52
N PRO B 538 7.44 -23.59 -12.98
CA PRO B 538 7.72 -22.50 -12.06
C PRO B 538 6.66 -22.14 -11.03
N SER B 539 7.11 -21.67 -9.88
CA SER B 539 6.18 -21.27 -8.83
C SER B 539 5.64 -19.91 -9.21
N ARG B 540 6.51 -19.01 -9.67
CA ARG B 540 6.10 -17.66 -10.04
C ARG B 540 6.85 -17.16 -11.26
N VAL B 541 6.12 -16.57 -12.22
CA VAL B 541 6.77 -16.04 -13.42
C VAL B 541 6.73 -14.54 -13.49
N LEU B 542 7.76 -13.99 -14.11
CA LEU B 542 7.89 -12.57 -14.27
C LEU B 542 7.72 -12.23 -15.74
N LEU B 543 6.60 -11.60 -16.06
CA LEU B 543 6.30 -11.20 -17.42
C LEU B 543 6.73 -9.75 -17.71
N LEU B 544 7.69 -9.62 -18.62
CA LEU B 544 8.23 -8.32 -19.03
C LEU B 544 7.88 -8.03 -20.48
N ARG B 545 7.19 -6.92 -20.72
CA ARG B 545 6.79 -6.56 -22.09
C ARG B 545 7.05 -5.09 -22.36
N ASP B 546 7.07 -4.69 -23.62
CA ASP B 546 7.27 -3.27 -23.94
C ASP B 546 5.95 -2.58 -23.64
N GLY B 547 6.02 -1.47 -22.91
CA GLY B 547 4.82 -0.75 -22.52
C GLY B 547 3.80 -0.34 -23.55
N ARG B 548 4.20 -0.32 -24.83
CA ARG B 548 3.31 0.10 -25.92
C ARG B 548 2.25 -0.90 -26.36
N VAL B 549 2.58 -2.18 -26.30
CA VAL B 549 1.62 -3.19 -26.66
C VAL B 549 0.57 -3.14 -25.55
N PRO B 550 -0.69 -2.79 -25.90
CA PRO B 550 -1.76 -2.73 -24.90
C PRO B 550 -1.82 -4.04 -24.14
N GLN B 551 -1.96 -3.96 -22.83
CA GLN B 551 -1.97 -5.18 -22.02
C GLN B 551 -3.08 -6.19 -22.27
N ASP B 552 -3.94 -5.94 -23.24
CA ASP B 552 -5.02 -6.89 -23.54
C ASP B 552 -4.49 -8.09 -24.28
N GLU B 553 -3.25 -8.00 -24.73
CA GLU B 553 -2.64 -9.10 -25.45
C GLU B 553 -2.16 -10.15 -24.47
N PHE B 554 -2.40 -9.93 -23.17
CA PHE B 554 -1.96 -10.88 -22.16
C PHE B 554 -3.07 -11.48 -21.31
N ALA B 555 -4.30 -11.02 -21.54
CA ALA B 555 -5.45 -11.50 -20.78
C ALA B 555 -5.54 -13.04 -20.74
N LEU B 556 -5.51 -13.66 -21.92
CA LEU B 556 -5.60 -15.11 -22.05
C LEU B 556 -4.42 -15.86 -21.45
N ALA B 557 -3.23 -15.28 -21.55
CA ALA B 557 -2.03 -15.89 -21.00
C ALA B 557 -2.08 -15.78 -19.46
N LEU B 558 -2.74 -14.74 -18.96
CA LEU B 558 -2.86 -14.56 -17.51
C LEU B 558 -3.89 -15.54 -16.97
N GLU B 559 -4.84 -15.92 -17.84
CA GLU B 559 -5.90 -16.85 -17.49
C GLU B 559 -5.37 -18.28 -17.43
N ALA B 560 -4.56 -18.64 -18.41
CA ALA B 560 -3.96 -19.96 -18.50
C ALA B 560 -2.97 -20.18 -17.35
N LEU B 561 -2.21 -19.13 -17.02
CA LEU B 561 -1.23 -19.19 -15.95
C LEU B 561 -1.91 -19.47 -14.62
N ALA B 562 -3.02 -18.79 -14.40
CA ALA B 562 -3.79 -18.94 -13.18
C ALA B 562 -4.44 -20.31 -13.13
N ARG B 563 -4.87 -20.77 -14.29
CA ARG B 563 -5.54 -22.06 -14.46
C ARG B 563 -4.56 -23.19 -14.15
N GLU B 564 -3.34 -23.04 -14.64
CA GLU B 564 -2.30 -24.01 -14.47
C GLU B 564 -1.60 -23.85 -13.10
N GLY B 565 -2.25 -23.10 -12.21
CA GLY B 565 -1.68 -22.89 -10.88
C GLY B 565 -0.31 -22.24 -10.86
N ILE B 566 -0.07 -21.34 -11.81
CA ILE B 566 1.20 -20.64 -11.92
C ILE B 566 1.03 -19.17 -11.56
N ALA B 567 1.84 -18.70 -10.61
CA ALA B 567 1.79 -17.30 -10.17
C ALA B 567 2.64 -16.45 -11.10
N TYR B 568 2.25 -15.19 -11.25
CA TYR B 568 2.92 -14.31 -12.17
C TYR B 568 2.90 -12.87 -11.73
N ASP B 569 3.53 -12.04 -12.56
CA ASP B 569 3.60 -10.58 -12.39
C ASP B 569 3.81 -9.98 -13.77
N LEU B 570 2.90 -9.08 -14.17
CA LEU B 570 3.03 -8.43 -15.47
C LEU B 570 3.54 -7.02 -15.23
N VAL B 571 4.69 -6.73 -15.81
CA VAL B 571 5.34 -5.43 -15.70
C VAL B 571 5.70 -4.86 -17.05
N SER B 572 5.25 -3.64 -17.33
CA SER B 572 5.53 -2.98 -18.60
C SER B 572 6.71 -2.03 -18.45
N VAL B 573 7.62 -2.09 -19.41
CA VAL B 573 8.83 -1.26 -19.39
C VAL B 573 8.80 -0.18 -20.45
N ARG B 574 9.09 1.06 -20.06
CA ARG B 574 9.11 2.15 -21.04
C ARG B 574 10.54 2.59 -21.31
N LYS B 575 11.09 2.08 -22.41
CA LYS B 575 12.47 2.37 -22.81
C LYS B 575 12.79 3.85 -22.91
N SER B 576 11.96 4.63 -23.60
CA SER B 576 12.26 6.06 -23.72
C SER B 576 11.16 6.94 -23.20
N GLY B 577 11.56 8.09 -22.66
CA GLY B 577 10.60 9.07 -22.14
C GLY B 577 10.03 8.85 -20.75
N GLY B 578 10.69 8.01 -19.96
CA GLY B 578 10.20 7.74 -18.61
C GLY B 578 10.45 8.91 -17.69
N GLY B 579 11.40 9.75 -18.08
CA GLY B 579 11.76 10.90 -17.29
C GLY B 579 13.23 10.83 -16.93
N ARG B 580 13.77 11.91 -16.38
CA ARG B 580 15.17 11.89 -15.99
C ARG B 580 15.28 12.00 -14.48
N VAL B 581 16.48 11.74 -13.98
CA VAL B 581 16.76 11.78 -12.55
C VAL B 581 18.11 12.47 -12.35
N TYR B 582 18.14 13.43 -11.43
CA TYR B 582 19.35 14.18 -11.16
C TYR B 582 19.67 14.10 -9.67
N PRO B 583 20.96 13.94 -9.32
CA PRO B 583 21.33 13.84 -7.91
C PRO B 583 21.12 15.16 -7.19
N VAL B 584 20.83 15.07 -5.89
CA VAL B 584 20.62 16.27 -5.11
C VAL B 584 21.96 16.80 -4.65
N GLN B 585 22.83 15.88 -4.28
CA GLN B 585 24.16 16.23 -3.84
C GLN B 585 24.96 14.95 -3.89
N GLY B 586 25.75 14.80 -4.95
CA GLY B 586 26.55 13.60 -5.06
C GLY B 586 26.65 12.98 -6.43
N ARG B 587 26.58 11.67 -6.44
CA ARG B 587 26.71 10.93 -7.67
C ARG B 587 25.57 9.96 -7.88
N LEU B 588 25.15 9.78 -9.11
CA LEU B 588 24.09 8.83 -9.40
C LEU B 588 24.71 7.44 -9.31
N ALA B 589 23.95 6.49 -8.78
CA ALA B 589 24.44 5.11 -8.64
C ALA B 589 23.58 4.15 -9.47
N ASP B 590 24.14 2.99 -9.81
CA ASP B 590 23.38 2.01 -10.57
C ASP B 590 22.29 1.44 -9.66
N GLY B 591 21.28 0.85 -10.26
CA GLY B 591 20.22 0.27 -9.46
C GLY B 591 19.56 1.24 -8.52
N LEU B 592 19.40 2.48 -8.97
CA LEU B 592 18.73 3.47 -8.16
C LEU B 592 17.25 3.25 -8.46
N TYR B 593 16.51 2.88 -7.43
CA TYR B 593 15.09 2.57 -7.53
C TYR B 593 14.24 3.74 -7.04
N VAL B 594 13.45 4.33 -7.92
CA VAL B 594 12.65 5.47 -7.49
C VAL B 594 11.16 5.25 -7.53
N PRO B 595 10.57 4.84 -6.40
CA PRO B 595 9.12 4.61 -6.38
C PRO B 595 8.46 5.83 -6.99
N LEU B 596 7.41 5.66 -7.75
CA LEU B 596 6.79 6.82 -8.35
C LEU B 596 5.36 6.91 -7.90
N GLU B 597 4.44 7.22 -8.79
CA GLU B 597 3.05 7.35 -8.36
C GLU B 597 2.61 6.11 -7.63
N ASP B 598 2.00 5.20 -8.37
CA ASP B 598 1.50 4.01 -7.74
C ASP B 598 1.40 2.92 -8.77
N LYS B 599 2.19 1.88 -8.52
CA LYS B 599 2.29 0.73 -9.38
C LYS B 599 3.35 0.97 -10.45
N THR B 600 3.78 2.22 -10.59
CA THR B 600 4.83 2.56 -11.56
C THR B 600 6.03 3.07 -10.78
N PHE B 601 7.22 2.81 -11.31
CA PHE B 601 8.44 3.29 -10.70
C PHE B 601 9.51 3.50 -11.77
N LEU B 602 10.60 4.16 -11.37
CA LEU B 602 11.73 4.43 -12.27
C LEU B 602 12.91 3.59 -11.80
N LEU B 603 13.65 3.05 -12.76
CA LEU B 603 14.83 2.24 -12.44
C LEU B 603 16.01 2.73 -13.26
N LEU B 604 17.11 3.01 -12.58
CA LEU B 604 18.29 3.49 -13.27
C LEU B 604 19.30 2.37 -13.25
N THR B 605 19.28 1.55 -14.30
CA THR B 605 20.15 0.39 -14.40
C THR B 605 21.58 0.62 -14.86
N VAL B 606 21.82 1.65 -15.65
CA VAL B 606 23.17 1.86 -16.12
C VAL B 606 23.54 3.33 -16.12
N HIS B 607 24.62 3.68 -15.41
CA HIS B 607 25.07 5.07 -15.32
C HIS B 607 26.44 5.24 -16.00
N GLY B 612 26.53 12.45 -22.33
CA GLY B 612 25.21 11.85 -22.32
C GLY B 612 24.61 11.68 -20.93
N THR B 613 23.32 12.01 -20.79
CA THR B 613 22.64 11.88 -19.50
C THR B 613 21.81 10.59 -19.43
N PRO B 614 22.04 9.77 -18.39
CA PRO B 614 21.27 8.52 -18.28
C PRO B 614 19.77 8.65 -18.50
N ARG B 615 19.16 7.60 -19.07
CA ARG B 615 17.73 7.56 -19.35
C ARG B 615 17.14 6.42 -18.55
N PRO B 616 16.72 6.66 -17.28
CA PRO B 616 16.16 5.56 -16.49
C PRO B 616 14.97 4.88 -17.15
N LEU B 617 14.68 3.65 -16.73
CA LEU B 617 13.53 2.92 -17.26
C LEU B 617 12.32 3.31 -16.42
N LYS B 618 11.12 3.23 -17.00
CA LYS B 618 9.89 3.55 -16.27
C LYS B 618 9.02 2.31 -16.27
N LEU B 619 9.02 1.57 -15.17
CA LEU B 619 8.25 0.34 -15.15
C LEU B 619 6.90 0.49 -14.48
N VAL B 620 5.94 -0.29 -14.97
CA VAL B 620 4.59 -0.28 -14.45
C VAL B 620 4.08 -1.68 -14.15
N HIS B 621 3.90 -1.96 -12.85
CA HIS B 621 3.40 -3.24 -12.33
C HIS B 621 1.91 -3.24 -12.61
N GLU B 622 1.50 -4.01 -13.62
CA GLU B 622 0.10 -4.03 -14.02
C GLU B 622 -0.70 -5.22 -13.53
N ALA B 623 -0.03 -6.29 -13.15
CA ALA B 623 -0.70 -7.47 -12.67
C ALA B 623 0.23 -8.23 -11.76
N GLY B 624 -0.32 -8.85 -10.72
CA GLY B 624 0.50 -9.59 -9.78
C GLY B 624 0.51 -8.87 -8.45
N ASP B 625 0.92 -9.53 -7.38
CA ASP B 625 0.94 -8.88 -6.07
C ASP B 625 2.26 -9.09 -5.34
N THR B 626 3.34 -8.59 -5.93
CA THR B 626 4.68 -8.68 -5.38
C THR B 626 5.18 -7.27 -5.11
N PRO B 627 5.67 -7.01 -3.90
CA PRO B 627 6.15 -5.65 -3.65
C PRO B 627 7.06 -5.10 -4.77
N LEU B 628 6.90 -3.82 -5.07
CA LEU B 628 7.70 -3.14 -6.09
C LEU B 628 9.19 -3.28 -5.82
N GLU B 629 9.64 -2.82 -4.65
CA GLU B 629 11.06 -2.91 -4.35
C GLU B 629 11.57 -4.32 -4.71
N ALA B 630 10.72 -5.33 -4.59
CA ALA B 630 11.12 -6.70 -4.92
C ALA B 630 11.34 -6.83 -6.41
N LEU B 631 10.35 -6.39 -7.18
CA LEU B 631 10.38 -6.43 -8.63
C LEU B 631 11.58 -5.66 -9.17
N ALA B 632 11.77 -4.45 -8.66
CA ALA B 632 12.87 -3.60 -9.09
C ALA B 632 14.17 -4.38 -8.91
N HIS B 633 14.32 -5.00 -7.74
CA HIS B 633 15.50 -5.76 -7.38
C HIS B 633 15.82 -6.83 -8.40
N GLN B 634 14.82 -7.62 -8.77
CA GLN B 634 15.05 -8.66 -9.75
C GLN B 634 15.29 -8.05 -11.14
N ILE B 635 14.36 -7.22 -11.59
CA ILE B 635 14.48 -6.55 -12.89
C ILE B 635 15.87 -5.96 -13.08
N PHE B 636 16.37 -5.27 -12.05
CA PHE B 636 17.69 -4.67 -12.09
C PHE B 636 18.81 -5.70 -12.21
N HIS B 637 18.67 -6.80 -11.49
CA HIS B 637 19.67 -7.84 -11.52
C HIS B 637 19.74 -8.55 -12.86
N LEU B 638 18.57 -8.81 -13.45
CA LEU B 638 18.49 -9.48 -14.75
C LEU B 638 19.24 -8.69 -15.79
N THR B 639 19.61 -7.47 -15.46
CA THR B 639 20.34 -6.66 -16.39
C THR B 639 21.75 -7.20 -16.61
N ARG B 640 22.33 -7.73 -15.53
CA ARG B 640 23.68 -8.26 -15.57
C ARG B 640 23.75 -9.70 -16.05
N LEU B 641 22.62 -10.25 -16.44
CA LEU B 641 22.59 -11.63 -16.91
C LEU B 641 22.74 -11.76 -18.42
N TYR B 642 23.39 -10.79 -19.07
CA TYR B 642 23.56 -10.85 -20.53
C TYR B 642 24.92 -11.40 -20.89
N PRO B 643 24.96 -12.60 -21.47
CA PRO B 643 26.15 -13.33 -21.90
C PRO B 643 27.16 -12.67 -22.85
N ALA B 644 26.67 -12.01 -23.88
CA ALA B 644 27.55 -11.42 -24.87
C ALA B 644 28.16 -10.04 -24.67
N SER B 645 28.51 -9.64 -23.46
CA SER B 645 29.11 -8.32 -23.35
C SER B 645 30.04 -8.02 -22.19
N GLY B 646 30.49 -9.05 -21.49
CA GLY B 646 31.40 -8.91 -20.36
C GLY B 646 32.23 -7.64 -20.12
N PHE B 647 31.81 -6.51 -20.67
CA PHE B 647 32.48 -5.24 -20.50
C PHE B 647 31.45 -4.16 -20.27
N ALA B 648 30.21 -4.43 -20.69
CA ALA B 648 29.13 -3.46 -20.52
C ALA B 648 27.77 -4.15 -20.47
N PHE B 649 27.02 -3.92 -19.39
CA PHE B 649 25.70 -4.51 -19.26
C PHE B 649 24.68 -3.70 -20.06
N PRO B 650 23.59 -4.35 -20.49
CA PRO B 650 22.52 -3.70 -21.25
C PRO B 650 21.64 -2.92 -20.29
N ARG B 651 20.96 -1.91 -20.79
CA ARG B 651 20.08 -1.11 -19.94
C ARG B 651 18.84 -1.90 -19.54
N LEU B 652 18.43 -2.83 -20.40
CA LEU B 652 17.26 -3.65 -20.13
C LEU B 652 17.56 -5.01 -19.57
N PRO B 653 16.53 -5.67 -19.01
CA PRO B 653 16.68 -7.00 -18.44
C PRO B 653 16.98 -8.00 -19.55
N ALA B 654 17.99 -8.84 -19.33
CA ALA B 654 18.38 -9.87 -20.31
C ALA B 654 17.17 -10.42 -21.07
N PRO B 655 16.11 -10.85 -20.35
CA PRO B 655 14.92 -11.38 -21.03
C PRO B 655 14.42 -10.48 -22.18
N LEU B 656 14.42 -9.16 -21.95
CA LEU B 656 13.96 -8.21 -22.93
C LEU B 656 15.06 -7.87 -23.92
N HIS B 657 16.27 -7.73 -23.41
CA HIS B 657 17.36 -7.39 -24.30
C HIS B 657 17.64 -8.50 -25.31
N LEU B 658 17.33 -9.73 -24.93
CA LEU B 658 17.53 -10.91 -25.75
C LEU B 658 16.42 -11.08 -26.78
N ALA B 659 15.20 -10.82 -26.36
CA ALA B 659 14.06 -10.93 -27.24
C ALA B 659 14.24 -9.91 -28.37
N ASP B 660 14.73 -8.74 -28.00
CA ASP B 660 14.97 -7.69 -28.99
C ASP B 660 15.91 -8.21 -30.09
N ARG B 661 16.93 -8.98 -29.71
CA ARG B 661 17.86 -9.52 -30.69
C ARG B 661 17.19 -10.69 -31.41
N LEU B 662 16.52 -11.54 -30.65
CA LEU B 662 15.86 -12.68 -31.28
C LEU B 662 15.01 -12.21 -32.47
N VAL B 663 14.37 -11.06 -32.32
CA VAL B 663 13.52 -10.51 -33.36
C VAL B 663 14.37 -9.87 -34.46
N LYS B 664 15.27 -8.99 -34.06
CA LYS B 664 16.12 -8.30 -35.01
C LYS B 664 16.95 -9.26 -35.88
N GLU B 665 17.85 -10.03 -35.27
CA GLU B 665 18.69 -10.92 -36.06
C GLU B 665 17.91 -12.02 -36.77
N VAL B 666 16.63 -12.17 -36.46
CA VAL B 666 15.80 -13.19 -37.12
C VAL B 666 15.27 -12.58 -38.41
N GLY B 667 14.63 -11.43 -38.30
CA GLY B 667 14.12 -10.77 -39.47
C GLY B 667 15.26 -10.48 -40.43
N ARG B 668 16.50 -10.43 -39.92
CA ARG B 668 17.66 -10.17 -40.77
C ARG B 668 17.97 -11.41 -41.61
N LEU B 669 17.92 -12.57 -40.97
CA LEU B 669 18.20 -13.83 -41.66
C LEU B 669 17.06 -14.25 -42.58
N GLY B 670 15.90 -13.60 -42.45
CA GLY B 670 14.78 -13.97 -43.29
C GLY B 670 14.13 -15.25 -42.79
N ILE B 671 14.86 -15.96 -41.93
CA ILE B 671 14.35 -17.19 -41.34
C ILE B 671 13.31 -16.78 -40.32
N ARG B 672 12.13 -17.36 -40.37
CA ARG B 672 11.10 -16.99 -39.42
C ARG B 672 10.48 -18.25 -38.88
N HIS B 673 10.39 -19.27 -39.75
CA HIS B 673 9.77 -20.52 -39.38
C HIS B 673 10.70 -21.71 -39.11
N LEU B 674 12.01 -21.48 -39.04
CA LEU B 674 12.96 -22.59 -38.79
C LEU B 674 13.52 -22.63 -37.37
N LYS B 675 13.51 -23.82 -36.76
CA LYS B 675 14.00 -23.95 -35.40
C LYS B 675 14.40 -25.36 -34.99
N GLU B 676 15.18 -26.01 -35.84
CA GLU B 676 15.68 -27.36 -35.55
C GLU B 676 16.89 -27.20 -34.61
N VAL B 677 17.21 -25.94 -34.32
CA VAL B 677 18.32 -25.55 -33.45
C VAL B 677 17.89 -25.56 -31.96
N ASP B 678 18.80 -26.01 -31.10
CA ASP B 678 18.55 -26.11 -29.66
C ASP B 678 18.21 -24.74 -29.05
N ARG B 679 17.32 -24.73 -28.07
CA ARG B 679 16.90 -23.50 -27.43
C ARG B 679 17.84 -22.86 -26.42
N GLU B 680 18.89 -23.56 -26.02
CA GLU B 680 19.85 -23.02 -25.06
C GLU B 680 20.98 -22.39 -25.85
N LYS B 681 20.91 -22.56 -27.15
CA LYS B 681 21.90 -22.02 -28.06
C LYS B 681 21.38 -20.66 -28.51
N LEU B 682 22.06 -19.60 -28.07
CA LEU B 682 21.64 -18.25 -28.40
C LEU B 682 22.32 -17.78 -29.68
N PHE B 683 21.90 -18.35 -30.79
CA PHE B 683 22.48 -17.99 -32.07
C PHE B 683 22.40 -16.51 -32.33
N PHE B 684 21.28 -15.90 -31.92
CA PHE B 684 21.04 -14.49 -32.18
C PHE B 684 21.86 -13.42 -31.46
N VAL B 685 22.71 -13.78 -30.51
CA VAL B 685 23.51 -12.77 -29.82
C VAL B 685 24.71 -12.30 -30.65
MG MG E . -21.78 -9.57 11.89
MG MG F . -10.10 -9.39 -1.34
C1 PGE G . 13.55 -10.69 10.34
O1 PGE G . 12.32 -9.99 10.11
C2 PGE G . 14.46 -10.55 9.13
O2 PGE G . 14.00 -11.38 8.06
C3 PGE G . 14.90 -11.18 6.97
C4 PGE G . 14.46 -12.04 5.78
O4 PGE G . 14.04 -11.91 1.17
C6 PGE G . 15.06 -11.79 2.17
C5 PGE G . 14.55 -12.33 3.50
O3 PGE G . 14.98 -11.47 4.57
P PO4 H . 12.00 1.04 38.07
O1 PO4 H . 12.09 0.62 39.49
O2 PO4 H . 11.59 -0.12 37.24
O3 PO4 H . 11.00 2.13 37.94
O4 PO4 H . 13.32 1.53 37.63
C ACY I . -0.09 11.73 -14.60
O ACY I . 0.22 12.65 -15.62
OXT ACY I . 0.78 10.76 -14.29
CH3 ACY I . -1.40 11.82 -13.86
C ACY J . 3.95 9.38 -12.29
O ACY J . 4.71 9.57 -11.10
OXT ACY J . 4.19 10.11 -13.38
CH3 ACY J . 2.86 8.35 -12.32
P PO4 K . 10.46 -5.42 38.07
O1 PO4 K . 10.60 -4.87 39.43
O2 PO4 K . 11.01 -6.80 38.05
O3 PO4 K . 9.02 -5.47 37.71
O4 PO4 K . 11.19 -4.58 37.09
MG MG L . 26.61 -10.77 -31.99
#